data_2AKF
# 
_entry.id   2AKF 
# 
_audit_conform.dict_name       mmcif_pdbx.dic 
_audit_conform.dict_version    5.388 
_audit_conform.dict_location   http://mmcif.pdb.org/dictionaries/ascii/mmcif_pdbx.dic 
# 
loop_
_database_2.database_id 
_database_2.database_code 
_database_2.pdbx_database_accession 
_database_2.pdbx_DOI 
PDB   2AKF         pdb_00002akf 10.2210/pdb2akf/pdb 
RCSB  RCSB033998   ?            ?                   
WWPDB D_1000033998 ?            ?                   
# 
loop_
_pdbx_audit_revision_history.ordinal 
_pdbx_audit_revision_history.data_content_type 
_pdbx_audit_revision_history.major_revision 
_pdbx_audit_revision_history.minor_revision 
_pdbx_audit_revision_history.revision_date 
1 'Structure model' 1 0 2005-09-27 
2 'Structure model' 1 1 2008-04-30 
3 'Structure model' 1 2 2011-07-13 
4 'Structure model' 1 3 2024-03-13 
# 
_pdbx_audit_revision_details.ordinal             1 
_pdbx_audit_revision_details.revision_ordinal    1 
_pdbx_audit_revision_details.data_content_type   'Structure model' 
_pdbx_audit_revision_details.provider            repository 
_pdbx_audit_revision_details.type                'Initial release' 
_pdbx_audit_revision_details.description         ? 
_pdbx_audit_revision_details.details             ? 
# 
loop_
_pdbx_audit_revision_group.ordinal 
_pdbx_audit_revision_group.revision_ordinal 
_pdbx_audit_revision_group.data_content_type 
_pdbx_audit_revision_group.group 
1 2 'Structure model' 'Version format compliance' 
2 3 'Structure model' 'Version format compliance' 
3 4 'Structure model' 'Data collection'           
4 4 'Structure model' 'Database references'       
5 4 'Structure model' 'Derived calculations'      
# 
loop_
_pdbx_audit_revision_category.ordinal 
_pdbx_audit_revision_category.revision_ordinal 
_pdbx_audit_revision_category.data_content_type 
_pdbx_audit_revision_category.category 
1 4 'Structure model' chem_comp_atom         
2 4 'Structure model' chem_comp_bond         
3 4 'Structure model' database_2             
4 4 'Structure model' pdbx_struct_conn_angle 
5 4 'Structure model' struct_conn            
6 4 'Structure model' struct_site            
# 
loop_
_pdbx_audit_revision_item.ordinal 
_pdbx_audit_revision_item.revision_ordinal 
_pdbx_audit_revision_item.data_content_type 
_pdbx_audit_revision_item.item 
1  4 'Structure model' '_database_2.pdbx_DOI'                        
2  4 'Structure model' '_database_2.pdbx_database_accession'         
3  4 'Structure model' '_pdbx_struct_conn_angle.ptnr1_auth_asym_id'  
4  4 'Structure model' '_pdbx_struct_conn_angle.ptnr1_auth_comp_id'  
5  4 'Structure model' '_pdbx_struct_conn_angle.ptnr1_auth_seq_id'   
6  4 'Structure model' '_pdbx_struct_conn_angle.ptnr1_label_asym_id' 
7  4 'Structure model' '_pdbx_struct_conn_angle.ptnr1_label_atom_id' 
8  4 'Structure model' '_pdbx_struct_conn_angle.ptnr1_label_comp_id' 
9  4 'Structure model' '_pdbx_struct_conn_angle.ptnr1_label_seq_id'  
10 4 'Structure model' '_pdbx_struct_conn_angle.ptnr1_symmetry'      
11 4 'Structure model' '_pdbx_struct_conn_angle.ptnr3_auth_asym_id'  
12 4 'Structure model' '_pdbx_struct_conn_angle.ptnr3_auth_comp_id'  
13 4 'Structure model' '_pdbx_struct_conn_angle.ptnr3_auth_seq_id'   
14 4 'Structure model' '_pdbx_struct_conn_angle.ptnr3_label_asym_id' 
15 4 'Structure model' '_pdbx_struct_conn_angle.ptnr3_label_atom_id' 
16 4 'Structure model' '_pdbx_struct_conn_angle.ptnr3_label_comp_id' 
17 4 'Structure model' '_pdbx_struct_conn_angle.ptnr3_label_seq_id'  
18 4 'Structure model' '_pdbx_struct_conn_angle.ptnr3_symmetry'      
19 4 'Structure model' '_pdbx_struct_conn_angle.value'               
20 4 'Structure model' '_struct_conn.pdbx_dist_value'                
21 4 'Structure model' '_struct_conn.pdbx_ptnr1_label_alt_id'        
22 4 'Structure model' '_struct_conn.ptnr1_auth_asym_id'             
23 4 'Structure model' '_struct_conn.ptnr1_auth_comp_id'             
24 4 'Structure model' '_struct_conn.ptnr1_auth_seq_id'              
25 4 'Structure model' '_struct_conn.ptnr1_label_asym_id'            
26 4 'Structure model' '_struct_conn.ptnr1_label_atom_id'            
27 4 'Structure model' '_struct_conn.ptnr1_label_comp_id'            
28 4 'Structure model' '_struct_conn.ptnr1_label_seq_id'             
29 4 'Structure model' '_struct_conn.ptnr1_symmetry'                 
30 4 'Structure model' '_struct_conn.ptnr2_auth_asym_id'             
31 4 'Structure model' '_struct_conn.ptnr2_auth_comp_id'             
32 4 'Structure model' '_struct_conn.ptnr2_auth_seq_id'              
33 4 'Structure model' '_struct_conn.ptnr2_label_asym_id'            
34 4 'Structure model' '_struct_conn.ptnr2_label_atom_id'            
35 4 'Structure model' '_struct_conn.ptnr2_label_comp_id'            
36 4 'Structure model' '_struct_conn.ptnr2_label_seq_id'             
37 4 'Structure model' '_struct_conn.ptnr2_symmetry'                 
38 4 'Structure model' '_struct_site.pdbx_auth_asym_id'              
39 4 'Structure model' '_struct_site.pdbx_auth_comp_id'              
40 4 'Structure model' '_struct_site.pdbx_auth_seq_id'               
# 
_pdbx_database_status.status_code                     REL 
_pdbx_database_status.entry_id                        2AKF 
_pdbx_database_status.recvd_initial_deposition_date   2005-08-03 
_pdbx_database_status.deposit_site                    RCSB 
_pdbx_database_status.process_site                    PDBJ 
_pdbx_database_status.status_code_sf                  REL 
_pdbx_database_status.status_code_mr                  ? 
_pdbx_database_status.SG_entry                        ? 
_pdbx_database_status.pdb_format_compatible           Y 
_pdbx_database_status.status_code_cs                  ? 
_pdbx_database_status.status_code_nmr_data            ? 
_pdbx_database_status.methods_development_category    ? 
# 
loop_
_audit_author.name 
_audit_author.pdbx_ordinal 
'Kammerer, R.A.'  1 
'Kostrewa, D.'    2 
'Progias, P.'     3 
'Honnappa, S.'    4 
'Avila, D.'       5 
'Lustig, A.'      6 
'Winkler, F.K.'   7 
'Pieters, J.'     8 
'Steinmetz, M.O.' 9 
# 
_citation.id                        primary 
_citation.title                     'A conserved trimerization motif controls the topology of short coiled coils' 
_citation.journal_abbrev            Proc.Natl.Acad.Sci.Usa 
_citation.journal_volume            102 
_citation.page_first                13891 
_citation.page_last                 13896 
_citation.year                      2005 
_citation.journal_id_ASTM           PNASA6 
_citation.country                   US 
_citation.journal_id_ISSN           0027-8424 
_citation.journal_id_CSD            0040 
_citation.book_publisher            ? 
_citation.pdbx_database_id_PubMed   16172398 
_citation.pdbx_database_id_DOI      10.1073/pnas.0502390102 
# 
loop_
_citation_author.citation_id 
_citation_author.name 
_citation_author.ordinal 
_citation_author.identifier_ORCID 
primary 'Kammerer, R.A.'  1 ? 
primary 'Kostrewa, D.'    2 ? 
primary 'Progias, P.'     3 ? 
primary 'Honnappa, S.'    4 ? 
primary 'Avila, D.'       5 ? 
primary 'Lustig, A.'      6 ? 
primary 'Winkler, F.K.'   7 ? 
primary 'Pieters, J.'     8 ? 
primary 'Steinmetz, M.O.' 9 ? 
# 
loop_
_entity.id 
_entity.type 
_entity.src_method 
_entity.pdbx_description 
_entity.formula_weight 
_entity.pdbx_number_of_molecules 
_entity.pdbx_ec 
_entity.pdbx_mutation 
_entity.pdbx_fragment 
_entity.details 
1 polymer     syn Coronin-1A 3799.293 3  ? ? 'Coiled-coil domain' ? 
2 non-polymer syn 'ZINC ION' 65.409   4  ? ? ?                    ? 
3 water       nat water      18.015   98 ? ? ?                    ? 
# 
_entity_name_com.entity_id   1 
_entity_name_com.name        
'Coronin-like protein p57, Coronin-like protein A, CLIPINA, Tryptophan aspartate-containing coat protein, TACO' 
# 
_entity_poly.entity_id                      1 
_entity_poly.type                           'polypeptide(L)' 
_entity_poly.nstd_linkage                   no 
_entity_poly.nstd_monomer                   no 
_entity_poly.pdbx_seq_one_letter_code       VSRLEEDVRNLNAIVQKLQERLDRLEETVQAK 
_entity_poly.pdbx_seq_one_letter_code_can   VSRLEEDVRNLNAIVQKLQERLDRLEETVQAK 
_entity_poly.pdbx_strand_id                 A,B,C 
_entity_poly.pdbx_target_identifier         ? 
# 
loop_
_pdbx_entity_nonpoly.entity_id 
_pdbx_entity_nonpoly.name 
_pdbx_entity_nonpoly.comp_id 
2 'ZINC ION' ZN  
3 water      HOH 
# 
loop_
_entity_poly_seq.entity_id 
_entity_poly_seq.num 
_entity_poly_seq.mon_id 
_entity_poly_seq.hetero 
1 1  VAL n 
1 2  SER n 
1 3  ARG n 
1 4  LEU n 
1 5  GLU n 
1 6  GLU n 
1 7  ASP n 
1 8  VAL n 
1 9  ARG n 
1 10 ASN n 
1 11 LEU n 
1 12 ASN n 
1 13 ALA n 
1 14 ILE n 
1 15 VAL n 
1 16 GLN n 
1 17 LYS n 
1 18 LEU n 
1 19 GLN n 
1 20 GLU n 
1 21 ARG n 
1 22 LEU n 
1 23 ASP n 
1 24 ARG n 
1 25 LEU n 
1 26 GLU n 
1 27 GLU n 
1 28 THR n 
1 29 VAL n 
1 30 GLN n 
1 31 ALA n 
1 32 LYS n 
# 
_pdbx_entity_src_syn.entity_id              1 
_pdbx_entity_src_syn.pdbx_src_id            1 
_pdbx_entity_src_syn.pdbx_alt_source_flag   sample 
_pdbx_entity_src_syn.pdbx_beg_seq_num       ? 
_pdbx_entity_src_syn.pdbx_end_seq_num       ? 
_pdbx_entity_src_syn.organism_scientific    ? 
_pdbx_entity_src_syn.organism_common_name   ? 
_pdbx_entity_src_syn.ncbi_taxonomy_id       ? 
_pdbx_entity_src_syn.details                
'Synthetic peptide with natural sequence of the C-terminal coiled-coil domain of mouse coronin 1.' 
# 
loop_
_chem_comp.id 
_chem_comp.type 
_chem_comp.mon_nstd_flag 
_chem_comp.name 
_chem_comp.pdbx_synonyms 
_chem_comp.formula 
_chem_comp.formula_weight 
ALA 'L-peptide linking' y ALANINE         ? 'C3 H7 N O2'     89.093  
ARG 'L-peptide linking' y ARGININE        ? 'C6 H15 N4 O2 1' 175.209 
ASN 'L-peptide linking' y ASPARAGINE      ? 'C4 H8 N2 O3'    132.118 
ASP 'L-peptide linking' y 'ASPARTIC ACID' ? 'C4 H7 N O4'     133.103 
GLN 'L-peptide linking' y GLUTAMINE       ? 'C5 H10 N2 O3'   146.144 
GLU 'L-peptide linking' y 'GLUTAMIC ACID' ? 'C5 H9 N O4'     147.129 
HOH non-polymer         . WATER           ? 'H2 O'           18.015  
ILE 'L-peptide linking' y ISOLEUCINE      ? 'C6 H13 N O2'    131.173 
LEU 'L-peptide linking' y LEUCINE         ? 'C6 H13 N O2'    131.173 
LYS 'L-peptide linking' y LYSINE          ? 'C6 H15 N2 O2 1' 147.195 
SER 'L-peptide linking' y SERINE          ? 'C3 H7 N O3'     105.093 
THR 'L-peptide linking' y THREONINE       ? 'C4 H9 N O3'     119.119 
VAL 'L-peptide linking' y VALINE          ? 'C5 H11 N O2'    117.146 
ZN  non-polymer         . 'ZINC ION'      ? 'Zn 2'           65.409  
# 
loop_
_pdbx_poly_seq_scheme.asym_id 
_pdbx_poly_seq_scheme.entity_id 
_pdbx_poly_seq_scheme.seq_id 
_pdbx_poly_seq_scheme.mon_id 
_pdbx_poly_seq_scheme.ndb_seq_num 
_pdbx_poly_seq_scheme.pdb_seq_num 
_pdbx_poly_seq_scheme.auth_seq_num 
_pdbx_poly_seq_scheme.pdb_mon_id 
_pdbx_poly_seq_scheme.auth_mon_id 
_pdbx_poly_seq_scheme.pdb_strand_id 
_pdbx_poly_seq_scheme.pdb_ins_code 
_pdbx_poly_seq_scheme.hetero 
A 1 1  VAL 1  430 430 VAL VAL A . n 
A 1 2  SER 2  431 431 SER SER A . n 
A 1 3  ARG 3  432 432 ARG ARG A . n 
A 1 4  LEU 4  433 433 LEU LEU A . n 
A 1 5  GLU 5  434 434 GLU GLU A . n 
A 1 6  GLU 6  435 435 GLU GLU A . n 
A 1 7  ASP 7  436 436 ASP ASP A . n 
A 1 8  VAL 8  437 437 VAL VAL A . n 
A 1 9  ARG 9  438 438 ARG ARG A . n 
A 1 10 ASN 10 439 439 ASN ASN A . n 
A 1 11 LEU 11 440 440 LEU LEU A . n 
A 1 12 ASN 12 441 441 ASN ASN A . n 
A 1 13 ALA 13 442 442 ALA ALA A . n 
A 1 14 ILE 14 443 443 ILE ILE A . n 
A 1 15 VAL 15 444 444 VAL VAL A . n 
A 1 16 GLN 16 445 445 GLN GLN A . n 
A 1 17 LYS 17 446 446 LYS LYS A . n 
A 1 18 LEU 18 447 447 LEU LEU A . n 
A 1 19 GLN 19 448 448 GLN GLN A . n 
A 1 20 GLU 20 449 449 GLU GLU A . n 
A 1 21 ARG 21 450 450 ARG ARG A . n 
A 1 22 LEU 22 451 451 LEU LEU A . n 
A 1 23 ASP 23 452 452 ASP ASP A . n 
A 1 24 ARG 24 453 453 ARG ARG A . n 
A 1 25 LEU 25 454 454 LEU LEU A . n 
A 1 26 GLU 26 455 455 GLU GLU A . n 
A 1 27 GLU 27 456 456 GLU GLU A . n 
A 1 28 THR 28 457 457 THR THR A . n 
A 1 29 VAL 29 458 458 VAL VAL A . n 
A 1 30 GLN 30 459 459 GLN GLN A . n 
A 1 31 ALA 31 460 460 ALA ALA A . n 
A 1 32 LYS 32 461 461 LYS LYS A . n 
B 1 1  VAL 1  430 430 VAL VAL B . n 
B 1 2  SER 2  431 431 SER SER B . n 
B 1 3  ARG 3  432 432 ARG ARG B . n 
B 1 4  LEU 4  433 433 LEU LEU B . n 
B 1 5  GLU 5  434 434 GLU GLU B . n 
B 1 6  GLU 6  435 435 GLU GLU B . n 
B 1 7  ASP 7  436 436 ASP ASP B . n 
B 1 8  VAL 8  437 437 VAL VAL B . n 
B 1 9  ARG 9  438 438 ARG ARG B . n 
B 1 10 ASN 10 439 439 ASN ASN B . n 
B 1 11 LEU 11 440 440 LEU LEU B . n 
B 1 12 ASN 12 441 441 ASN ASN B . n 
B 1 13 ALA 13 442 442 ALA ALA B . n 
B 1 14 ILE 14 443 443 ILE ILE B . n 
B 1 15 VAL 15 444 444 VAL VAL B . n 
B 1 16 GLN 16 445 445 GLN GLN B . n 
B 1 17 LYS 17 446 446 LYS LYS B . n 
B 1 18 LEU 18 447 447 LEU LEU B . n 
B 1 19 GLN 19 448 448 GLN GLN B . n 
B 1 20 GLU 20 449 449 GLU GLU B . n 
B 1 21 ARG 21 450 450 ARG ARG B . n 
B 1 22 LEU 22 451 451 LEU LEU B . n 
B 1 23 ASP 23 452 452 ASP ASP B . n 
B 1 24 ARG 24 453 453 ARG ARG B . n 
B 1 25 LEU 25 454 454 LEU LEU B . n 
B 1 26 GLU 26 455 455 GLU GLU B . n 
B 1 27 GLU 27 456 456 GLU GLU B . n 
B 1 28 THR 28 457 457 THR THR B . n 
B 1 29 VAL 29 458 458 VAL VAL B . n 
B 1 30 GLN 30 459 459 GLN GLN B . n 
B 1 31 ALA 31 460 460 ALA ALA B . n 
B 1 32 LYS 32 461 461 LYS LYS B . n 
C 1 1  VAL 1  430 430 VAL VAL C . n 
C 1 2  SER 2  431 431 SER SER C . n 
C 1 3  ARG 3  432 432 ARG ARG C . n 
C 1 4  LEU 4  433 433 LEU LEU C . n 
C 1 5  GLU 5  434 434 GLU GLU C . n 
C 1 6  GLU 6  435 435 GLU GLU C . n 
C 1 7  ASP 7  436 436 ASP ASP C . n 
C 1 8  VAL 8  437 437 VAL VAL C . n 
C 1 9  ARG 9  438 438 ARG ARG C . n 
C 1 10 ASN 10 439 439 ASN ASN C . n 
C 1 11 LEU 11 440 440 LEU LEU C . n 
C 1 12 ASN 12 441 441 ASN ASN C . n 
C 1 13 ALA 13 442 442 ALA ALA C . n 
C 1 14 ILE 14 443 443 ILE ILE C . n 
C 1 15 VAL 15 444 444 VAL VAL C . n 
C 1 16 GLN 16 445 445 GLN GLN C . n 
C 1 17 LYS 17 446 446 LYS LYS C . n 
C 1 18 LEU 18 447 447 LEU LEU C . n 
C 1 19 GLN 19 448 448 GLN GLN C . n 
C 1 20 GLU 20 449 449 GLU GLU C . n 
C 1 21 ARG 21 450 450 ARG ARG C . n 
C 1 22 LEU 22 451 451 LEU LEU C . n 
C 1 23 ASP 23 452 452 ASP ASP C . n 
C 1 24 ARG 24 453 453 ARG ARG C . n 
C 1 25 LEU 25 454 454 LEU LEU C . n 
C 1 26 GLU 26 455 455 GLU GLU C . n 
C 1 27 GLU 27 456 456 GLU GLU C . n 
C 1 28 THR 28 457 457 THR THR C . n 
C 1 29 VAL 29 458 458 VAL VAL C . n 
C 1 30 GLN 30 459 459 GLN GLN C . n 
C 1 31 ALA 31 460 460 ALA ALA C . n 
C 1 32 LYS 32 461 461 LYS LYS C . n 
# 
loop_
_pdbx_nonpoly_scheme.asym_id 
_pdbx_nonpoly_scheme.entity_id 
_pdbx_nonpoly_scheme.mon_id 
_pdbx_nonpoly_scheme.ndb_seq_num 
_pdbx_nonpoly_scheme.pdb_seq_num 
_pdbx_nonpoly_scheme.auth_seq_num 
_pdbx_nonpoly_scheme.pdb_mon_id 
_pdbx_nonpoly_scheme.auth_mon_id 
_pdbx_nonpoly_scheme.pdb_strand_id 
_pdbx_nonpoly_scheme.pdb_ins_code 
D 2 ZN  1  1   1   ZN  ZN2 A . 
E 2 ZN  1  2   2   ZN  ZN2 B . 
F 2 ZN  1  3   3   ZN  ZN2 B . 
G 2 ZN  1  4   4   ZN  ZN2 B . 
H 3 HOH 1  5   5   HOH HOH A . 
H 3 HOH 2  6   6   HOH HOH A . 
H 3 HOH 3  7   7   HOH HOH A . 
H 3 HOH 4  9   9   HOH HOH A . 
H 3 HOH 5  11  11  HOH HOH A . 
H 3 HOH 6  12  12  HOH HOH A . 
H 3 HOH 7  16  16  HOH HOH A . 
H 3 HOH 8  20  20  HOH HOH A . 
H 3 HOH 9  21  21  HOH HOH A . 
H 3 HOH 10 26  26  HOH HOH A . 
H 3 HOH 11 34  34  HOH HOH A . 
H 3 HOH 12 43  43  HOH HOH A . 
H 3 HOH 13 45  45  HOH HOH A . 
H 3 HOH 14 47  47  HOH HOH A . 
H 3 HOH 15 49  49  HOH HOH A . 
H 3 HOH 16 50  50  HOH HOH A . 
H 3 HOH 17 53  53  HOH HOH A . 
H 3 HOH 18 54  54  HOH HOH A . 
H 3 HOH 19 57  57  HOH HOH A . 
H 3 HOH 20 62  62  HOH HOH A . 
H 3 HOH 21 71  71  HOH HOH A . 
H 3 HOH 22 73  73  HOH HOH A . 
H 3 HOH 23 76  76  HOH HOH A . 
H 3 HOH 24 80  80  HOH HOH A . 
H 3 HOH 25 81  81  HOH HOH A . 
H 3 HOH 26 85  85  HOH HOH A . 
H 3 HOH 27 86  86  HOH HOH A . 
H 3 HOH 28 88  88  HOH HOH A . 
H 3 HOH 29 89  89  HOH HOH A . 
H 3 HOH 30 91  91  HOH HOH A . 
H 3 HOH 31 92  92  HOH HOH A . 
H 3 HOH 32 99  99  HOH HOH A . 
I 3 HOH 1  10  10  HOH HOH B . 
I 3 HOH 2  13  13  HOH HOH B . 
I 3 HOH 3  14  14  HOH HOH B . 
I 3 HOH 4  15  15  HOH HOH B . 
I 3 HOH 5  17  17  HOH HOH B . 
I 3 HOH 6  19  19  HOH HOH B . 
I 3 HOH 7  22  22  HOH HOH B . 
I 3 HOH 8  25  25  HOH HOH B . 
I 3 HOH 9  29  29  HOH HOH B . 
I 3 HOH 10 30  30  HOH HOH B . 
I 3 HOH 11 31  31  HOH HOH B . 
I 3 HOH 12 33  33  HOH HOH B . 
I 3 HOH 13 35  35  HOH HOH B . 
I 3 HOH 14 36  36  HOH HOH B . 
I 3 HOH 15 37  37  HOH HOH B . 
I 3 HOH 16 38  38  HOH HOH B . 
I 3 HOH 17 40  40  HOH HOH B . 
I 3 HOH 18 44  44  HOH HOH B . 
I 3 HOH 19 48  48  HOH HOH B . 
I 3 HOH 20 51  51  HOH HOH B . 
I 3 HOH 21 52  52  HOH HOH B . 
I 3 HOH 22 55  55  HOH HOH B . 
I 3 HOH 23 56  56  HOH HOH B . 
I 3 HOH 24 65  65  HOH HOH B . 
I 3 HOH 25 66  66  HOH HOH B . 
I 3 HOH 26 68  68  HOH HOH B . 
I 3 HOH 27 69  69  HOH HOH B . 
I 3 HOH 28 72  72  HOH HOH B . 
I 3 HOH 29 77  77  HOH HOH B . 
I 3 HOH 30 78  78  HOH HOH B . 
I 3 HOH 31 79  79  HOH HOH B . 
I 3 HOH 32 82  82  HOH HOH B . 
I 3 HOH 33 90  90  HOH HOH B . 
I 3 HOH 34 93  93  HOH HOH B . 
I 3 HOH 35 94  94  HOH HOH B . 
I 3 HOH 36 95  95  HOH HOH B . 
I 3 HOH 37 96  96  HOH HOH B . 
I 3 HOH 38 100 100 HOH HOH B . 
J 3 HOH 1  8   8   HOH HOH C . 
J 3 HOH 2  18  18  HOH HOH C . 
J 3 HOH 3  23  23  HOH HOH C . 
J 3 HOH 4  24  24  HOH HOH C . 
J 3 HOH 5  27  27  HOH HOH C . 
J 3 HOH 6  28  28  HOH HOH C . 
J 3 HOH 7  32  32  HOH HOH C . 
J 3 HOH 8  39  39  HOH HOH C . 
J 3 HOH 9  41  41  HOH HOH C . 
J 3 HOH 10 42  42  HOH HOH C . 
J 3 HOH 11 46  46  HOH HOH C . 
J 3 HOH 12 58  58  HOH HOH C . 
J 3 HOH 13 59  59  HOH HOH C . 
J 3 HOH 14 60  60  HOH HOH C . 
J 3 HOH 15 61  61  HOH HOH C . 
J 3 HOH 16 63  63  HOH HOH C . 
J 3 HOH 17 64  64  HOH HOH C . 
J 3 HOH 18 67  67  HOH HOH C . 
J 3 HOH 19 70  70  HOH HOH C . 
J 3 HOH 20 74  74  HOH HOH C . 
J 3 HOH 21 75  75  HOH HOH C . 
J 3 HOH 22 83  83  HOH HOH C . 
J 3 HOH 23 84  84  HOH HOH C . 
J 3 HOH 24 87  87  HOH HOH C . 
J 3 HOH 25 97  97  HOH HOH C . 
J 3 HOH 26 98  98  HOH HOH C . 
J 3 HOH 27 101 101 HOH HOH C . 
J 3 HOH 28 102 102 HOH HOH C . 
# 
loop_
_software.name 
_software.classification 
_software.version 
_software.citation_id 
_software.pdbx_ordinal 
REFMAC    refinement       5.2 ? 1 
DENZO     'data reduction' .   ? 2 
SCALEPACK 'data scaling'   .   ? 3 
CNS       phasing          .   ? 4 
# 
_cell.entry_id           2AKF 
_cell.length_a           23.587 
_cell.length_b           23.569 
_cell.length_c           46.402 
_cell.angle_alpha        92.51 
_cell.angle_beta         96.85 
_cell.angle_gamma        119.63 
_cell.Z_PDB              3 
_cell.pdbx_unique_axis   ? 
# 
_symmetry.entry_id                         2AKF 
_symmetry.space_group_name_H-M             'P 1' 
_symmetry.pdbx_full_space_group_name_H-M   ? 
_symmetry.cell_setting                     ? 
_symmetry.Int_Tables_number                1 
_symmetry.space_group_name_Hall            ? 
# 
_exptl.entry_id          2AKF 
_exptl.method            'X-RAY DIFFRACTION' 
_exptl.crystals_number   1 
# 
_exptl_crystal.id                    1 
_exptl_crystal.density_meas          ? 
_exptl_crystal.density_Matthews      1.9 
_exptl_crystal.density_percent_sol   36.2 
_exptl_crystal.description           ? 
_exptl_crystal.F_000                 ? 
_exptl_crystal.preparation           ? 
# 
_exptl_crystal_grow.crystal_id      1 
_exptl_crystal_grow.method          'VAPOR DIFFUSION, HANGING DROP' 
_exptl_crystal_grow.temp            277.0 
_exptl_crystal_grow.temp_details    ? 
_exptl_crystal_grow.pH              6.5 
_exptl_crystal_grow.pdbx_details    'MES, zinc sulfate, PEG MME 550, pH 6.5, VAPOR DIFFUSION, HANGING DROP, temperature 277.0K' 
_exptl_crystal_grow.pdbx_pH_range   . 
# 
_diffrn.id                     1 
_diffrn.ambient_temp           100 
_diffrn.ambient_temp_details   ? 
_diffrn.crystal_id             1 
# 
_diffrn_detector.diffrn_id              1 
_diffrn_detector.detector               CCD 
_diffrn_detector.type                   MARRESEARCH 
_diffrn_detector.pdbx_collection_date   2001-12-13 
_diffrn_detector.details                mirrors 
# 
_diffrn_radiation.diffrn_id                        1 
_diffrn_radiation.wavelength_id                    1 
_diffrn_radiation.pdbx_monochromatic_or_laue_m_l   M 
_diffrn_radiation.monochromator                    'SAGITALLY FOCUSED Si(111)' 
_diffrn_radiation.pdbx_diffrn_protocol             'SINGLE WAVELENGTH' 
_diffrn_radiation.pdbx_scattering_type             x-ray 
# 
_diffrn_radiation_wavelength.id           1 
_diffrn_radiation_wavelength.wavelength   0.9004 
_diffrn_radiation_wavelength.wt           1.0 
# 
_diffrn_source.diffrn_id                   1 
_diffrn_source.source                      SYNCHROTRON 
_diffrn_source.type                        'SLS BEAMLINE X06SA' 
_diffrn_source.pdbx_synchrotron_site       SLS 
_diffrn_source.pdbx_synchrotron_beamline   X06SA 
_diffrn_source.pdbx_wavelength             ? 
_diffrn_source.pdbx_wavelength_list        0.9004 
# 
_reflns.entry_id                     2AKF 
_reflns.observed_criterion_sigma_F   0 
_reflns.observed_criterion_sigma_I   0 
_reflns.d_resolution_high            1.20 
_reflns.d_resolution_low             20.0 
_reflns.number_all                   24694 
_reflns.number_obs                   24694 
_reflns.percent_possible_obs         92.4 
_reflns.pdbx_Rmerge_I_obs            ? 
_reflns.pdbx_Rsym_value              0.056 
_reflns.pdbx_netI_over_sigmaI        13.1 
_reflns.B_iso_Wilson_estimate        13.8 
_reflns.pdbx_redundancy              3.74 
_reflns.R_free_details               ? 
_reflns.limit_h_max                  ? 
_reflns.limit_h_min                  ? 
_reflns.limit_k_max                  ? 
_reflns.limit_k_min                  ? 
_reflns.limit_l_max                  ? 
_reflns.limit_l_min                  ? 
_reflns.observed_criterion_F_max     ? 
_reflns.observed_criterion_F_min     ? 
_reflns.pdbx_chi_squared             ? 
_reflns.pdbx_scaling_rejects         ? 
_reflns.pdbx_diffrn_id               1 
_reflns.pdbx_ordinal                 1 
# 
_reflns_shell.d_res_high             1.20 
_reflns_shell.d_res_low              1.25 
_reflns_shell.percent_possible_all   81.6 
_reflns_shell.Rmerge_I_obs           ? 
_reflns_shell.pdbx_Rsym_value        0.131 
_reflns_shell.meanI_over_sigI_obs    7.1 
_reflns_shell.pdbx_redundancy        2.92 
_reflns_shell.percent_possible_obs   ? 
_reflns_shell.number_unique_all      2593 
_reflns_shell.number_measured_all    ? 
_reflns_shell.number_measured_obs    ? 
_reflns_shell.number_unique_obs      ? 
_reflns_shell.pdbx_chi_squared       ? 
_reflns_shell.pdbx_diffrn_id         ? 
_reflns_shell.pdbx_ordinal           1 
# 
_refine.entry_id                                 2AKF 
_refine.ls_number_reflns_obs                     23457 
_refine.ls_number_reflns_all                     23457 
_refine.pdbx_ls_sigma_I                          ? 
_refine.pdbx_ls_sigma_F                          0 
_refine.pdbx_data_cutoff_high_absF               ? 
_refine.pdbx_data_cutoff_low_absF                ? 
_refine.pdbx_data_cutoff_high_rms_absF           ? 
_refine.ls_d_res_low                             20.0 
_refine.ls_d_res_high                            1.20 
_refine.ls_percent_reflns_obs                    92.91 
_refine.ls_R_factor_obs                          0.162 
_refine.ls_R_factor_all                          0.162 
_refine.ls_R_factor_R_work                       0.16 
_refine.ls_R_factor_R_free                       0.196 
_refine.ls_R_factor_R_free_error                 ? 
_refine.ls_R_factor_R_free_error_details         ? 
_refine.ls_percent_reflns_R_free                 5.0 
_refine.ls_number_reflns_R_free                  1237 
_refine.ls_number_parameters                     ? 
_refine.ls_number_restraints                     ? 
_refine.occupancy_min                            ? 
_refine.occupancy_max                            ? 
_refine.correlation_coeff_Fo_to_Fc               0.962 
_refine.correlation_coeff_Fo_to_Fc_free          0.950 
_refine.B_iso_mean                               16.191 
_refine.aniso_B[1][1]                            0.45 
_refine.aniso_B[2][2]                            -0.09 
_refine.aniso_B[3][3]                            -0.40 
_refine.aniso_B[1][2]                            0.08 
_refine.aniso_B[1][3]                            -0.31 
_refine.aniso_B[2][3]                            -0.45 
_refine.solvent_model_details                    MASK 
_refine.solvent_model_param_ksol                 ? 
_refine.solvent_model_param_bsol                 ? 
_refine.pdbx_solvent_vdw_probe_radii             1.20 
_refine.pdbx_solvent_ion_probe_radii             0.80 
_refine.pdbx_solvent_shrinkage_radii             0.80 
_refine.pdbx_ls_cross_valid_method               THROUGHOUT 
_refine.details                                  'HYDROGENS HAVE BEEN ADDED IN THE RIDING POSITIONS' 
_refine.pdbx_starting_model                      ? 
_refine.pdbx_method_to_determine_struct          'MOLECULAR REPLACEMENT' 
_refine.pdbx_isotropic_thermal_model             anisotropic 
_refine.pdbx_stereochemistry_target_values       'Engh & Huber' 
_refine.pdbx_stereochem_target_val_spec_case     ? 
_refine.pdbx_R_Free_selection_details            RANDOM 
_refine.pdbx_overall_ESU_R                       0.049 
_refine.pdbx_overall_ESU_R_Free                  0.048 
_refine.overall_SU_ML                            0.024 
_refine.overall_SU_B                             1.113 
_refine.ls_redundancy_reflns_obs                 ? 
_refine.B_iso_min                                ? 
_refine.B_iso_max                                ? 
_refine.overall_SU_R_Cruickshank_DPI             ? 
_refine.overall_SU_R_free                        ? 
_refine.ls_wR_factor_R_free                      ? 
_refine.ls_wR_factor_R_work                      ? 
_refine.overall_FOM_free_R_set                   ? 
_refine.overall_FOM_work_R_set                   ? 
_refine.pdbx_refine_id                           'X-RAY DIFFRACTION' 
_refine.pdbx_diffrn_id                           1 
_refine.pdbx_TLS_residual_ADP_flag               ? 
_refine.pdbx_overall_phase_error                 ? 
_refine.pdbx_overall_SU_R_free_Cruickshank_DPI   ? 
_refine.pdbx_overall_SU_R_Blow_DPI               ? 
_refine.pdbx_overall_SU_R_free_Blow_DPI          ? 
# 
_refine_analyze.entry_id                        2AKF 
_refine_analyze.Luzzati_coordinate_error_obs    ? 
_refine_analyze.Luzzati_sigma_a_obs             0.049 
_refine_analyze.Luzzati_d_res_low_obs           ? 
_refine_analyze.Luzzati_coordinate_error_free   ? 
_refine_analyze.Luzzati_sigma_a_free            0.048 
_refine_analyze.Luzzati_d_res_low_free          ? 
_refine_analyze.number_disordered_residues      ? 
_refine_analyze.occupancy_sum_non_hydrogen      ? 
_refine_analyze.occupancy_sum_hydrogen          ? 
_refine_analyze.pdbx_Luzzati_d_res_high_obs     ? 
_refine_analyze.pdbx_refine_id                  'X-RAY DIFFRACTION' 
# 
_refine_hist.pdbx_refine_id                   'X-RAY DIFFRACTION' 
_refine_hist.cycle_id                         LAST 
_refine_hist.pdbx_number_atoms_protein        798 
_refine_hist.pdbx_number_atoms_nucleic_acid   0 
_refine_hist.pdbx_number_atoms_ligand         7 
_refine_hist.number_atoms_solvent             98 
_refine_hist.number_atoms_total               903 
_refine_hist.d_res_high                       1.20 
_refine_hist.d_res_low                        20.0 
# 
loop_
_refine_ls_restr.type 
_refine_ls_restr.dev_ideal 
_refine_ls_restr.dev_ideal_target 
_refine_ls_restr.weight 
_refine_ls_restr.number 
_refine_ls_restr.pdbx_refine_id 
_refine_ls_restr.pdbx_restraint_function 
r_bond_refined_d             0.015  0.022  ? 795  'X-RAY DIFFRACTION' ? 
r_bond_other_d               0.001  0.020  ? 780  'X-RAY DIFFRACTION' ? 
r_angle_refined_deg          1.541  1.995  ? 1065 'X-RAY DIFFRACTION' ? 
r_angle_other_deg            0.811  3.000  ? 1806 'X-RAY DIFFRACTION' ? 
r_dihedral_angle_1_deg       3.592  5.000  ? 93   'X-RAY DIFFRACTION' ? 
r_dihedral_angle_2_deg       31.368 25.000 ? 48   'X-RAY DIFFRACTION' ? 
r_dihedral_angle_3_deg       12.680 15.000 ? 174  'X-RAY DIFFRACTION' ? 
r_dihedral_angle_4_deg       13.585 15.000 ? 12   'X-RAY DIFFRACTION' ? 
r_chiral_restr               0.090  0.200  ? 129  'X-RAY DIFFRACTION' ? 
r_gen_planes_refined         0.005  0.020  ? 867  'X-RAY DIFFRACTION' ? 
r_gen_planes_other           0.001  0.020  ? 141  'X-RAY DIFFRACTION' ? 
r_nbd_refined                0.253  0.200  ? 185  'X-RAY DIFFRACTION' ? 
r_nbd_other                  0.170  0.200  ? 807  'X-RAY DIFFRACTION' ? 
r_nbtor_refined              ?      ?      ? ?    'X-RAY DIFFRACTION' ? 
r_nbtor_other                0.089  0.200  ? 541  'X-RAY DIFFRACTION' ? 
r_xyhbond_nbd_refined        0.180  0.200  ? 53   'X-RAY DIFFRACTION' ? 
r_xyhbond_nbd_other          ?      ?      ? ?    'X-RAY DIFFRACTION' ? 
r_metal_ion_refined          0.211  0.200  ? 12   'X-RAY DIFFRACTION' ? 
r_metal_ion_other            ?      ?      ? ?    'X-RAY DIFFRACTION' ? 
r_symmetry_vdw_refined       0.377  0.200  ? 24   'X-RAY DIFFRACTION' ? 
r_symmetry_vdw_other         0.305  0.200  ? 50   'X-RAY DIFFRACTION' ? 
r_symmetry_hbond_refined     0.185  0.200  ? 9    'X-RAY DIFFRACTION' ? 
r_symmetry_hbond_other       ?      ?      ? ?    'X-RAY DIFFRACTION' ? 
r_symmetry_metal_ion_refined ?      ?      ? ?    'X-RAY DIFFRACTION' ? 
r_symmetry_metal_ion_other   ?      ?      ? ?    'X-RAY DIFFRACTION' ? 
r_mcbond_it                  3.030  2.000  ? 656  'X-RAY DIFFRACTION' ? 
r_mcbond_other               1.260  2.000  ? 198  'X-RAY DIFFRACTION' ? 
r_mcangle_it                 2.925  3.000  ? 777  'X-RAY DIFFRACTION' ? 
r_scbond_it                  5.270  4.500  ? 373  'X-RAY DIFFRACTION' ? 
r_scangle_it                 6.195  6.000  ? 288  'X-RAY DIFFRACTION' ? 
r_rigid_bond_restr           2.309  3.000  ? 1857 'X-RAY DIFFRACTION' ? 
r_sphericity_free            8.040  3.000  ? 105  'X-RAY DIFFRACTION' ? 
r_sphericity_bonded          4.668  3.000  ? 1578 'X-RAY DIFFRACTION' ? 
# 
_refine_ls_shell.pdbx_total_number_of_bins_used   20 
_refine_ls_shell.d_res_high                       1.203 
_refine_ls_shell.d_res_low                        1.235 
_refine_ls_shell.number_reflns_R_work             1568 
_refine_ls_shell.R_factor_R_work                  0.188 
_refine_ls_shell.percent_reflns_obs               ? 
_refine_ls_shell.R_factor_R_free                  0.207 
_refine_ls_shell.R_factor_R_free_error            ? 
_refine_ls_shell.percent_reflns_R_free            ? 
_refine_ls_shell.number_reflns_R_free             86 
_refine_ls_shell.number_reflns_obs                ? 
_refine_ls_shell.redundancy_reflns_obs            ? 
_refine_ls_shell.number_reflns_all                ? 
_refine_ls_shell.pdbx_refine_id                   'X-RAY DIFFRACTION' 
_refine_ls_shell.R_factor_all                     ? 
# 
_struct.entry_id                  2AKF 
_struct.title                     'Crystal structure of the coiled-coil domain of coronin 1' 
_struct.pdbx_model_details        ? 
_struct.pdbx_CASP_flag            ? 
_struct.pdbx_model_type_details   ? 
# 
_struct_keywords.entry_id        2AKF 
_struct_keywords.pdbx_keywords   'PROTEIN BINDING' 
_struct_keywords.text            'coiled coil, coronin 1, PROTEIN BINDING' 
# 
loop_
_struct_asym.id 
_struct_asym.pdbx_blank_PDB_chainid_flag 
_struct_asym.pdbx_modified 
_struct_asym.entity_id 
_struct_asym.details 
A N N 1 ? 
B N N 1 ? 
C N N 1 ? 
D N N 2 ? 
E N N 2 ? 
F N N 2 ? 
G N N 2 ? 
H N N 3 ? 
I N N 3 ? 
J N N 3 ? 
# 
_struct_ref.id                         1 
_struct_ref.db_name                    UNP 
_struct_ref.db_code                    COR1A_MOUSE 
_struct_ref.pdbx_db_accession          O89053 
_struct_ref.entity_id                  1 
_struct_ref.pdbx_seq_one_letter_code   VSRLEEDVRNLNAIVQKLQERLDRLEETVQAK 
_struct_ref.pdbx_align_begin           430 
_struct_ref.pdbx_db_isoform            ? 
# 
loop_
_struct_ref_seq.align_id 
_struct_ref_seq.ref_id 
_struct_ref_seq.pdbx_PDB_id_code 
_struct_ref_seq.pdbx_strand_id 
_struct_ref_seq.seq_align_beg 
_struct_ref_seq.pdbx_seq_align_beg_ins_code 
_struct_ref_seq.seq_align_end 
_struct_ref_seq.pdbx_seq_align_end_ins_code 
_struct_ref_seq.pdbx_db_accession 
_struct_ref_seq.db_align_beg 
_struct_ref_seq.pdbx_db_align_beg_ins_code 
_struct_ref_seq.db_align_end 
_struct_ref_seq.pdbx_db_align_end_ins_code 
_struct_ref_seq.pdbx_auth_seq_align_beg 
_struct_ref_seq.pdbx_auth_seq_align_end 
1 1 2AKF A 1 ? 32 ? O89053 430 ? 461 ? 430 461 
2 1 2AKF B 1 ? 32 ? O89053 430 ? 461 ? 430 461 
3 1 2AKF C 1 ? 32 ? O89053 430 ? 461 ? 430 461 
# 
loop_
_pdbx_struct_assembly.id 
_pdbx_struct_assembly.details 
_pdbx_struct_assembly.method_details 
_pdbx_struct_assembly.oligomeric_details 
_pdbx_struct_assembly.oligomeric_count 
1 author_and_software_defined_assembly PISA trimeric 3 
2 software_defined_assembly            PISA trimeric 3 
# 
loop_
_pdbx_struct_assembly_prop.biol_id 
_pdbx_struct_assembly_prop.type 
_pdbx_struct_assembly_prop.value 
_pdbx_struct_assembly_prop.details 
1 'ABSA (A^2)' 3660 ? 
1 MORE         -69  ? 
1 'SSA (A^2)'  6870 ? 
2 'ABSA (A^2)' 1610 ? 
2 MORE         -121 ? 
2 'SSA (A^2)'  9010 ? 
# 
loop_
_pdbx_struct_assembly_gen.assembly_id 
_pdbx_struct_assembly_gen.oper_expression 
_pdbx_struct_assembly_gen.asym_id_list 
1 1 A,B,C,D,E,F,G,H,I,J 
2 1 B,E,F,G,I           
2 2 A,D,H               
2 3 C,J                 
# 
loop_
_pdbx_struct_oper_list.id 
_pdbx_struct_oper_list.type 
_pdbx_struct_oper_list.name 
_pdbx_struct_oper_list.symmetry_operation 
_pdbx_struct_oper_list.matrix[1][1] 
_pdbx_struct_oper_list.matrix[1][2] 
_pdbx_struct_oper_list.matrix[1][3] 
_pdbx_struct_oper_list.vector[1] 
_pdbx_struct_oper_list.matrix[2][1] 
_pdbx_struct_oper_list.matrix[2][2] 
_pdbx_struct_oper_list.matrix[2][3] 
_pdbx_struct_oper_list.vector[2] 
_pdbx_struct_oper_list.matrix[3][1] 
_pdbx_struct_oper_list.matrix[3][2] 
_pdbx_struct_oper_list.matrix[3][3] 
_pdbx_struct_oper_list.vector[3] 
1 'identity operation'         1_555 x,y,z     1.0000000000 0.0000000000 0.0000000000 0.0000000000   0.0000000000 1.0000000000 0.0000000000 0.0000000000  0.0000000000 0.0000000000 1.0000000000 0.0000000000  
2 'crystal symmetry operation' 1_665 x+1,y+1,z 1.0000000000 0.0000000000 0.0000000000 12.6413665855  0.0000000000 1.0000000000 0.0000000000 20.0580989430 0.0000000000 0.0000000000 1.0000000000 -0.1429474324 
3 'crystal symmetry operation' 1_565 x,y+1,z   1.0000000000 0.0000000000 0.0000000000 -10.8070935006 0.0000000000 1.0000000000 0.0000000000 20.7845088445 0.0000000000 0.0000000000 1.0000000000 -2.5901125776 
# 
_struct_biol.id                    1 
_struct_biol.details               'The biological assembly is the trimer in the asymmetric unit.' 
_struct_biol.pdbx_parent_biol_id   ? 
# 
loop_
_struct_conf.conf_type_id 
_struct_conf.id 
_struct_conf.pdbx_PDB_helix_id 
_struct_conf.beg_label_comp_id 
_struct_conf.beg_label_asym_id 
_struct_conf.beg_label_seq_id 
_struct_conf.pdbx_beg_PDB_ins_code 
_struct_conf.end_label_comp_id 
_struct_conf.end_label_asym_id 
_struct_conf.end_label_seq_id 
_struct_conf.pdbx_end_PDB_ins_code 
_struct_conf.beg_auth_comp_id 
_struct_conf.beg_auth_asym_id 
_struct_conf.beg_auth_seq_id 
_struct_conf.end_auth_comp_id 
_struct_conf.end_auth_asym_id 
_struct_conf.end_auth_seq_id 
_struct_conf.pdbx_PDB_helix_class 
_struct_conf.details 
_struct_conf.pdbx_PDB_helix_length 
HELX_P HELX_P1 1 SER A 2 ? LYS A 32 ? SER A 431 LYS A 461 1 ? 31 
HELX_P HELX_P2 2 SER B 2 ? ALA B 31 ? SER B 431 ALA B 460 1 ? 30 
HELX_P HELX_P3 3 SER C 2 ? LYS C 32 ? SER C 431 LYS C 461 1 ? 31 
# 
_struct_conf_type.id          HELX_P 
_struct_conf_type.criteria    ? 
_struct_conf_type.reference   ? 
# 
loop_
_struct_conn.id 
_struct_conn.conn_type_id 
_struct_conn.pdbx_leaving_atom_flag 
_struct_conn.pdbx_PDB_id 
_struct_conn.ptnr1_label_asym_id 
_struct_conn.ptnr1_label_comp_id 
_struct_conn.ptnr1_label_seq_id 
_struct_conn.ptnr1_label_atom_id 
_struct_conn.pdbx_ptnr1_label_alt_id 
_struct_conn.pdbx_ptnr1_PDB_ins_code 
_struct_conn.pdbx_ptnr1_standard_comp_id 
_struct_conn.ptnr1_symmetry 
_struct_conn.ptnr2_label_asym_id 
_struct_conn.ptnr2_label_comp_id 
_struct_conn.ptnr2_label_seq_id 
_struct_conn.ptnr2_label_atom_id 
_struct_conn.pdbx_ptnr2_label_alt_id 
_struct_conn.pdbx_ptnr2_PDB_ins_code 
_struct_conn.ptnr1_auth_asym_id 
_struct_conn.ptnr1_auth_comp_id 
_struct_conn.ptnr1_auth_seq_id 
_struct_conn.ptnr2_auth_asym_id 
_struct_conn.ptnr2_auth_comp_id 
_struct_conn.ptnr2_auth_seq_id 
_struct_conn.ptnr2_symmetry 
_struct_conn.pdbx_ptnr3_label_atom_id 
_struct_conn.pdbx_ptnr3_label_seq_id 
_struct_conn.pdbx_ptnr3_label_comp_id 
_struct_conn.pdbx_ptnr3_label_asym_id 
_struct_conn.pdbx_ptnr3_label_alt_id 
_struct_conn.pdbx_ptnr3_PDB_ins_code 
_struct_conn.details 
_struct_conn.pdbx_dist_value 
_struct_conn.pdbx_value_order 
_struct_conn.pdbx_role 
metalc1  metalc ? ? D ZN  .  ZN  A ? ? 1_555 H HOH .  O   ? ? A ZN  1   A HOH 21  1_555 ? ? ? ? ? ? ? 1.984 ? ? 
metalc2  metalc ? ? D ZN  .  ZN  A ? ? 1_555 A GLU 6  OE2 ? ? A ZN  1   A GLU 435 1_555 ? ? ? ? ? ? ? 1.923 ? ? 
metalc3  metalc ? ? D ZN  .  ZN  B ? ? 1_555 A GLU 6  OE1 ? ? A ZN  1   A GLU 435 1_555 ? ? ? ? ? ? ? 2.586 ? ? 
metalc4  metalc ? ? D ZN  .  ZN  B ? ? 1_555 A GLU 6  OE2 ? ? A ZN  1   A GLU 435 1_555 ? ? ? ? ? ? ? 2.501 ? ? 
metalc5  metalc ? ? D ZN  .  ZN  A ? ? 1_555 B GLU 6  OE2 ? ? A ZN  1   B GLU 435 1_455 ? ? ? ? ? ? ? 2.047 ? ? 
metalc6  metalc ? ? D ZN  .  ZN  B ? ? 1_555 B GLU 6  OE1 ? ? A ZN  1   B GLU 435 1_455 ? ? ? ? ? ? ? 1.890 ? ? 
metalc7  metalc ? ? D ZN  .  ZN  B ? ? 1_555 B GLU 6  OE2 ? ? A ZN  1   B GLU 435 1_455 ? ? ? ? ? ? ? 1.871 ? ? 
metalc8  metalc ? ? D ZN  .  ZN  A ? ? 1_555 C GLU 6  OE2 ? ? A ZN  1   C GLU 435 1_565 ? ? ? ? ? ? ? 1.971 ? ? 
metalc9  metalc ? ? D ZN  .  ZN  B ? ? 1_555 C GLU 6  OE2 ? ? A ZN  1   C GLU 435 1_565 ? ? ? ? ? ? ? 1.852 ? ? 
metalc10 metalc ? ? A GLU 27 OE2 ? ? ? 1_665 E ZN  .  ZN  ? ? A GLU 456 B ZN  2   1_555 ? ? ? ? ? ? ? 1.833 ? ? 
metalc11 metalc ? ? E ZN  .  ZN  ? ? ? 1_555 I HOH .  O   ? ? B ZN  2   B HOH 14  1_555 ? ? ? ? ? ? ? 1.899 ? ? 
metalc12 metalc ? ? E ZN  .  ZN  ? ? ? 1_555 B GLU 27 OE1 ? ? B ZN  2   B GLU 456 1_555 ? ? ? ? ? ? ? 2.040 ? ? 
metalc13 metalc ? ? E ZN  .  ZN  ? ? ? 1_555 C GLU 27 OE1 ? ? B ZN  2   C GLU 456 1_565 ? ? ? ? ? ? ? 2.012 ? ? 
metalc14 metalc ? ? E ZN  .  ZN  ? ? ? 1_555 C GLU 27 OE2 ? ? B ZN  2   C GLU 456 1_565 ? ? ? ? ? ? ? 2.606 ? ? 
metalc15 metalc ? ? F ZN  .  ZN  A ? ? 1_555 I HOH .  O   ? ? B ZN  3   B HOH 14  1_555 ? ? ? ? ? ? ? 2.264 ? ? 
metalc16 metalc ? ? F ZN  .  ZN  B ? ? 1_555 I HOH .  O   ? ? B ZN  3   B HOH 14  1_555 ? ? ? ? ? ? ? 1.693 ? ? 
metalc17 metalc ? ? F ZN  .  ZN  B ? ? 1_555 I HOH .  O   ? ? B ZN  3   B HOH 15  1_555 ? ? ? ? ? ? ? 2.326 ? ? 
metalc18 metalc ? ? F ZN  .  ZN  A ? ? 1_555 B ASP 23 OD2 ? ? B ZN  3   B ASP 452 1_555 ? ? ? ? ? ? ? 1.927 ? ? 
metalc19 metalc ? ? F ZN  .  ZN  B ? ? 1_555 B ASP 23 OD2 ? ? B ZN  3   B ASP 452 1_555 ? ? ? ? ? ? ? 1.750 ? ? 
metalc20 metalc ? ? F ZN  .  ZN  A ? ? 1_555 B GLU 27 OE2 ? ? B ZN  3   B GLU 456 1_555 ? ? ? ? ? ? ? 1.910 ? ? 
metalc21 metalc ? ? F ZN  .  ZN  B ? ? 1_555 C GLU 20 OE2 ? ? B ZN  3   C GLU 449 1_565 ? ? ? ? ? ? ? 2.051 ? ? 
metalc22 metalc ? ? G ZN  .  ZN  A ? ? 1_555 I HOH .  O   ? ? B ZN  4   B HOH 15  1_555 ? ? ? ? ? ? ? 2.107 ? ? 
metalc23 metalc ? ? G ZN  .  ZN  B ? ? 1_555 I HOH .  O   ? ? B ZN  4   B HOH 15  1_555 ? ? ? ? ? ? ? 1.866 ? ? 
metalc24 metalc ? ? G ZN  .  ZN  A ? ? 1_555 I HOH .  O   ? ? B ZN  4   B HOH 37  1_555 ? ? ? ? ? ? ? 1.704 ? ? 
metalc25 metalc ? ? G ZN  .  ZN  B ? ? 1_555 I HOH .  O   ? ? B ZN  4   B HOH 37  1_555 ? ? ? ? ? ? ? 2.759 ? ? 
metalc26 metalc ? ? G ZN  .  ZN  A ? ? 1_555 I HOH .  O   ? ? B ZN  4   B HOH 90  1_555 ? ? ? ? ? ? ? 2.025 ? ? 
metalc27 metalc ? ? G ZN  .  ZN  B ? ? 1_555 I HOH .  O   ? ? B ZN  4   B HOH 90  1_555 ? ? ? ? ? ? ? 1.707 ? ? 
metalc28 metalc ? ? G ZN  .  ZN  B ? ? 1_555 B GLU 20 OE1 ? ? B ZN  4   B GLU 449 1_555 ? ? ? ? ? ? ? 1.820 ? ? 
metalc29 metalc ? ? G ZN  .  ZN  B ? ? 1_555 B GLU 20 OE2 ? ? B ZN  4   B GLU 449 1_555 ? ? ? ? ? ? ? 1.807 ? ? 
metalc30 metalc ? ? G ZN  .  ZN  A ? ? 1_555 B GLU 20 OE1 ? ? B ZN  4   B GLU 449 1_555 ? ? ? ? ? ? ? 2.091 ? ? 
# 
_struct_conn_type.id          metalc 
_struct_conn_type.criteria    ? 
_struct_conn_type.reference   ? 
# 
loop_
_pdbx_struct_conn_angle.id 
_pdbx_struct_conn_angle.ptnr1_label_atom_id 
_pdbx_struct_conn_angle.ptnr1_label_alt_id 
_pdbx_struct_conn_angle.ptnr1_label_asym_id 
_pdbx_struct_conn_angle.ptnr1_label_comp_id 
_pdbx_struct_conn_angle.ptnr1_label_seq_id 
_pdbx_struct_conn_angle.ptnr1_auth_atom_id 
_pdbx_struct_conn_angle.ptnr1_auth_asym_id 
_pdbx_struct_conn_angle.ptnr1_auth_comp_id 
_pdbx_struct_conn_angle.ptnr1_auth_seq_id 
_pdbx_struct_conn_angle.ptnr1_PDB_ins_code 
_pdbx_struct_conn_angle.ptnr1_symmetry 
_pdbx_struct_conn_angle.ptnr2_label_atom_id 
_pdbx_struct_conn_angle.ptnr2_label_alt_id 
_pdbx_struct_conn_angle.ptnr2_label_asym_id 
_pdbx_struct_conn_angle.ptnr2_label_comp_id 
_pdbx_struct_conn_angle.ptnr2_label_seq_id 
_pdbx_struct_conn_angle.ptnr2_auth_atom_id 
_pdbx_struct_conn_angle.ptnr2_auth_asym_id 
_pdbx_struct_conn_angle.ptnr2_auth_comp_id 
_pdbx_struct_conn_angle.ptnr2_auth_seq_id 
_pdbx_struct_conn_angle.ptnr2_PDB_ins_code 
_pdbx_struct_conn_angle.ptnr2_symmetry 
_pdbx_struct_conn_angle.ptnr3_label_atom_id 
_pdbx_struct_conn_angle.ptnr3_label_alt_id 
_pdbx_struct_conn_angle.ptnr3_label_asym_id 
_pdbx_struct_conn_angle.ptnr3_label_comp_id 
_pdbx_struct_conn_angle.ptnr3_label_seq_id 
_pdbx_struct_conn_angle.ptnr3_auth_atom_id 
_pdbx_struct_conn_angle.ptnr3_auth_asym_id 
_pdbx_struct_conn_angle.ptnr3_auth_comp_id 
_pdbx_struct_conn_angle.ptnr3_auth_seq_id 
_pdbx_struct_conn_angle.ptnr3_PDB_ins_code 
_pdbx_struct_conn_angle.ptnr3_symmetry 
_pdbx_struct_conn_angle.value 
_pdbx_struct_conn_angle.value_esd 
1  O   ? H HOH .  ? A HOH 21  ? 1_555 ZN A D ZN . ? A ZN 1 ? 1_555 OE2 ? A GLU 6  ? A GLU 435 ? 1_555 103.7 ? 
2  O   ? H HOH .  ? A HOH 21  ? 1_555 ZN A D ZN . ? A ZN 1 ? 1_555 OE2 ? B GLU 6  ? B GLU 435 ? 1_455 94.0  ? 
3  OE2 ? A GLU 6  ? A GLU 435 ? 1_555 ZN A D ZN . ? A ZN 1 ? 1_555 OE2 ? B GLU 6  ? B GLU 435 ? 1_455 114.5 ? 
4  O   ? H HOH .  ? A HOH 21  ? 1_555 ZN A D ZN . ? A ZN 1 ? 1_555 OE2 ? C GLU 6  ? C GLU 435 ? 1_565 99.4  ? 
5  OE2 ? A GLU 6  ? A GLU 435 ? 1_555 ZN A D ZN . ? A ZN 1 ? 1_555 OE2 ? C GLU 6  ? C GLU 435 ? 1_565 116.7 ? 
6  OE2 ? B GLU 6  ? B GLU 435 ? 1_455 ZN A D ZN . ? A ZN 1 ? 1_555 OE2 ? C GLU 6  ? C GLU 435 ? 1_565 121.7 ? 
7  OE1 ? A GLU 6  ? A GLU 435 ? 1_555 ZN B D ZN . ? A ZN 1 ? 1_555 OE2 ? A GLU 6  ? A GLU 435 ? 1_555 51.8  ? 
8  OE1 ? A GLU 6  ? A GLU 435 ? 1_555 ZN B D ZN . ? A ZN 1 ? 1_555 OE1 ? B GLU 6  ? B GLU 435 ? 1_455 97.6  ? 
9  OE2 ? A GLU 6  ? A GLU 435 ? 1_555 ZN B D ZN . ? A ZN 1 ? 1_555 OE1 ? B GLU 6  ? B GLU 435 ? 1_455 146.7 ? 
10 OE1 ? A GLU 6  ? A GLU 435 ? 1_555 ZN B D ZN . ? A ZN 1 ? 1_555 OE2 ? B GLU 6  ? B GLU 435 ? 1_455 99.5  ? 
11 OE2 ? A GLU 6  ? A GLU 435 ? 1_555 ZN B D ZN . ? A ZN 1 ? 1_555 OE2 ? B GLU 6  ? B GLU 435 ? 1_455 98.6  ? 
12 OE1 ? B GLU 6  ? B GLU 435 ? 1_455 ZN B D ZN . ? A ZN 1 ? 1_555 OE2 ? B GLU 6  ? B GLU 435 ? 1_455 70.9  ? 
13 OE1 ? A GLU 6  ? A GLU 435 ? 1_555 ZN B D ZN . ? A ZN 1 ? 1_555 OE2 ? C GLU 6  ? C GLU 435 ? 1_565 118.5 ? 
14 OE2 ? A GLU 6  ? A GLU 435 ? 1_555 ZN B D ZN . ? A ZN 1 ? 1_555 OE2 ? C GLU 6  ? C GLU 435 ? 1_565 98.1  ? 
15 OE1 ? B GLU 6  ? B GLU 435 ? 1_455 ZN B D ZN . ? A ZN 1 ? 1_555 OE2 ? C GLU 6  ? C GLU 435 ? 1_565 109.9 ? 
16 OE2 ? B GLU 6  ? B GLU 435 ? 1_455 ZN B D ZN . ? A ZN 1 ? 1_555 OE2 ? C GLU 6  ? C GLU 435 ? 1_565 140.9 ? 
17 OE2 ? A GLU 27 ? A GLU 456 ? 1_665 ZN ? E ZN . ? B ZN 2 ? 1_555 O   ? I HOH .  ? B HOH 14  ? 1_555 133.0 ? 
18 OE2 ? A GLU 27 ? A GLU 456 ? 1_665 ZN ? E ZN . ? B ZN 2 ? 1_555 OE1 ? B GLU 27 ? B GLU 456 ? 1_555 93.4  ? 
19 O   ? I HOH .  ? B HOH 14  ? 1_555 ZN ? E ZN . ? B ZN 2 ? 1_555 OE1 ? B GLU 27 ? B GLU 456 ? 1_555 104.0 ? 
20 OE2 ? A GLU 27 ? A GLU 456 ? 1_665 ZN ? E ZN . ? B ZN 2 ? 1_555 OE1 ? C GLU 27 ? C GLU 456 ? 1_565 103.3 ? 
21 O   ? I HOH .  ? B HOH 14  ? 1_555 ZN ? E ZN . ? B ZN 2 ? 1_555 OE1 ? C GLU 27 ? C GLU 456 ? 1_565 116.1 ? 
22 OE1 ? B GLU 27 ? B GLU 456 ? 1_555 ZN ? E ZN . ? B ZN 2 ? 1_555 OE1 ? C GLU 27 ? C GLU 456 ? 1_565 99.0  ? 
23 OE2 ? A GLU 27 ? A GLU 456 ? 1_665 ZN ? E ZN . ? B ZN 2 ? 1_555 OE2 ? C GLU 27 ? C GLU 456 ? 1_565 85.8  ? 
24 O   ? I HOH .  ? B HOH 14  ? 1_555 ZN ? E ZN . ? B ZN 2 ? 1_555 OE2 ? C GLU 27 ? C GLU 456 ? 1_565 97.0  ? 
25 OE1 ? B GLU 27 ? B GLU 456 ? 1_555 ZN ? E ZN . ? B ZN 2 ? 1_555 OE2 ? C GLU 27 ? C GLU 456 ? 1_565 151.5 ? 
26 OE1 ? C GLU 27 ? C GLU 456 ? 1_565 ZN ? E ZN . ? B ZN 2 ? 1_555 OE2 ? C GLU 27 ? C GLU 456 ? 1_565 53.9  ? 
27 O   ? I HOH .  ? B HOH 14  ? 1_555 ZN A F ZN . ? B ZN 3 ? 1_555 OD2 ? B ASP 23 ? B ASP 452 ? 1_555 108.3 ? 
28 O   ? I HOH .  ? B HOH 14  ? 1_555 ZN A F ZN . ? B ZN 3 ? 1_555 OE2 ? B GLU 27 ? B GLU 456 ? 1_555 100.5 ? 
29 OD2 ? B ASP 23 ? B ASP 452 ? 1_555 ZN A F ZN . ? B ZN 3 ? 1_555 OE2 ? B GLU 27 ? B GLU 456 ? 1_555 101.2 ? 
30 O   ? I HOH .  ? B HOH 14  ? 1_555 ZN B F ZN . ? B ZN 3 ? 1_555 O   ? I HOH .  ? B HOH 15  ? 1_555 108.7 ? 
31 O   ? I HOH .  ? B HOH 14  ? 1_555 ZN B F ZN . ? B ZN 3 ? 1_555 OD2 ? B ASP 23 ? B ASP 452 ? 1_555 162.1 ? 
32 O   ? I HOH .  ? B HOH 15  ? 1_555 ZN B F ZN . ? B ZN 3 ? 1_555 OD2 ? B ASP 23 ? B ASP 452 ? 1_555 77.2  ? 
33 O   ? I HOH .  ? B HOH 14  ? 1_555 ZN B F ZN . ? B ZN 3 ? 1_555 OE2 ? C GLU 20 ? C GLU 449 ? 1_565 108.0 ? 
34 O   ? I HOH .  ? B HOH 15  ? 1_555 ZN B F ZN . ? B ZN 3 ? 1_555 OE2 ? C GLU 20 ? C GLU 449 ? 1_565 129.6 ? 
35 OD2 ? B ASP 23 ? B ASP 452 ? 1_555 ZN B F ZN . ? B ZN 3 ? 1_555 OE2 ? C GLU 20 ? C GLU 449 ? 1_565 78.4  ? 
36 O   ? I HOH .  ? B HOH 15  ? 1_555 ZN A G ZN . ? B ZN 4 ? 1_555 O   ? I HOH .  ? B HOH 37  ? 1_555 139.6 ? 
37 O   ? I HOH .  ? B HOH 15  ? 1_555 ZN A G ZN . ? B ZN 4 ? 1_555 O   ? I HOH .  ? B HOH 90  ? 1_555 89.2  ? 
38 O   ? I HOH .  ? B HOH 37  ? 1_555 ZN A G ZN . ? B ZN 4 ? 1_555 O   ? I HOH .  ? B HOH 90  ? 1_555 129.3 ? 
39 O   ? I HOH .  ? B HOH 15  ? 1_555 ZN A G ZN . ? B ZN 4 ? 1_555 OE1 ? B GLU 20 ? B GLU 449 ? 1_555 96.8  ? 
40 O   ? I HOH .  ? B HOH 37  ? 1_555 ZN A G ZN . ? B ZN 4 ? 1_555 OE1 ? B GLU 20 ? B GLU 449 ? 1_555 68.3  ? 
41 O   ? I HOH .  ? B HOH 90  ? 1_555 ZN A G ZN . ? B ZN 4 ? 1_555 OE1 ? B GLU 20 ? B GLU 449 ? 1_555 99.7  ? 
42 O   ? I HOH .  ? B HOH 15  ? 1_555 ZN B G ZN . ? B ZN 4 ? 1_555 O   ? I HOH .  ? B HOH 37  ? 1_555 99.6  ? 
43 O   ? I HOH .  ? B HOH 15  ? 1_555 ZN B G ZN . ? B ZN 4 ? 1_555 O   ? I HOH .  ? B HOH 90  ? 1_555 108.5 ? 
44 O   ? I HOH .  ? B HOH 37  ? 1_555 ZN B G ZN . ? B ZN 4 ? 1_555 O   ? I HOH .  ? B HOH 90  ? 1_555 95.2  ? 
45 O   ? I HOH .  ? B HOH 15  ? 1_555 ZN B G ZN . ? B ZN 4 ? 1_555 OE1 ? B GLU 20 ? B GLU 449 ? 1_555 116.8 ? 
46 O   ? I HOH .  ? B HOH 37  ? 1_555 ZN B G ZN . ? B ZN 4 ? 1_555 OE1 ? B GLU 20 ? B GLU 449 ? 1_555 51.3  ? 
47 O   ? I HOH .  ? B HOH 90  ? 1_555 ZN B G ZN . ? B ZN 4 ? 1_555 OE1 ? B GLU 20 ? B GLU 449 ? 1_555 126.2 ? 
48 O   ? I HOH .  ? B HOH 15  ? 1_555 ZN B G ZN . ? B ZN 4 ? 1_555 OE2 ? B GLU 20 ? B GLU 449 ? 1_555 130.2 ? 
49 O   ? I HOH .  ? B HOH 37  ? 1_555 ZN B G ZN . ? B ZN 4 ? 1_555 OE2 ? B GLU 20 ? B GLU 449 ? 1_555 118.7 ? 
50 O   ? I HOH .  ? B HOH 90  ? 1_555 ZN B G ZN . ? B ZN 4 ? 1_555 OE2 ? B GLU 20 ? B GLU 449 ? 1_555 99.0  ? 
51 OE1 ? B GLU 20 ? B GLU 449 ? 1_555 ZN B G ZN . ? B ZN 4 ? 1_555 OE2 ? B GLU 20 ? B GLU 449 ? 1_555 73.1  ? 
# 
loop_
_struct_site.id 
_struct_site.pdbx_evidence_code 
_struct_site.pdbx_auth_asym_id 
_struct_site.pdbx_auth_comp_id 
_struct_site.pdbx_auth_seq_id 
_struct_site.pdbx_auth_ins_code 
_struct_site.pdbx_num_residues 
_struct_site.details 
AC1 Software A ZN 1 ? 4 'BINDING SITE FOR RESIDUE ZN A 1' 
AC2 Software B ZN 2 ? 5 'BINDING SITE FOR RESIDUE ZN B 2' 
AC3 Software B ZN 3 ? 8 'BINDING SITE FOR RESIDUE ZN B 3' 
AC4 Software B ZN 4 ? 7 'BINDING SITE FOR RESIDUE ZN B 4' 
# 
loop_
_struct_site_gen.id 
_struct_site_gen.site_id 
_struct_site_gen.pdbx_num_res 
_struct_site_gen.label_comp_id 
_struct_site_gen.label_asym_id 
_struct_site_gen.label_seq_id 
_struct_site_gen.pdbx_auth_ins_code 
_struct_site_gen.auth_comp_id 
_struct_site_gen.auth_asym_id 
_struct_site_gen.auth_seq_id 
_struct_site_gen.label_atom_id 
_struct_site_gen.label_alt_id 
_struct_site_gen.symmetry 
_struct_site_gen.details 
1  AC1 4 HOH H .  ? HOH A 21  . ? 1_555 ? 
2  AC1 4 GLU A 6  ? GLU A 435 . ? 1_555 ? 
3  AC1 4 GLU B 6  ? GLU B 435 . ? 1_455 ? 
4  AC1 4 GLU C 6  ? GLU C 435 . ? 1_565 ? 
5  AC2 5 GLU A 27 ? GLU A 456 . ? 1_665 ? 
6  AC2 5 ZN  F .  ? ZN  B 3   . ? 1_555 ? 
7  AC2 5 HOH I .  ? HOH B 14  . ? 1_555 ? 
8  AC2 5 GLU B 27 ? GLU B 456 . ? 1_555 ? 
9  AC2 5 GLU C 27 ? GLU C 456 . ? 1_565 ? 
10 AC3 8 GLU A 27 ? GLU A 456 . ? 1_665 ? 
11 AC3 8 ZN  E .  ? ZN  B 2   . ? 1_555 ? 
12 AC3 8 ZN  G .  ? ZN  B 4   . ? 1_555 ? 
13 AC3 8 HOH I .  ? HOH B 14  . ? 1_555 ? 
14 AC3 8 HOH I .  ? HOH B 15  . ? 1_555 ? 
15 AC3 8 ASP B 23 ? ASP B 452 . ? 1_555 ? 
16 AC3 8 GLU B 27 ? GLU B 456 . ? 1_555 ? 
17 AC3 8 GLU C 20 ? GLU C 449 . ? 1_565 ? 
18 AC4 7 GLU A 27 ? GLU A 456 . ? 1_665 ? 
19 AC4 7 ZN  F .  ? ZN  B 3   . ? 1_555 ? 
20 AC4 7 HOH I .  ? HOH B 15  . ? 1_555 ? 
21 AC4 7 HOH I .  ? HOH B 37  . ? 1_555 ? 
22 AC4 7 HOH I .  ? HOH B 90  . ? 1_555 ? 
23 AC4 7 GLU B 20 ? GLU B 449 . ? 1_555 ? 
24 AC4 7 GLU C 20 ? GLU C 449 . ? 1_565 ? 
# 
loop_
_pdbx_validate_close_contact.id 
_pdbx_validate_close_contact.PDB_model_num 
_pdbx_validate_close_contact.auth_atom_id_1 
_pdbx_validate_close_contact.auth_asym_id_1 
_pdbx_validate_close_contact.auth_comp_id_1 
_pdbx_validate_close_contact.auth_seq_id_1 
_pdbx_validate_close_contact.PDB_ins_code_1 
_pdbx_validate_close_contact.label_alt_id_1 
_pdbx_validate_close_contact.auth_atom_id_2 
_pdbx_validate_close_contact.auth_asym_id_2 
_pdbx_validate_close_contact.auth_comp_id_2 
_pdbx_validate_close_contact.auth_seq_id_2 
_pdbx_validate_close_contact.PDB_ins_code_2 
_pdbx_validate_close_contact.label_alt_id_2 
_pdbx_validate_close_contact.dist 
1 1 OD2 C ASP 452 ? ? O C HOH 87 ? ? 2.03 
2 1 OE1 B GLU 449 ? ? O B HOH 37 ? ? 2.16 
# 
_pdbx_validate_symm_contact.id                1 
_pdbx_validate_symm_contact.PDB_model_num     1 
_pdbx_validate_symm_contact.auth_atom_id_1    OE2 
_pdbx_validate_symm_contact.auth_asym_id_1    C 
_pdbx_validate_symm_contact.auth_comp_id_1    GLU 
_pdbx_validate_symm_contact.auth_seq_id_1     449 
_pdbx_validate_symm_contact.PDB_ins_code_1    ? 
_pdbx_validate_symm_contact.label_alt_id_1    ? 
_pdbx_validate_symm_contact.site_symmetry_1   1_555 
_pdbx_validate_symm_contact.auth_atom_id_2    ZN 
_pdbx_validate_symm_contact.auth_asym_id_2    B 
_pdbx_validate_symm_contact.auth_comp_id_2    ZN 
_pdbx_validate_symm_contact.auth_seq_id_2     3 
_pdbx_validate_symm_contact.PDB_ins_code_2    ? 
_pdbx_validate_symm_contact.label_alt_id_2    A 
_pdbx_validate_symm_contact.site_symmetry_2   1_545 
_pdbx_validate_symm_contact.dist              1.37 
# 
_pdbx_refine_tls.id               1 
_pdbx_refine_tls.details          ? 
_pdbx_refine_tls.method           refined 
_pdbx_refine_tls.origin_x         -5.5168 
_pdbx_refine_tls.origin_y         0.6160 
_pdbx_refine_tls.origin_z         0.8039 
_pdbx_refine_tls.T[1][1]          -0.0424 
_pdbx_refine_tls.T[2][2]          -0.0195 
_pdbx_refine_tls.T[3][3]          -0.0382 
_pdbx_refine_tls.T[1][2]          -0.0076 
_pdbx_refine_tls.T[1][3]          -0.0015 
_pdbx_refine_tls.T[2][3]          -0.0085 
_pdbx_refine_tls.L[1][1]          0.0165 
_pdbx_refine_tls.L[2][2]          3.6203 
_pdbx_refine_tls.L[3][3]          22.1105 
_pdbx_refine_tls.L[1][2]          -0.2445 
_pdbx_refine_tls.L[1][3]          -0.6042 
_pdbx_refine_tls.L[2][3]          8.9469 
_pdbx_refine_tls.S[1][1]          -0.0915 
_pdbx_refine_tls.S[1][2]          0.0337 
_pdbx_refine_tls.S[1][3]          -0.0139 
_pdbx_refine_tls.S[2][1]          0.0097 
_pdbx_refine_tls.S[2][2]          -0.0070 
_pdbx_refine_tls.S[2][3]          0.0543 
_pdbx_refine_tls.S[3][1]          0.1290 
_pdbx_refine_tls.S[3][2]          -0.1223 
_pdbx_refine_tls.S[3][3]          0.0985 
_pdbx_refine_tls.pdbx_refine_id   'X-RAY DIFFRACTION' 
# 
_pdbx_refine_tls_group.id                  1 
_pdbx_refine_tls_group.refine_tls_id       1 
_pdbx_refine_tls_group.beg_auth_asym_id    A 
_pdbx_refine_tls_group.beg_auth_seq_id     430 
_pdbx_refine_tls_group.beg_label_asym_id   A 
_pdbx_refine_tls_group.beg_label_seq_id    1 
_pdbx_refine_tls_group.end_auth_asym_id    A 
_pdbx_refine_tls_group.end_auth_seq_id     461 
_pdbx_refine_tls_group.end_label_asym_id   A 
_pdbx_refine_tls_group.end_label_seq_id    32 
_pdbx_refine_tls_group.selection           ? 
_pdbx_refine_tls_group.pdbx_refine_id      'X-RAY DIFFRACTION' 
_pdbx_refine_tls_group.selection_details   ? 
# 
loop_
_chem_comp_atom.comp_id 
_chem_comp_atom.atom_id 
_chem_comp_atom.type_symbol 
_chem_comp_atom.pdbx_aromatic_flag 
_chem_comp_atom.pdbx_stereo_config 
_chem_comp_atom.pdbx_ordinal 
ALA N    N  N N 1   
ALA CA   C  N S 2   
ALA C    C  N N 3   
ALA O    O  N N 4   
ALA CB   C  N N 5   
ALA OXT  O  N N 6   
ALA H    H  N N 7   
ALA H2   H  N N 8   
ALA HA   H  N N 9   
ALA HB1  H  N N 10  
ALA HB2  H  N N 11  
ALA HB3  H  N N 12  
ALA HXT  H  N N 13  
ARG N    N  N N 14  
ARG CA   C  N S 15  
ARG C    C  N N 16  
ARG O    O  N N 17  
ARG CB   C  N N 18  
ARG CG   C  N N 19  
ARG CD   C  N N 20  
ARG NE   N  N N 21  
ARG CZ   C  N N 22  
ARG NH1  N  N N 23  
ARG NH2  N  N N 24  
ARG OXT  O  N N 25  
ARG H    H  N N 26  
ARG H2   H  N N 27  
ARG HA   H  N N 28  
ARG HB2  H  N N 29  
ARG HB3  H  N N 30  
ARG HG2  H  N N 31  
ARG HG3  H  N N 32  
ARG HD2  H  N N 33  
ARG HD3  H  N N 34  
ARG HE   H  N N 35  
ARG HH11 H  N N 36  
ARG HH12 H  N N 37  
ARG HH21 H  N N 38  
ARG HH22 H  N N 39  
ARG HXT  H  N N 40  
ASN N    N  N N 41  
ASN CA   C  N S 42  
ASN C    C  N N 43  
ASN O    O  N N 44  
ASN CB   C  N N 45  
ASN CG   C  N N 46  
ASN OD1  O  N N 47  
ASN ND2  N  N N 48  
ASN OXT  O  N N 49  
ASN H    H  N N 50  
ASN H2   H  N N 51  
ASN HA   H  N N 52  
ASN HB2  H  N N 53  
ASN HB3  H  N N 54  
ASN HD21 H  N N 55  
ASN HD22 H  N N 56  
ASN HXT  H  N N 57  
ASP N    N  N N 58  
ASP CA   C  N S 59  
ASP C    C  N N 60  
ASP O    O  N N 61  
ASP CB   C  N N 62  
ASP CG   C  N N 63  
ASP OD1  O  N N 64  
ASP OD2  O  N N 65  
ASP OXT  O  N N 66  
ASP H    H  N N 67  
ASP H2   H  N N 68  
ASP HA   H  N N 69  
ASP HB2  H  N N 70  
ASP HB3  H  N N 71  
ASP HD2  H  N N 72  
ASP HXT  H  N N 73  
GLN N    N  N N 74  
GLN CA   C  N S 75  
GLN C    C  N N 76  
GLN O    O  N N 77  
GLN CB   C  N N 78  
GLN CG   C  N N 79  
GLN CD   C  N N 80  
GLN OE1  O  N N 81  
GLN NE2  N  N N 82  
GLN OXT  O  N N 83  
GLN H    H  N N 84  
GLN H2   H  N N 85  
GLN HA   H  N N 86  
GLN HB2  H  N N 87  
GLN HB3  H  N N 88  
GLN HG2  H  N N 89  
GLN HG3  H  N N 90  
GLN HE21 H  N N 91  
GLN HE22 H  N N 92  
GLN HXT  H  N N 93  
GLU N    N  N N 94  
GLU CA   C  N S 95  
GLU C    C  N N 96  
GLU O    O  N N 97  
GLU CB   C  N N 98  
GLU CG   C  N N 99  
GLU CD   C  N N 100 
GLU OE1  O  N N 101 
GLU OE2  O  N N 102 
GLU OXT  O  N N 103 
GLU H    H  N N 104 
GLU H2   H  N N 105 
GLU HA   H  N N 106 
GLU HB2  H  N N 107 
GLU HB3  H  N N 108 
GLU HG2  H  N N 109 
GLU HG3  H  N N 110 
GLU HE2  H  N N 111 
GLU HXT  H  N N 112 
HOH O    O  N N 113 
HOH H1   H  N N 114 
HOH H2   H  N N 115 
ILE N    N  N N 116 
ILE CA   C  N S 117 
ILE C    C  N N 118 
ILE O    O  N N 119 
ILE CB   C  N S 120 
ILE CG1  C  N N 121 
ILE CG2  C  N N 122 
ILE CD1  C  N N 123 
ILE OXT  O  N N 124 
ILE H    H  N N 125 
ILE H2   H  N N 126 
ILE HA   H  N N 127 
ILE HB   H  N N 128 
ILE HG12 H  N N 129 
ILE HG13 H  N N 130 
ILE HG21 H  N N 131 
ILE HG22 H  N N 132 
ILE HG23 H  N N 133 
ILE HD11 H  N N 134 
ILE HD12 H  N N 135 
ILE HD13 H  N N 136 
ILE HXT  H  N N 137 
LEU N    N  N N 138 
LEU CA   C  N S 139 
LEU C    C  N N 140 
LEU O    O  N N 141 
LEU CB   C  N N 142 
LEU CG   C  N N 143 
LEU CD1  C  N N 144 
LEU CD2  C  N N 145 
LEU OXT  O  N N 146 
LEU H    H  N N 147 
LEU H2   H  N N 148 
LEU HA   H  N N 149 
LEU HB2  H  N N 150 
LEU HB3  H  N N 151 
LEU HG   H  N N 152 
LEU HD11 H  N N 153 
LEU HD12 H  N N 154 
LEU HD13 H  N N 155 
LEU HD21 H  N N 156 
LEU HD22 H  N N 157 
LEU HD23 H  N N 158 
LEU HXT  H  N N 159 
LYS N    N  N N 160 
LYS CA   C  N S 161 
LYS C    C  N N 162 
LYS O    O  N N 163 
LYS CB   C  N N 164 
LYS CG   C  N N 165 
LYS CD   C  N N 166 
LYS CE   C  N N 167 
LYS NZ   N  N N 168 
LYS OXT  O  N N 169 
LYS H    H  N N 170 
LYS H2   H  N N 171 
LYS HA   H  N N 172 
LYS HB2  H  N N 173 
LYS HB3  H  N N 174 
LYS HG2  H  N N 175 
LYS HG3  H  N N 176 
LYS HD2  H  N N 177 
LYS HD3  H  N N 178 
LYS HE2  H  N N 179 
LYS HE3  H  N N 180 
LYS HZ1  H  N N 181 
LYS HZ2  H  N N 182 
LYS HZ3  H  N N 183 
LYS HXT  H  N N 184 
SER N    N  N N 185 
SER CA   C  N S 186 
SER C    C  N N 187 
SER O    O  N N 188 
SER CB   C  N N 189 
SER OG   O  N N 190 
SER OXT  O  N N 191 
SER H    H  N N 192 
SER H2   H  N N 193 
SER HA   H  N N 194 
SER HB2  H  N N 195 
SER HB3  H  N N 196 
SER HG   H  N N 197 
SER HXT  H  N N 198 
THR N    N  N N 199 
THR CA   C  N S 200 
THR C    C  N N 201 
THR O    O  N N 202 
THR CB   C  N R 203 
THR OG1  O  N N 204 
THR CG2  C  N N 205 
THR OXT  O  N N 206 
THR H    H  N N 207 
THR H2   H  N N 208 
THR HA   H  N N 209 
THR HB   H  N N 210 
THR HG1  H  N N 211 
THR HG21 H  N N 212 
THR HG22 H  N N 213 
THR HG23 H  N N 214 
THR HXT  H  N N 215 
VAL N    N  N N 216 
VAL CA   C  N S 217 
VAL C    C  N N 218 
VAL O    O  N N 219 
VAL CB   C  N N 220 
VAL CG1  C  N N 221 
VAL CG2  C  N N 222 
VAL OXT  O  N N 223 
VAL H    H  N N 224 
VAL H2   H  N N 225 
VAL HA   H  N N 226 
VAL HB   H  N N 227 
VAL HG11 H  N N 228 
VAL HG12 H  N N 229 
VAL HG13 H  N N 230 
VAL HG21 H  N N 231 
VAL HG22 H  N N 232 
VAL HG23 H  N N 233 
VAL HXT  H  N N 234 
ZN  ZN   ZN N N 235 
# 
loop_
_chem_comp_bond.comp_id 
_chem_comp_bond.atom_id_1 
_chem_comp_bond.atom_id_2 
_chem_comp_bond.value_order 
_chem_comp_bond.pdbx_aromatic_flag 
_chem_comp_bond.pdbx_stereo_config 
_chem_comp_bond.pdbx_ordinal 
ALA N   CA   sing N N 1   
ALA N   H    sing N N 2   
ALA N   H2   sing N N 3   
ALA CA  C    sing N N 4   
ALA CA  CB   sing N N 5   
ALA CA  HA   sing N N 6   
ALA C   O    doub N N 7   
ALA C   OXT  sing N N 8   
ALA CB  HB1  sing N N 9   
ALA CB  HB2  sing N N 10  
ALA CB  HB3  sing N N 11  
ALA OXT HXT  sing N N 12  
ARG N   CA   sing N N 13  
ARG N   H    sing N N 14  
ARG N   H2   sing N N 15  
ARG CA  C    sing N N 16  
ARG CA  CB   sing N N 17  
ARG CA  HA   sing N N 18  
ARG C   O    doub N N 19  
ARG C   OXT  sing N N 20  
ARG CB  CG   sing N N 21  
ARG CB  HB2  sing N N 22  
ARG CB  HB3  sing N N 23  
ARG CG  CD   sing N N 24  
ARG CG  HG2  sing N N 25  
ARG CG  HG3  sing N N 26  
ARG CD  NE   sing N N 27  
ARG CD  HD2  sing N N 28  
ARG CD  HD3  sing N N 29  
ARG NE  CZ   sing N N 30  
ARG NE  HE   sing N N 31  
ARG CZ  NH1  sing N N 32  
ARG CZ  NH2  doub N N 33  
ARG NH1 HH11 sing N N 34  
ARG NH1 HH12 sing N N 35  
ARG NH2 HH21 sing N N 36  
ARG NH2 HH22 sing N N 37  
ARG OXT HXT  sing N N 38  
ASN N   CA   sing N N 39  
ASN N   H    sing N N 40  
ASN N   H2   sing N N 41  
ASN CA  C    sing N N 42  
ASN CA  CB   sing N N 43  
ASN CA  HA   sing N N 44  
ASN C   O    doub N N 45  
ASN C   OXT  sing N N 46  
ASN CB  CG   sing N N 47  
ASN CB  HB2  sing N N 48  
ASN CB  HB3  sing N N 49  
ASN CG  OD1  doub N N 50  
ASN CG  ND2  sing N N 51  
ASN ND2 HD21 sing N N 52  
ASN ND2 HD22 sing N N 53  
ASN OXT HXT  sing N N 54  
ASP N   CA   sing N N 55  
ASP N   H    sing N N 56  
ASP N   H2   sing N N 57  
ASP CA  C    sing N N 58  
ASP CA  CB   sing N N 59  
ASP CA  HA   sing N N 60  
ASP C   O    doub N N 61  
ASP C   OXT  sing N N 62  
ASP CB  CG   sing N N 63  
ASP CB  HB2  sing N N 64  
ASP CB  HB3  sing N N 65  
ASP CG  OD1  doub N N 66  
ASP CG  OD2  sing N N 67  
ASP OD2 HD2  sing N N 68  
ASP OXT HXT  sing N N 69  
GLN N   CA   sing N N 70  
GLN N   H    sing N N 71  
GLN N   H2   sing N N 72  
GLN CA  C    sing N N 73  
GLN CA  CB   sing N N 74  
GLN CA  HA   sing N N 75  
GLN C   O    doub N N 76  
GLN C   OXT  sing N N 77  
GLN CB  CG   sing N N 78  
GLN CB  HB2  sing N N 79  
GLN CB  HB3  sing N N 80  
GLN CG  CD   sing N N 81  
GLN CG  HG2  sing N N 82  
GLN CG  HG3  sing N N 83  
GLN CD  OE1  doub N N 84  
GLN CD  NE2  sing N N 85  
GLN NE2 HE21 sing N N 86  
GLN NE2 HE22 sing N N 87  
GLN OXT HXT  sing N N 88  
GLU N   CA   sing N N 89  
GLU N   H    sing N N 90  
GLU N   H2   sing N N 91  
GLU CA  C    sing N N 92  
GLU CA  CB   sing N N 93  
GLU CA  HA   sing N N 94  
GLU C   O    doub N N 95  
GLU C   OXT  sing N N 96  
GLU CB  CG   sing N N 97  
GLU CB  HB2  sing N N 98  
GLU CB  HB3  sing N N 99  
GLU CG  CD   sing N N 100 
GLU CG  HG2  sing N N 101 
GLU CG  HG3  sing N N 102 
GLU CD  OE1  doub N N 103 
GLU CD  OE2  sing N N 104 
GLU OE2 HE2  sing N N 105 
GLU OXT HXT  sing N N 106 
HOH O   H1   sing N N 107 
HOH O   H2   sing N N 108 
ILE N   CA   sing N N 109 
ILE N   H    sing N N 110 
ILE N   H2   sing N N 111 
ILE CA  C    sing N N 112 
ILE CA  CB   sing N N 113 
ILE CA  HA   sing N N 114 
ILE C   O    doub N N 115 
ILE C   OXT  sing N N 116 
ILE CB  CG1  sing N N 117 
ILE CB  CG2  sing N N 118 
ILE CB  HB   sing N N 119 
ILE CG1 CD1  sing N N 120 
ILE CG1 HG12 sing N N 121 
ILE CG1 HG13 sing N N 122 
ILE CG2 HG21 sing N N 123 
ILE CG2 HG22 sing N N 124 
ILE CG2 HG23 sing N N 125 
ILE CD1 HD11 sing N N 126 
ILE CD1 HD12 sing N N 127 
ILE CD1 HD13 sing N N 128 
ILE OXT HXT  sing N N 129 
LEU N   CA   sing N N 130 
LEU N   H    sing N N 131 
LEU N   H2   sing N N 132 
LEU CA  C    sing N N 133 
LEU CA  CB   sing N N 134 
LEU CA  HA   sing N N 135 
LEU C   O    doub N N 136 
LEU C   OXT  sing N N 137 
LEU CB  CG   sing N N 138 
LEU CB  HB2  sing N N 139 
LEU CB  HB3  sing N N 140 
LEU CG  CD1  sing N N 141 
LEU CG  CD2  sing N N 142 
LEU CG  HG   sing N N 143 
LEU CD1 HD11 sing N N 144 
LEU CD1 HD12 sing N N 145 
LEU CD1 HD13 sing N N 146 
LEU CD2 HD21 sing N N 147 
LEU CD2 HD22 sing N N 148 
LEU CD2 HD23 sing N N 149 
LEU OXT HXT  sing N N 150 
LYS N   CA   sing N N 151 
LYS N   H    sing N N 152 
LYS N   H2   sing N N 153 
LYS CA  C    sing N N 154 
LYS CA  CB   sing N N 155 
LYS CA  HA   sing N N 156 
LYS C   O    doub N N 157 
LYS C   OXT  sing N N 158 
LYS CB  CG   sing N N 159 
LYS CB  HB2  sing N N 160 
LYS CB  HB3  sing N N 161 
LYS CG  CD   sing N N 162 
LYS CG  HG2  sing N N 163 
LYS CG  HG3  sing N N 164 
LYS CD  CE   sing N N 165 
LYS CD  HD2  sing N N 166 
LYS CD  HD3  sing N N 167 
LYS CE  NZ   sing N N 168 
LYS CE  HE2  sing N N 169 
LYS CE  HE3  sing N N 170 
LYS NZ  HZ1  sing N N 171 
LYS NZ  HZ2  sing N N 172 
LYS NZ  HZ3  sing N N 173 
LYS OXT HXT  sing N N 174 
SER N   CA   sing N N 175 
SER N   H    sing N N 176 
SER N   H2   sing N N 177 
SER CA  C    sing N N 178 
SER CA  CB   sing N N 179 
SER CA  HA   sing N N 180 
SER C   O    doub N N 181 
SER C   OXT  sing N N 182 
SER CB  OG   sing N N 183 
SER CB  HB2  sing N N 184 
SER CB  HB3  sing N N 185 
SER OG  HG   sing N N 186 
SER OXT HXT  sing N N 187 
THR N   CA   sing N N 188 
THR N   H    sing N N 189 
THR N   H2   sing N N 190 
THR CA  C    sing N N 191 
THR CA  CB   sing N N 192 
THR CA  HA   sing N N 193 
THR C   O    doub N N 194 
THR C   OXT  sing N N 195 
THR CB  OG1  sing N N 196 
THR CB  CG2  sing N N 197 
THR CB  HB   sing N N 198 
THR OG1 HG1  sing N N 199 
THR CG2 HG21 sing N N 200 
THR CG2 HG22 sing N N 201 
THR CG2 HG23 sing N N 202 
THR OXT HXT  sing N N 203 
VAL N   CA   sing N N 204 
VAL N   H    sing N N 205 
VAL N   H2   sing N N 206 
VAL CA  C    sing N N 207 
VAL CA  CB   sing N N 208 
VAL CA  HA   sing N N 209 
VAL C   O    doub N N 210 
VAL C   OXT  sing N N 211 
VAL CB  CG1  sing N N 212 
VAL CB  CG2  sing N N 213 
VAL CB  HB   sing N N 214 
VAL CG1 HG11 sing N N 215 
VAL CG1 HG12 sing N N 216 
VAL CG1 HG13 sing N N 217 
VAL CG2 HG21 sing N N 218 
VAL CG2 HG22 sing N N 219 
VAL CG2 HG23 sing N N 220 
VAL OXT HXT  sing N N 221 
# 
_atom_sites.entry_id                    2AKF 
_atom_sites.fract_transf_matrix[1][1]   0.04224840 
_atom_sites.fract_transf_matrix[1][2]   0.02330521 
_atom_sites.fract_transf_matrix[1][3]   0.01073229 
_atom_sites.fract_transf_matrix[2][1]   0.00125763 
_atom_sites.fract_transf_matrix[2][2]   0.04908013 
_atom_sites.fract_transf_matrix[2][3]   0.00251835 
_atom_sites.fract_transf_matrix[3][1]   -0.00221591 
_atom_sites.fract_transf_matrix[3][2]   0.00155115 
_atom_sites.fract_transf_matrix[3][3]   0.02169302 
_atom_sites.fract_transf_vector[1]      0.032237 
_atom_sites.fract_transf_vector[2]      -0.002789 
_atom_sites.fract_transf_vector[3]      0.039741 
# 
loop_
_atom_type.symbol 
C  
N  
O  
ZN 
# 
loop_
_atom_site.group_PDB 
_atom_site.id 
_atom_site.type_symbol 
_atom_site.label_atom_id 
_atom_site.label_alt_id 
_atom_site.label_comp_id 
_atom_site.label_asym_id 
_atom_site.label_entity_id 
_atom_site.label_seq_id 
_atom_site.pdbx_PDB_ins_code 
_atom_site.Cartn_x 
_atom_site.Cartn_y 
_atom_site.Cartn_z 
_atom_site.occupancy 
_atom_site.B_iso_or_equiv 
_atom_site.pdbx_formal_charge 
_atom_site.auth_seq_id 
_atom_site.auth_comp_id 
_atom_site.auth_asym_id 
_atom_site.auth_atom_id 
_atom_site.pdbx_PDB_model_num 
ATOM   1   N  N   . VAL A 1 1  ? -9.819  8.466   20.532  1.00 14.47 ? 430 VAL A N   1 
ATOM   2   C  CA  . VAL A 1 1  ? -8.714  7.468   20.610  1.00 15.32 ? 430 VAL A CA  1 
ATOM   3   C  C   . VAL A 1 1  ? -7.398  8.221   20.476  1.00 15.53 ? 430 VAL A C   1 
ATOM   4   O  O   . VAL A 1 1  ? -7.373  9.348   19.997  1.00 15.54 ? 430 VAL A O   1 
ATOM   5   C  CB  . VAL A 1 1  ? -8.833  6.338   19.582  1.00 15.33 ? 430 VAL A CB  1 
ATOM   6   C  CG1 . VAL A 1 1  ? -10.208 5.620   19.748  1.00 14.19 ? 430 VAL A CG1 1 
ATOM   7   C  CG2 . VAL A 1 1  ? -8.629  6.828   18.164  1.00 14.20 ? 430 VAL A CG2 1 
ATOM   8   N  N   . SER A 1 2  ? -6.305  7.585   20.865  1.00 15.80 ? 431 SER A N   1 
ATOM   9   C  CA  . SER A 1 2  ? -5.001  8.192   20.780  1.00 16.12 ? 431 SER A CA  1 
ATOM   10  C  C   . SER A 1 2  ? -4.542  8.403   19.352  1.00 15.33 ? 431 SER A C   1 
ATOM   11  O  O   . SER A 1 2  ? -5.023  7.758   18.412  1.00 15.37 ? 431 SER A O   1 
ATOM   12  C  CB  . SER A 1 2  ? -3.935  7.364   21.492  1.00 17.61 ? 431 SER A CB  1 
ATOM   13  O  OG  . SER A 1 2  ? -3.737  6.165   20.757  1.00 17.40 ? 431 SER A OG  1 
ATOM   14  N  N   . ARG A 1 3  ? -3.563  9.272   19.169  1.00 15.59 ? 432 ARG A N   1 
ATOM   15  C  CA  . ARG A 1 3  ? -2.994  9.491   17.849  1.00 16.00 ? 432 ARG A CA  1 
ATOM   16  C  C   . ARG A 1 3  ? -2.479  8.215   17.213  1.00 14.98 ? 432 ARG A C   1 
ATOM   17  O  O   . ARG A 1 3  ? -2.701  7.986   16.027  1.00 15.35 ? 432 ARG A O   1 
ATOM   18  C  CB  . ARG A 1 3  ? -1.845  10.544  17.967  1.00 18.22 ? 432 ARG A CB  1 
ATOM   19  C  CG  . ARG A 1 3  ? -1.157  10.944  16.677  1.00 21.19 ? 432 ARG A CG  1 
ATOM   20  C  CD  . ARG A 1 3  ? 0.215   11.624  16.864  1.00 25.22 ? 432 ARG A CD  1 
ATOM   21  N  NE  . ARG A 1 3  ? 1.068   11.506  15.671  1.00 28.70 ? 432 ARG A NE  1 
ATOM   22  C  CZ  . ARG A 1 3  ? 1.687   12.507  15.022  1.00 28.53 ? 432 ARG A CZ  1 
ATOM   23  N  NH1 . ARG A 1 3  ? 1.622   13.773  15.444  1.00 30.50 ? 432 ARG A NH1 1 
ATOM   24  N  NH2 . ARG A 1 3  ? 2.414   12.225  13.946  1.00 29.85 ? 432 ARG A NH2 1 
ATOM   25  N  N   . LEU A 1 4  ? -1.816  7.372   17.991  1.00 16.08 ? 433 LEU A N   1 
ATOM   26  C  CA  . LEU A 1 4  ? -1.335  6.129   17.440  1.00 16.96 ? 433 LEU A CA  1 
ATOM   27  C  C   . LEU A 1 4  ? -2.449  5.210   16.994  1.00 16.70 ? 433 LEU A C   1 
ATOM   28  O  O   . LEU A 1 4  ? -2.373  4.623   15.923  1.00 17.05 ? 433 LEU A O   1 
ATOM   29  C  CB  . LEU A 1 4  ? -0.492  5.429   18.489  1.00 18.84 ? 433 LEU A CB  1 
ATOM   30  C  CG  . LEU A 1 4  ? 0.591   4.455   18.112  1.00 21.11 ? 433 LEU A CG  1 
ATOM   31  C  CD1 . LEU A 1 4  ? 1.498   4.932   16.982  1.00 22.86 ? 433 LEU A CD1 1 
ATOM   32  C  CD2 . LEU A 1 4  ? 1.417   4.160   19.372  1.00 21.53 ? 433 LEU A CD2 1 
ATOM   33  N  N   . GLU A 1 5  ? -3.492  5.091   17.800  1.00 15.76 ? 434 GLU A N   1 
ATOM   34  C  CA  . GLU A 1 5  ? -4.644  4.271   17.444  1.00 16.34 ? 434 GLU A CA  1 
ATOM   35  C  C   . GLU A 1 5  ? -5.290  4.791   16.163  1.00 15.39 ? 434 GLU A C   1 
ATOM   36  O  O   . GLU A 1 5  ? -5.672  4.015   15.284  1.00 15.67 ? 434 GLU A O   1 
ATOM   37  C  CB  . GLU A 1 5  ? -5.658  4.221   18.589  1.00 16.80 ? 434 GLU A CB  1 
ATOM   38  C  CG  . GLU A 1 5  ? -5.193  3.462   19.828  1.00 19.99 ? 434 GLU A CG  1 
ATOM   39  C  CD  . GLU A 1 5  ? -6.116  3.702   21.029  1.00 22.37 ? 434 GLU A CD  1 
ATOM   40  O  OE1 . GLU A 1 5  ? -6.219  4.826   21.582  1.00 31.31 ? 434 GLU A OE1 1 
ATOM   41  O  OE2 . GLU A 1 5  ? -6.740  2.706   21.463  1.00 32.73 ? 434 GLU A OE2 1 
ATOM   42  N  N   . GLU A 1 6  ? -5.435  6.111   16.087  1.00 14.26 ? 435 GLU A N   1 
ATOM   43  C  CA  . GLU A 1 6  ? -5.975  6.719   14.875  1.00 13.83 ? 435 GLU A CA  1 
ATOM   44  C  C   . GLU A 1 6  ? -5.123  6.464   13.642  1.00 14.15 ? 435 GLU A C   1 
ATOM   45  O  O   . GLU A 1 6  ? -5.614  6.094   12.579  1.00 14.60 ? 435 GLU A O   1 
ATOM   46  C  CB  . GLU A 1 6  ? -6.204  8.209   15.084  1.00 12.85 ? 435 GLU A CB  1 
ATOM   47  C  CG  . GLU A 1 6  ? -6.557  8.953   13.805  1.00 12.48 ? 435 GLU A CG  1 
ATOM   48  C  CD  . GLU A 1 6  ? -7.773  8.451   13.071  1.00 13.05 ? 435 GLU A CD  1 
ATOM   49  O  OE1 . GLU A 1 6  ? -8.689  7.899   13.710  1.00 13.08 ? 435 GLU A OE1 1 
ATOM   50  O  OE2 . GLU A 1 6  ? -7.834  8.711   11.824  1.00 13.47 ? 435 GLU A OE2 1 
ATOM   51  N  N   . ASP A 1 7  ? -3.817  6.657   13.784  1.00 13.71 ? 436 ASP A N   1 
ATOM   52  C  CA  . ASP A 1 7  ? -2.918  6.477   12.646  1.00 14.45 ? 436 ASP A CA  1 
ATOM   53  C  C   . ASP A 1 7  ? -2.966  5.036   12.155  1.00 14.37 ? 436 ASP A C   1 
ATOM   54  O  O   . ASP A 1 7  ? -2.933  4.799   10.946  1.00 15.06 ? 436 ASP A O   1 
ATOM   55  C  CB  . ASP A 1 7  ? -1.504  6.828   13.014  1.00 13.68 ? 436 ASP A CB  1 
ATOM   56  C  CG  . ASP A 1 7  ? -1.259  8.302   13.093  1.00 17.48 ? 436 ASP A CG  1 
ATOM   57  O  OD1 . ASP A 1 7  ? -2.055  9.144   12.545  1.00 20.77 ? 436 ASP A OD1 1 
ATOM   58  O  OD2 . ASP A 1 7  ? -0.257  8.698   13.720  1.00 19.72 ? 436 ASP A OD2 1 
ATOM   59  N  N   . VAL A 1 8  ? -2.982  4.085   13.071  1.00 13.30 ? 437 VAL A N   1 
ATOM   60  C  CA  . VAL A 1 8  ? -3.024  2.682   12.670  1.00 12.90 ? 437 VAL A CA  1 
ATOM   61  C  C   . VAL A 1 8  ? -4.350  2.329   11.986  1.00 14.69 ? 437 VAL A C   1 
ATOM   62  O  O   . VAL A 1 8  ? -4.348  1.693   10.946  1.00 14.28 ? 437 VAL A O   1 
ATOM   63  C  CB  . VAL A 1 8  ? -2.740  1.780   13.874  1.00 11.70 ? 437 VAL A CB  1 
ATOM   64  C  CG1 . VAL A 1 8  ? -2.970  0.317   13.545  1.00 13.22 ? 437 VAL A CG1 1 
ATOM   65  C  CG2 . VAL A 1 8  ? -1.290  1.960   14.321  1.00 11.57 ? 437 VAL A CG2 1 
ATOM   66  N  N   . ARG A 1 9  ? -5.507  2.768   12.514  1.00 14.75 ? 438 ARG A N   1 
ATOM   67  C  CA  . ARG A 1 9  ? -6.771  2.405   11.842  1.00 15.08 ? 438 ARG A CA  1 
ATOM   68  C  C   . ARG A 1 9  ? -6.907  3.118   10.496  1.00 16.33 ? 438 ARG A C   1 
ATOM   69  O  O   . ARG A 1 9  ? -7.422  2.551   9.549   1.00 16.50 ? 438 ARG A O   1 
ATOM   70  C  CB  . ARG A 1 9  ? -8.023  2.552   12.722  1.00 15.61 ? 438 ARG A CB  1 
ATOM   71  C  CG  . ARG A 1 9  ? -8.404  3.992   12.980  1.00 14.60 ? 438 ARG A CG  1 
ATOM   72  C  CD  . ARG A 1 9  ? -9.377  4.107   14.162  1.00 12.59 ? 438 ARG A CD  1 
ATOM   73  N  NE  . ARG A 1 9  ? -9.907  5.448   14.305  1.00 11.71 ? 438 ARG A NE  1 
ATOM   74  C  CZ  . ARG A 1 9  ? -10.726 5.837   15.275  1.00 9.49  ? 438 ARG A CZ  1 
ATOM   75  N  NH1 . ARG A 1 9  ? -11.070 4.994   16.211  1.00 9.42  ? 438 ARG A NH1 1 
ATOM   76  N  NH2 . ARG A 1 9  ? -11.166 7.061   15.271  1.00 10.40 ? 438 ARG A NH2 1 
ATOM   77  N  N   . ASN A 1 10 ? -6.356  4.321   10.385  1.00 15.86 ? 439 ASN A N   1 
ATOM   78  C  CA  . ASN A 1 10 ? -6.317  5.034   9.115   1.00 17.39 ? 439 ASN A CA  1 
ATOM   79  C  C   . ASN A 1 10 ? -5.473  4.273   8.093   1.00 16.45 ? 439 ASN A C   1 
ATOM   80  O  O   . ASN A 1 10 ? -5.875  4.089   6.957   1.00 17.68 ? 439 ASN A O   1 
ATOM   81  C  CB  . ASN A 1 10 ? -5.781  6.451   9.332   1.00 17.18 ? 439 ASN A CB  1 
ATOM   82  C  CG  . ASN A 1 10 ? -5.767  7.274   8.062   1.00 19.71 ? 439 ASN A CG  1 
ATOM   83  O  OD1 . ASN A 1 10 ? -6.767  7.406   7.416   1.00 25.01 ? 439 ASN A OD1 1 
ATOM   84  N  ND2 . ASN A 1 10 ? -4.615  7.804   7.706   1.00 20.42 ? 439 ASN A ND2 1 
ATOM   85  N  N   . LEU A 1 11 ? -4.279  3.840   8.484   1.00 16.08 ? 440 LEU A N   1 
ATOM   86  C  CA  . LEU A 1 11 ? -3.423  3.027   7.616   1.00 15.83 ? 440 LEU A CA  1 
ATOM   87  C  C   . LEU A 1 11 ? -4.108  1.754   7.171   1.00 16.06 ? 440 LEU A C   1 
ATOM   88  O  O   . LEU A 1 11 ? -4.026  1.352   6.019   1.00 16.35 ? 440 LEU A O   1 
ATOM   89  C  CB  . LEU A 1 11 ? -2.113  2.684   8.339   1.00 15.01 ? 440 LEU A CB  1 
ATOM   90  C  CG  . LEU A 1 11 ? -1.099  3.808   8.343   1.00 15.13 ? 440 LEU A CG  1 
ATOM   91  C  CD1 . LEU A 1 11 ? -0.037  3.514   9.405   1.00 15.16 ? 440 LEU A CD1 1 
ATOM   92  C  CD2 . LEU A 1 11 ? -0.446  3.980   6.975   1.00 18.32 ? 440 LEU A CD2 1 
ATOM   93  N  N   . ASN A 1 12 ? -4.810  1.118   8.073   1.00 15.07 ? 441 ASN A N   1 
ATOM   94  C  CA  . ASN A 1 12 ? -5.588  -0.073  7.701   1.00 16.23 ? 441 ASN A CA  1 
ATOM   95  C  C   . ASN A 1 12 ? -6.614  0.239   6.586   1.00 16.52 ? 441 ASN A C   1 
ATOM   96  O  O   . ASN A 1 12 ? -6.721  -0.481  5.598   1.00 17.97 ? 441 ASN A O   1 
ATOM   97  C  CB  . ASN A 1 12 ? -6.305  -0.667  8.944   1.00 16.44 ? 441 ASN A CB  1 
ATOM   98  C  CG  . ASN A 1 12 ? -5.364  -1.474  9.904   1.00 18.41 ? 441 ASN A CG  1 
ATOM   99  O  OD1 . ASN A 1 12 ? -4.337  -2.000  9.506   1.00 21.36 ? 441 ASN A OD1 1 
ATOM   100 N  ND2 . ASN A 1 12 ? -5.784  -1.608  11.178  1.00 20.91 ? 441 ASN A ND2 1 
ATOM   101 N  N   . ALA A 1 13 ? -7.315  1.353   6.712   1.00 17.04 ? 442 ALA A N   1 
ATOM   102 C  CA  . ALA A 1 13 ? -8.297  1.717   5.712   1.00 18.41 ? 442 ALA A CA  1 
ATOM   103 C  C   . ALA A 1 13 ? -7.649  2.063   4.376   1.00 18.78 ? 442 ALA A C   1 
ATOM   104 O  O   . ALA A 1 13 ? -8.137  1.663   3.302   1.00 19.39 ? 442 ALA A O   1 
ATOM   105 C  CB  . ALA A 1 13 ? -9.160  2.880   6.220   1.00 18.59 ? 442 ALA A CB  1 
ATOM   106 N  N   . ILE A 1 14 ? -6.528  2.772   4.399   1.00 17.99 ? 443 ILE A N   1 
ATOM   107 C  CA  . ILE A 1 14 ? -5.823  3.117   3.200   1.00 18.18 ? 443 ILE A CA  1 
ATOM   108 C  C   . ILE A 1 14 ? -5.288  1.862   2.493   1.00 17.89 ? 443 ILE A C   1 
ATOM   109 O  O   . ILE A 1 14 ? -5.450  1.713   1.268   1.00 18.87 ? 443 ILE A O   1 
ATOM   110 C  CB  . ILE A 1 14 ? -4.676  4.112   3.470   1.00 19.19 ? 443 ILE A CB  1 
ATOM   111 C  CG1 . ILE A 1 14 ? -5.207  5.472   3.920   1.00 19.94 ? 443 ILE A CG1 1 
ATOM   112 C  CG2 . ILE A 1 14 ? -3.877  4.339   2.200   1.00 20.52 ? 443 ILE A CG2 1 
ATOM   113 C  CD1 . ILE A 1 14 ? -4.120  6.377   4.467   1.00 20.03 ? 443 ILE A CD1 1 
ATOM   114 N  N   . VAL A 1 15 ? -4.644  0.970   3.220   1.00 17.02 ? 444 VAL A N   1 
ATOM   115 C  CA  . VAL A 1 15 ? -4.061  -0.210  2.575   1.00 16.43 ? 444 VAL A CA  1 
ATOM   116 C  C   . VAL A 1 15 ? -5.138  -1.115  1.988   1.00 16.60 ? 444 VAL A C   1 
ATOM   117 O  O   . VAL A 1 15 ? -4.924  -1.736  0.936   1.00 16.96 ? 444 VAL A O   1 
ATOM   118 C  CB  . VAL A 1 15 ? -3.059  -0.995  3.497   1.00 17.17 ? 444 VAL A CB  1 
ATOM   119 C  CG1 . VAL A 1 15 ? -1.866  -0.111  3.889   1.00 15.87 ? 444 VAL A CG1 1 
ATOM   120 C  CG2 . VAL A 1 15 ? -3.718  -1.749  4.600   1.00 17.95 ? 444 VAL A CG2 1 
ATOM   121 N  N   . GLN A 1 16 ? -6.304  -1.172  2.600   1.00 16.91 ? 445 GLN A N   1 
ATOM   122 C  CA  . GLN A 1 16 ? -7.441  -1.896  2.011   1.00 17.48 ? 445 GLN A CA  1 
ATOM   123 C  C   . GLN A 1 16 ? -7.838  -1.298  0.675   1.00 17.12 ? 445 GLN A C   1 
ATOM   124 O  O   . GLN A 1 16 ? -8.045  -2.023  -0.311  1.00 17.50 ? 445 GLN A O   1 
ATOM   125 C  CB  . GLN A 1 16 ? -8.636  -1.877  2.962   1.00 18.03 ? 445 GLN A CB  1 
ATOM   126 C  CG  . GLN A 1 16 ? -8.523  -2.873  4.090   1.00 23.85 ? 445 GLN A CG  1 
ATOM   127 C  CD  . GLN A 1 16 ? -9.846  -3.102  4.799   1.00 24.32 ? 445 GLN A CD  1 
ATOM   128 O  OE1 . GLN A 1 16 ? -10.872 -3.334  4.152   1.00 32.22 ? 445 GLN A OE1 1 
ATOM   129 N  NE2 . GLN A 1 16 ? -9.827  -3.039  6.127   1.00 27.33 ? 445 GLN A NE2 1 
ATOM   130 N  N   . LYS A 1 17 ? -7.918  0.022   0.594   1.00 16.99 ? 446 LYS A N   1 
ATOM   131 C  CA  . LYS A 1 17 ? -8.245  0.682   -0.668  1.00 17.81 ? 446 LYS A CA  1 
ATOM   132 C  C   . LYS A 1 17 ? -7.149  0.474   -1.726  1.00 16.59 ? 446 LYS A C   1 
ATOM   133 O  O   . LYS A 1 17 ? -7.464  0.268   -2.904  1.00 17.99 ? 446 LYS A O   1 
ATOM   134 C  CB  . LYS A 1 17 ? -8.528  2.165   -0.419  1.00 18.95 ? 446 LYS A CB  1 
ATOM   135 C  CG  . LYS A 1 17 ? -9.828  2.411   0.370   1.00 22.11 ? 446 LYS A CG  1 
ATOM   136 C  CD  . LYS A 1 17 ? -10.145 3.894   0.503   1.00 23.99 ? 446 LYS A CD  1 
ATOM   137 C  CE  . LYS A 1 17 ? -11.469 4.122   1.222   1.00 26.98 ? 446 LYS A CE  1 
ATOM   138 N  NZ  . LYS A 1 17 ? -12.166 5.344   0.755   1.00 29.06 ? 446 LYS A NZ  1 
ATOM   139 N  N   . LEU A 1 18 ? -5.884  0.516   -1.321  1.00 16.61 ? 447 LEU A N   1 
ATOM   140 C  CA  . LEU A 1 18 ? -4.783  0.226   -2.237  1.00 17.12 ? 447 LEU A CA  1 
ATOM   141 C  C   . LEU A 1 18 ? -4.837  -1.190  -2.784  1.00 16.77 ? 447 LEU A C   1 
ATOM   142 O  O   . LEU A 1 18 ? -4.616  -1.413  -3.980  1.00 17.46 ? 447 LEU A O   1 
ATOM   143 C  CB  . LEU A 1 18 ? -3.410  0.486   -1.619  1.00 17.20 ? 447 LEU A CB  1 
ATOM   144 C  CG  . LEU A 1 18 ? -3.138  1.923   -1.225  1.00 17.24 ? 447 LEU A CG  1 
ATOM   145 C  CD1 . LEU A 1 18 ? -1.788  1.989   -0.527  1.00 19.88 ? 447 LEU A CD1 1 
ATOM   146 C  CD2 . LEU A 1 18 ? -3.167  2.825   -2.435  1.00 20.70 ? 447 LEU A CD2 1 
ATOM   147 N  N   . GLN A 1 19 ? -5.132  -2.144  -1.923  1.00 16.12 ? 448 GLN A N   1 
ATOM   148 C  CA  . GLN A 1 19 ? -5.284  -3.527  -2.356  1.00 16.49 ? 448 GLN A CA  1 
ATOM   149 C  C   . GLN A 1 19 ? -6.386  -3.675  -3.401  1.00 16.68 ? 448 GLN A C   1 
ATOM   150 O  O   . GLN A 1 19 ? -6.218  -4.346  -4.425  1.00 16.90 ? 448 GLN A O   1 
ATOM   151 C  CB  . GLN A 1 19 ? -5.584  -4.434  -1.152  1.00 16.62 ? 448 GLN A CB  1 
ATOM   152 C  CG  . GLN A 1 19 ? -4.366  -4.752  -0.288  1.00 20.83 ? 448 GLN A CG  1 
ATOM   153 C  CD  . GLN A 1 19 ? -4.701  -5.594  0.909   1.00 23.10 ? 448 GLN A CD  1 
ATOM   154 O  OE1 . GLN A 1 19 ? -4.183  -6.703  1.045   1.00 31.88 ? 448 GLN A OE1 1 
ATOM   155 N  NE2 . GLN A 1 19 ? -5.551  -5.078  1.791   1.00 31.56 ? 448 GLN A NE2 1 
ATOM   156 N  N   . GLU A 1 20 ? -7.515  -3.023  -3.158  1.00 16.31 ? 449 GLU A N   1 
ATOM   157 C  CA  . GLU A 1 20 ? -8.642  -3.061  -4.090  1.00 17.33 ? 449 GLU A CA  1 
ATOM   158 C  C   . GLU A 1 20 ? -8.271  -2.429  -5.420  1.00 16.47 ? 449 GLU A C   1 
ATOM   159 O  O   . GLU A 1 20 ? -8.600  -2.979  -6.495  1.00 16.66 ? 449 GLU A O   1 
ATOM   160 C  CB  . GLU A 1 20 ? -9.863  -2.356  -3.462  1.00 16.52 ? 449 GLU A CB  1 
ATOM   161 C  CG  . GLU A 1 20 ? -10.495 -3.135  -2.320  1.00 22.29 ? 449 GLU A CG  1 
ATOM   162 C  CD  . GLU A 1 20 ? -11.457 -2.301  -1.478  1.00 24.43 ? 449 GLU A CD  1 
ATOM   163 O  OE1 . GLU A 1 20 ? -11.638 -1.090  -1.776  1.00 32.76 ? 449 GLU A OE1 1 
ATOM   164 O  OE2 . GLU A 1 20 ? -12.032 -2.851  -0.514  1.00 28.76 ? 449 GLU A OE2 1 
ATOM   165 N  N   . ARG A 1 21 ? -7.593  -1.279  -5.389  1.00 16.82 ? 450 ARG A N   1 
ATOM   166 C  CA  . ARG A 1 21 ? -7.171  -0.613  -6.635  1.00 15.83 ? 450 ARG A CA  1 
ATOM   167 C  C   . ARG A 1 21 ? -6.180  -1.488  -7.397  1.00 15.76 ? 450 ARG A C   1 
ATOM   168 O  O   . ARG A 1 21 ? -6.223  -1.556  -8.626  1.00 16.01 ? 450 ARG A O   1 
ATOM   169 C  CB  . ARG A 1 21 ? -6.544  0.781   -6.348  1.00 17.11 ? 450 ARG A CB  1 
ATOM   170 C  CG  . ARG A 1 21 ? -7.566  1.822   -6.013  1.00 19.07 ? 450 ARG A CG  1 
ATOM   171 C  CD  . ARG A 1 21 ? -6.970  3.073   -5.490  1.00 17.98 ? 450 ARG A CD  1 
ATOM   172 N  NE  . ARG A 1 21 ? -6.083  3.715   -6.461  1.00 16.89 ? 450 ARG A NE  1 
ATOM   173 C  CZ  . ARG A 1 21 ? -5.261  4.723   -6.127  1.00 17.32 ? 450 ARG A CZ  1 
ATOM   174 N  NH1 . ARG A 1 21 ? -5.228  5.191   -4.891  1.00 20.20 ? 450 ARG A NH1 1 
ATOM   175 N  NH2 . ARG A 1 21 ? -4.485  5.260   -7.034  1.00 18.07 ? 450 ARG A NH2 1 
ATOM   176 N  N   . LEU A 1 22 ? -5.279  -2.147  -6.694  1.00 16.22 ? 451 LEU A N   1 
ATOM   177 C  CA  . LEU A 1 22 ? -4.324  -3.043  -7.334  1.00 16.41 ? 451 LEU A CA  1 
ATOM   178 C  C   . LEU A 1 22 ? -5.000  -4.249  -7.945  1.00 16.17 ? 451 LEU A C   1 
ATOM   179 O  O   . LEU A 1 22 ? -4.666  -4.635  -9.063  1.00 16.86 ? 451 LEU A O   1 
ATOM   180 C  CB  . LEU A 1 22 ? -3.272  -3.484  -6.350  1.00 17.55 ? 451 LEU A CB  1 
ATOM   181 C  CG  . LEU A 1 22 ? -2.045  -2.621  -6.332  1.00 21.89 ? 451 LEU A CG  1 
ATOM   182 C  CD1 . LEU A 1 22 ? -1.269  -2.872  -5.069  1.00 23.08 ? 451 LEU A CD1 1 
ATOM   183 C  CD2 . LEU A 1 22 ? -1.207  -2.852  -7.663  1.00 20.75 ? 451 LEU A CD2 1 
ATOM   184 N  N   . ASP A 1 23 ? -5.924  -4.854  -7.221  1.00 15.87 ? 452 ASP A N   1 
ATOM   185 C  CA  . ASP A 1 23 ? -6.726  -5.952  -7.775  1.00 16.59 ? 452 ASP A CA  1 
ATOM   186 C  C   . ASP A 1 23 ? -7.366  -5.542  -9.099  1.00 15.58 ? 452 ASP A C   1 
ATOM   187 O  O   . ASP A 1 23 ? -7.299  -6.252  -10.110 1.00 15.60 ? 452 ASP A O   1 
ATOM   188 C  CB  . ASP A 1 23 ? -7.901  -6.330  -6.839  1.00 17.17 ? 452 ASP A CB  1 
ATOM   189 C  CG  . ASP A 1 23 ? -7.497  -7.094  -5.572  1.00 17.99 ? 452 ASP A CG  1 
ATOM   190 O  OD1 . ASP A 1 23 ? -6.409  -7.690  -5.515  1.00 22.68 ? 452 ASP A OD1 1 
ATOM   191 O  OD2 . ASP A 1 23 ? -8.272  -7.195  -4.594  1.00 21.13 ? 452 ASP A OD2 1 
ATOM   192 N  N   . ARG A 1 24 ? -7.962  -4.366  -9.117  1.00 15.09 ? 453 ARG A N   1 
ATOM   193 C  CA  . ARG A 1 24 ? -8.641  -3.884  -10.297 1.00 15.77 ? 453 ARG A CA  1 
ATOM   194 C  C   . ARG A 1 24 ? -7.672  -3.642  -11.448 1.00 14.41 ? 453 ARG A C   1 
ATOM   195 O  O   . ARG A 1 24 ? -7.948  -3.979  -12.609 1.00 14.49 ? 453 ARG A O   1 
ATOM   196 C  CB  . ARG A 1 24 ? -9.421  -2.571  -10.025 1.00 17.05 ? 453 ARG A CB  1 
ATOM   197 C  CG  . ARG A 1 24 ? -10.525 -2.597  -9.022  1.00 21.12 ? 453 ARG A CG  1 
ATOM   198 C  CD  . ARG A 1 24 ? -11.432 -1.383  -9.098  1.00 25.38 ? 453 ARG A CD  1 
ATOM   199 N  NE  . ARG A 1 24 ? -12.235 -1.307  -7.897  1.00 28.40 ? 453 ARG A NE  1 
ATOM   200 C  CZ  . ARG A 1 24 ? -11.878 -0.699  -6.767  1.00 31.33 ? 453 ARG A CZ  1 
ATOM   201 N  NH1 . ARG A 1 24 ? -10.709 -0.059  -6.643  1.00 32.07 ? 453 ARG A NH1 1 
ATOM   202 N  NH2 . ARG A 1 24 ? -12.715 -0.725  -5.747  1.00 30.56 ? 453 ARG A NH2 1 
ATOM   203 N  N   . LEU A 1 25 ? -6.542  -3.009  -11.163 1.00 14.06 ? 454 LEU A N   1 
ATOM   204 C  CA  . LEU A 1 25 ? -5.613  -2.672  -12.211 1.00 14.28 ? 454 LEU A CA  1 
ATOM   205 C  C   . LEU A 1 25 ? -4.978  -3.957  -12.783 1.00 13.62 ? 454 LEU A C   1 
ATOM   206 O  O   . LEU A 1 25 ? -4.749  -4.047  -13.995 1.00 14.18 ? 454 LEU A O   1 
ATOM   207 C  CB  . LEU A 1 25 ? -4.533  -1.728  -11.692 1.00 14.34 ? 454 LEU A CB  1 
ATOM   208 C  CG  . LEU A 1 25 ? -3.656  -1.137  -12.784 1.00 15.35 ? 454 LEU A CG  1 
ATOM   209 C  CD1 . LEU A 1 25 ? -4.437  -0.330  -13.810 1.00 16.14 ? 454 LEU A CD1 1 
ATOM   210 C  CD2 . LEU A 1 25 ? -2.598  -0.246  -12.121 1.00 15.76 ? 454 LEU A CD2 1 
ATOM   211 N  N   . GLU A 1 26 ? -4.677  -4.951  -11.945 1.00 14.28 ? 455 GLU A N   1 
ATOM   212 C  CA  . GLU A 1 26 ? -4.140  -6.223  -12.422 1.00 13.93 ? 455 GLU A CA  1 
ATOM   213 C  C   . GLU A 1 26 ? -5.124  -6.841  -13.415 1.00 13.99 ? 455 GLU A C   1 
ATOM   214 O  O   . GLU A 1 26 ? -4.733  -7.311  -14.471 1.00 14.63 ? 455 GLU A O   1 
ATOM   215 C  CB  . GLU A 1 26 ? -3.916  -7.196  -11.260 1.00 13.64 ? 455 GLU A CB  1 
ATOM   216 C  CG  . GLU A 1 26 ? -2.719  -6.862  -10.407 1.00 14.56 ? 455 GLU A CG  1 
ATOM   217 C  CD  . GLU A 1 26 ? -2.633  -7.614  -9.102  1.00 14.67 ? 455 GLU A CD  1 
ATOM   218 O  OE1 . GLU A 1 26 ? -3.590  -8.329  -8.695  1.00 17.98 ? 455 GLU A OE1 1 
ATOM   219 O  OE2 . GLU A 1 26 ? -1.578  -7.495  -8.436  1.00 16.56 ? 455 GLU A OE2 1 
ATOM   220 N  N   . GLU A 1 27 ? -6.393  -6.836  -13.080 1.00 14.46 ? 456 GLU A N   1 
ATOM   221 C  CA  . GLU A 1 27 ? -7.407  -7.422  -13.950 1.00 14.90 ? 456 GLU A CA  1 
ATOM   222 C  C   . GLU A 1 27 ? -7.512  -6.648  -15.253 1.00 15.41 ? 456 GLU A C   1 
ATOM   223 O  O   . GLU A 1 27 ? -7.562  -7.247  -16.355 1.00 16.02 ? 456 GLU A O   1 
ATOM   224 C  CB  . GLU A 1 27 ? -8.749  -7.473  -13.198 1.00 15.91 ? 456 GLU A CB  1 
ATOM   225 C  CG  . GLU A 1 27 ? -9.852  -8.041  -14.026 1.00 16.99 ? 456 GLU A CG  1 
ATOM   226 C  CD  . GLU A 1 27 ? -11.206 -8.057  -13.341 1.00 14.80 ? 456 GLU A CD  1 
ATOM   227 O  OE1 . GLU A 1 27 ? -11.277 -7.900  -12.112 1.00 19.46 ? 456 GLU A OE1 1 
ATOM   228 O  OE2 . GLU A 1 27 ? -12.182 -8.245  -14.045 1.00 17.56 ? 456 GLU A OE2 1 
ATOM   229 N  N   . THR A 1 28 ? -7.454  -5.330  -15.159 1.00 14.82 ? 457 THR A N   1 
ATOM   230 C  CA  . THR A 1 28 ? -7.546  -4.461  -16.332 1.00 14.11 ? 457 THR A CA  1 
ATOM   231 C  C   . THR A 1 28 ? -6.411  -4.708  -17.320 1.00 13.94 ? 457 THR A C   1 
ATOM   232 O  O   . THR A 1 28 ? -6.615  -4.820  -18.521 1.00 13.99 ? 457 THR A O   1 
ATOM   233 C  CB  . THR A 1 28 ? -7.570  -3.002  -15.891 1.00 14.81 ? 457 THR A CB  1 
ATOM   234 O  OG1 . THR A 1 28 ? -8.795  -2.785  -15.179 1.00 16.99 ? 457 THR A OG1 1 
ATOM   235 C  CG2 . THR A 1 28 ? -7.570  -2.034  -17.091 1.00 15.25 ? 457 THR A CG2 1 
ATOM   236 N  N   . VAL A 1 29 ? -5.197  -4.801  -16.794 1.00 13.63 ? 458 VAL A N   1 
ATOM   237 C  CA  . VAL A 1 29 ? -4.028  -5.064  -17.610 1.00 14.15 ? 458 VAL A CA  1 
ATOM   238 C  C   . VAL A 1 29 ? -4.157  -6.435  -18.284 1.00 14.17 ? 458 VAL A C   1 
ATOM   239 O  O   . VAL A 1 29 ? -3.860  -6.581  -19.469 1.00 15.43 ? 458 VAL A O   1 
ATOM   240 C  CB  . VAL A 1 29 ? -2.744  -4.948  -16.763 1.00 13.55 ? 458 VAL A CB  1 
ATOM   241 C  CG1 . VAL A 1 29 ? -1.513  -5.434  -17.509 1.00 14.64 ? 458 VAL A CG1 1 
ATOM   242 C  CG2 . VAL A 1 29 ? -2.532  -3.491  -16.378 1.00 12.78 ? 458 VAL A CG2 1 
ATOM   243 N  N   . GLN A 1 30 ? -4.573  -7.448  -17.545 1.00 14.56 ? 459 GLN A N   1 
ATOM   244 C  CA  . GLN A 1 30 ? -4.678  -8.793  -18.106 1.00 15.49 ? 459 GLN A CA  1 
ATOM   245 C  C   . GLN A 1 30 ? -5.706  -8.837  -19.239 1.00 15.10 ? 459 GLN A C   1 
ATOM   246 O  O   . GLN A 1 30 ? -5.520  -9.551  -20.227 1.00 17.66 ? 459 GLN A O   1 
ATOM   247 C  CB  . GLN A 1 30 ? -5.087  -9.773  -17.011 1.00 16.90 ? 459 GLN A CB  1 
ATOM   248 C  CG  . GLN A 1 30 ? -4.009  -10.149 -16.026 1.00 21.28 ? 459 GLN A CG  1 
ATOM   249 C  CD  . GLN A 1 30 ? -4.546  -10.823 -14.777 1.00 23.87 ? 459 GLN A CD  1 
ATOM   250 O  OE1 . GLN A 1 30 ? -5.765  -10.924 -14.571 1.00 33.40 ? 459 GLN A OE1 1 
ATOM   251 N  NE2 . GLN A 1 30 ? -3.638  -11.279 -13.928 1.00 27.64 ? 459 GLN A NE2 1 
ATOM   252 N  N   . ALA A 1 31 ? -6.773  -8.051  -19.108 1.00 14.56 ? 460 ALA A N   1 
ATOM   253 C  CA  . ALA A 1 31 ? -7.874  -8.014  -20.075 1.00 14.37 ? 460 ALA A CA  1 
ATOM   254 C  C   . ALA A 1 31 ? -7.650  -7.127  -21.272 1.00 13.20 ? 460 ALA A C   1 
ATOM   255 O  O   . ALA A 1 31 ? -8.432  -7.183  -22.218 1.00 12.88 ? 460 ALA A O   1 
ATOM   256 C  CB  . ALA A 1 31 ? -9.131  -7.606  -19.370 1.00 15.03 ? 460 ALA A CB  1 
ATOM   257 N  N   . LYS A 1 32 ? -6.599  -6.339  -21.278 1.00 14.13 ? 461 LYS A N   1 
ATOM   258 C  CA  . LYS A 1 32 ? -6.368  -5.383  -22.339 1.00 14.61 ? 461 LYS A CA  1 
ATOM   259 C  C   . LYS A 1 32 ? -6.081  -6.057  -23.664 1.00 15.82 ? 461 LYS A C   1 
ATOM   260 O  O   . LYS A 1 32 ? -5.290  -7.007  -23.652 1.00 17.03 ? 461 LYS A O   1 
ATOM   261 C  CB  . LYS A 1 32 ? -5.214  -4.452  -21.951 1.00 17.67 ? 461 LYS A CB  1 
ATOM   262 C  CG  . LYS A 1 32 ? -5.625  -3.143  -21.270 1.00 24.18 ? 461 LYS A CG  1 
ATOM   263 C  CD  . LYS A 1 32 ? -6.227  -2.198  -22.304 1.00 27.60 ? 461 LYS A CD  1 
ATOM   264 C  CE  . LYS A 1 32 ? -6.400  -0.755  -21.848 1.00 27.85 ? 461 LYS A CE  1 
ATOM   265 N  NZ  . LYS A 1 32 ? -7.278  -0.646  -20.649 1.00 30.40 ? 461 LYS A NZ  1 
ATOM   266 O  OXT . LYS A 1 32 ? -6.581  -5.621  -24.722 1.00 15.34 ? 461 LYS A OXT 1 
ATOM   267 N  N   . VAL B 1 1  ? 10.182  9.118   21.266  1.00 12.79 ? 430 VAL B N   1 
ATOM   268 C  CA  . VAL B 1 1  ? 9.438   8.435   20.162  1.00 11.87 ? 430 VAL B CA  1 
ATOM   269 C  C   . VAL B 1 1  ? 9.677   6.962   20.285  1.00 10.68 ? 430 VAL B C   1 
ATOM   270 O  O   . VAL B 1 1  ? 10.804  6.491   20.147  1.00 11.36 ? 430 VAL B O   1 
ATOM   271 C  CB  . VAL B 1 1  ? 9.886   9.009   18.810  1.00 11.91 ? 430 VAL B CB  1 
ATOM   272 C  CG1 . VAL B 1 1  ? 9.170   8.326   17.657  1.00 12.96 ? 430 VAL B CG1 1 
ATOM   273 C  CG2 . VAL B 1 1  ? 9.721   10.528  18.762  1.00 14.78 ? 430 VAL B CG2 1 
ATOM   274 N  N   . SER B 1 2  ? 8.622   6.203   20.555  1.00 11.73 ? 431 SER B N   1 
ATOM   275 C  CA  . SER B 1 2  ? 8.760   4.769   20.747  1.00 12.37 ? 431 SER B CA  1 
ATOM   276 C  C   . SER B 1 2  ? 8.980   4.066   19.401  1.00 11.57 ? 431 SER B C   1 
ATOM   277 O  O   . SER B 1 2  ? 8.785   4.622   18.348  1.00 11.58 ? 431 SER B O   1 
ATOM   278 C  CB  . SER B 1 2  ? 7.505   4.216   21.420  1.00 14.16 ? 431 SER B CB  1 
ATOM   279 O  OG  . SER B 1 2  ? 6.452   4.290   20.497  1.00 14.75 ? 431 SER B OG  1 
ATOM   280 N  N   . ARG B 1 3  ? 9.398   2.823   19.492  1.00 13.76 ? 432 ARG B N   1 
ATOM   281 C  CA  . ARG B 1 3  ? 9.570   1.997   18.298  1.00 13.48 ? 432 ARG B CA  1 
ATOM   282 C  C   . ARG B 1 3  ? 8.279   1.866   17.536  1.00 13.14 ? 432 ARG B C   1 
ATOM   283 O  O   . ARG B 1 3  ? 8.259   1.946   16.313  1.00 14.01 ? 432 ARG B O   1 
ATOM   284 C  CB  . ARG B 1 3  ? 10.070  0.619   18.723  1.00 16.89 ? 432 ARG B CB  1 
ATOM   285 C  CG  . ARG B 1 3  ? 10.180  -0.406  17.609  1.00 20.55 ? 432 ARG B CG  1 
ATOM   286 C  CD  . ARG B 1 3  ? 11.090  -0.023  16.508  1.00 28.59 ? 432 ARG B CD  1 
ATOM   287 N  NE  . ARG B 1 3  ? 10.906  -0.896  15.344  1.00 27.09 ? 432 ARG B NE  1 
ATOM   288 C  CZ  . ARG B 1 3  ? 11.319  -2.163  15.253  1.00 33.48 ? 432 ARG B CZ  1 
ATOM   289 N  NH1 . ARG B 1 3  ? 11.978  -2.756  16.252  1.00 34.56 ? 432 ARG B NH1 1 
ATOM   290 N  NH2 . ARG B 1 3  ? 11.079  -2.845  14.134  1.00 35.62 ? 432 ARG B NH2 1 
ATOM   291 N  N   . LEU B 1 4  ? 7.168   1.746   18.254  1.00 13.97 ? 433 LEU B N   1 
ATOM   292 C  CA  . LEU B 1 4  ? 5.865   1.661   17.611  1.00 14.90 ? 433 LEU B CA  1 
ATOM   293 C  C   . LEU B 1 4  ? 5.551   2.974   16.867  1.00 13.29 ? 433 LEU B C   1 
ATOM   294 O  O   . LEU B 1 4  ? 5.128   2.972   15.717  1.00 13.76 ? 433 LEU B O   1 
ATOM   295 C  CB  . LEU B 1 4  ? 4.841   1.355   18.704  1.00 16.66 ? 433 LEU B CB  1 
ATOM   296 C  CG  . LEU B 1 4  ? 3.400   1.202   18.271  1.00 17.02 ? 433 LEU B CG  1 
ATOM   297 C  CD1 . LEU B 1 4  ? 3.235   0.130   17.257  1.00 19.16 ? 433 LEU B CD1 1 
ATOM   298 C  CD2 . LEU B 1 4  ? 2.569   0.857   19.489  1.00 19.18 ? 433 LEU B CD2 1 
ATOM   299 N  N   . GLU B 1 5  ? 5.792   4.126   17.495  1.00 13.20 ? 434 GLU B N   1 
ATOM   300 C  CA  . GLU B 1 5  ? 5.598   5.394   16.839  1.00 13.20 ? 434 GLU B CA  1 
ATOM   301 C  C   . GLU B 1 5  ? 6.508   5.573   15.610  1.00 12.58 ? 434 GLU B C   1 
ATOM   302 O  O   . GLU B 1 5  ? 6.097   6.084   14.570  1.00 13.45 ? 434 GLU B O   1 
ATOM   303 C  CB  . GLU B 1 5  ? 5.799   6.538   17.846  1.00 13.73 ? 434 GLU B CB  1 
ATOM   304 C  CG  . GLU B 1 5  ? 4.693   6.568   18.905  1.00 16.83 ? 434 GLU B CG  1 
ATOM   305 C  CD  . GLU B 1 5  ? 4.953   7.470   20.089  1.00 16.49 ? 434 GLU B CD  1 
ATOM   306 O  OE1 . GLU B 1 5  ? 6.094   7.736   20.492  1.00 17.68 ? 434 GLU B OE1 1 
ATOM   307 O  OE2 . GLU B 1 5  ? 3.930   7.936   20.659  1.00 23.00 ? 434 GLU B OE2 1 
ATOM   308 N  N   . GLU B 1 6  ? 7.767   5.149   15.736  1.00 11.92 ? 435 GLU B N   1 
ATOM   309 C  CA  . GLU B 1 6  ? 8.719   5.193   14.622  1.00 11.91 ? 435 GLU B CA  1 
ATOM   310 C  C   . GLU B 1 6  ? 8.195   4.355   13.446  1.00 11.73 ? 435 GLU B C   1 
ATOM   311 O  O   . GLU B 1 6  ? 8.217   4.767   12.294  1.00 12.68 ? 435 GLU B O   1 
ATOM   312 C  CB  . GLU B 1 6  ? 10.053  4.609   15.113  1.00 12.22 ? 435 GLU B CB  1 
ATOM   313 C  CG  . GLU B 1 6  ? 11.179  4.729   14.108  1.00 13.73 ? 435 GLU B CG  1 
ATOM   314 C  CD  . GLU B 1 6  ? 11.940  6.039   14.168  1.00 14.01 ? 435 GLU B CD  1 
ATOM   315 O  OE1 . GLU B 1 6  ? 11.593  6.939   14.947  1.00 15.16 ? 435 GLU B OE1 1 
ATOM   316 O  OE2 . GLU B 1 6  ? 12.946  6.163   13.422  1.00 15.84 ? 435 GLU B OE2 1 
ATOM   317 N  N   . ASP B 1 7  ? 7.726   3.153   13.753  1.00 11.79 ? 436 ASP B N   1 
ATOM   318 C  CA  . ASP B 1 7  ? 7.236   2.243   12.711  1.00 12.80 ? 436 ASP B CA  1 
ATOM   319 C  C   . ASP B 1 7  ? 6.017   2.785   12.004  1.00 12.35 ? 436 ASP B C   1 
ATOM   320 O  O   . ASP B 1 7  ? 5.886   2.666   10.779  1.00 13.77 ? 436 ASP B O   1 
ATOM   321 C  CB  . ASP B 1 7  ? 6.933   0.886   13.349  1.00 13.48 ? 436 ASP B CB  1 
ATOM   322 C  CG  . ASP B 1 7  ? 8.154   0.111   13.765  1.00 17.65 ? 436 ASP B CG  1 
ATOM   323 O  OD1 . ASP B 1 7  ? 9.278   0.428   13.284  1.00 17.16 ? 436 ASP B OD1 1 
ATOM   324 O  OD2 . ASP B 1 7  ? 8.011   -0.883  14.536  1.00 18.81 ? 436 ASP B OD2 1 
ATOM   325 N  N   . VAL B 1 8  ? 5.125   3.420   12.757  1.00 12.58 ? 437 VAL B N   1 
ATOM   326 C  CA  . VAL B 1 8  ? 3.947   4.035   12.166  1.00 13.57 ? 437 VAL B CA  1 
ATOM   327 C  C   . VAL B 1 8  ? 4.307   5.203   11.275  1.00 14.42 ? 437 VAL B C   1 
ATOM   328 O  O   . VAL B 1 8  ? 3.757   5.353   10.186  1.00 15.46 ? 437 VAL B O   1 
ATOM   329 C  CB  . VAL B 1 8  ? 2.921   4.395   13.262  1.00 14.56 ? 437 VAL B CB  1 
ATOM   330 C  CG1 . VAL B 1 8  ? 1.787   5.228   12.713  1.00 16.97 ? 437 VAL B CG1 1 
ATOM   331 C  CG2 . VAL B 1 8  ? 2.361   3.146   13.870  1.00 15.37 ? 437 VAL B CG2 1 
ATOM   332 N  N   . ARG B 1 9  ? 5.231   6.056   11.727  1.00 15.39 ? 438 ARG B N   1 
ATOM   333 C  CA  . ARG B 1 9  ? 5.635   7.167   10.869  1.00 15.86 ? 438 ARG B CA  1 
ATOM   334 C  C   . ARG B 1 9  ? 6.256   6.616   9.561   1.00 15.28 ? 438 ARG B C   1 
ATOM   335 O  O   . ARG B 1 9  ? 6.014   7.146   8.452   1.00 17.03 ? 438 ARG B O   1 
ATOM   336 C  CB  . ARG B 1 9  ? 6.679   7.984   11.577  1.00 17.92 ? 438 ARG B CB  1 
ATOM   337 C  CG  . ARG B 1 9  ? 7.129   9.202   10.837  1.00 22.36 ? 438 ARG B CG  1 
ATOM   338 C  CD  . ARG B 1 9  ? 6.091   10.263  10.899  1.00 28.63 ? 438 ARG B CD  1 
ATOM   339 N  NE  . ARG B 1 9  ? 6.660   11.572  11.181  1.00 31.74 ? 438 ARG B NE  1 
ATOM   340 C  CZ  . ARG B 1 9  ? 5.927   12.678  11.288  1.00 32.42 ? 438 ARG B CZ  1 
ATOM   341 N  NH1 . ARG B 1 9  ? 4.603   12.618  11.145  1.00 34.66 ? 438 ARG B NH1 1 
ATOM   342 N  NH2 . ARG B 1 9  ? 6.516   13.848  11.546  1.00 34.64 ? 438 ARG B NH2 1 
ATOM   343 N  N   . ASN B 1 10 ? 7.077   5.585   9.665   1.00 15.19 ? 439 ASN B N   1 
ATOM   344 C  CA  . ASN B 1 10 ? 7.666   5.018   8.480   1.00 16.28 ? 439 ASN B CA  1 
ATOM   345 C  C   . ASN B 1 10 ? 6.620   4.441   7.549   1.00 15.62 ? 439 ASN B C   1 
ATOM   346 O  O   . ASN B 1 10 ? 6.692   4.616   6.343   1.00 17.90 ? 439 ASN B O   1 
ATOM   347 C  CB  . ASN B 1 10 ? 8.689   3.964   8.822   1.00 15.28 ? 439 ASN B CB  1 
ATOM   348 C  CG  . ASN B 1 10 ? 9.953   4.556   9.416   1.00 17.95 ? 439 ASN B CG  1 
ATOM   349 O  OD1 . ASN B 1 10 ? 10.191  5.750   9.274   1.00 21.97 ? 439 ASN B OD1 1 
ATOM   350 N  ND2 . ASN B 1 10 ? 10.743  3.740   10.096  1.00 19.19 ? 439 ASN B ND2 1 
ATOM   351 N  N   . LEU B 1 11 ? 5.621   3.759   8.113   1.00 16.00 ? 440 LEU B N   1 
ATOM   352 C  CA  . LEU B 1 11 ? 4.492   3.238   7.317   1.00 16.30 ? 440 LEU B CA  1 
ATOM   353 C  C   . LEU B 1 11 ? 3.727   4.347   6.629   1.00 16.79 ? 440 LEU B C   1 
ATOM   354 O  O   . LEU B 1 11 ? 3.345   4.177   5.473   1.00 17.90 ? 440 LEU B O   1 
ATOM   355 C  CB  . LEU B 1 11 ? 3.543   2.441   8.195   1.00 16.85 ? 440 LEU B CB  1 
ATOM   356 C  CG  . LEU B 1 11 ? 4.001   1.043   8.497   1.00 17.64 ? 440 LEU B CG  1 
ATOM   357 C  CD1 . LEU B 1 11 ? 3.219   0.477   9.664   1.00 16.87 ? 440 LEU B CD1 1 
ATOM   358 C  CD2 . LEU B 1 11 ? 3.799   0.253   7.217   1.00 19.81 ? 440 LEU B CD2 1 
ATOM   359 N  N   . ASN B 1 12 ? 3.477   5.467   7.308   1.00 17.62 ? 441 ASN B N   1 
ATOM   360 C  CA  . ASN B 1 12 ? 2.798   6.582   6.639   1.00 19.52 ? 441 ASN B CA  1 
ATOM   361 C  C   . ASN B 1 12 ? 3.581   6.979   5.371   1.00 19.45 ? 441 ASN B C   1 
ATOM   362 O  O   . ASN B 1 12 ? 3.001   7.177   4.300   1.00 20.55 ? 441 ASN B O   1 
ATOM   363 C  CB  . ASN B 1 12 ? 2.636   7.777   7.594   1.00 21.34 ? 441 ASN B CB  1 
ATOM   364 C  CG  . ASN B 1 12 ? 1.501   7.604   8.611   1.00 23.47 ? 441 ASN B CG  1 
ATOM   365 O  OD1 . ASN B 1 12 ? 0.508   6.936   8.345   1.00 28.03 ? 441 ASN B OD1 1 
ATOM   366 N  ND2 . ASN B 1 12 ? 1.647   8.230   9.780   1.00 25.83 ? 441 ASN B ND2 1 
ATOM   367 N  N   . ALA B 1 13 ? 4.905   7.102   5.478   1.00 18.27 ? 442 ALA B N   1 
ATOM   368 C  CA  . ALA B 1 13 ? 5.703   7.545   4.347   1.00 19.43 ? 442 ALA B CA  1 
ATOM   369 C  C   . ALA B 1 13 ? 5.698   6.510   3.207   1.00 19.22 ? 442 ALA B C   1 
ATOM   370 O  O   . ALA B 1 13 ? 5.627   6.849   2.026   1.00 20.69 ? 442 ALA B O   1 
ATOM   371 C  CB  . ALA B 1 13 ? 7.095   7.798   4.808   1.00 20.76 ? 442 ALA B CB  1 
ATOM   372 N  N   . ILE B 1 14 ? 5.843   5.250   3.570   1.00 18.04 ? 443 ILE B N   1 
ATOM   373 C  CA  . ILE B 1 14 ? 5.839   4.162   2.599   1.00 19.31 ? 443 ILE B CA  1 
ATOM   374 C  C   . ILE B 1 14 ? 4.486   4.115   1.853   1.00 18.38 ? 443 ILE B C   1 
ATOM   375 O  O   . ILE B 1 14 ? 4.436   3.980   0.651   1.00 18.77 ? 443 ILE B O   1 
ATOM   376 C  CB  . ILE B 1 14 ? 6.136   2.803   3.293   1.00 19.68 ? 443 ILE B CB  1 
ATOM   377 C  CG1 . ILE B 1 14 ? 7.562   2.747   3.828   1.00 22.53 ? 443 ILE B CG1 1 
ATOM   378 C  CG2 . ILE B 1 14 ? 5.887   1.625   2.356   1.00 23.58 ? 443 ILE B CG2 1 
ATOM   379 C  CD1 . ILE B 1 14 ? 7.784   1.514   4.792   1.00 23.98 ? 443 ILE B CD1 1 
ATOM   380 N  N   . VAL B 1 15 ? 3.396   4.228   2.589   1.00 17.66 ? 444 VAL B N   1 
ATOM   381 C  CA  . VAL B 1 15 ? 2.077   4.129   1.965   1.00 19.06 ? 444 VAL B CA  1 
ATOM   382 C  C   . VAL B 1 15 ? 1.847   5.339   1.033   1.00 19.27 ? 444 VAL B C   1 
ATOM   383 O  O   . VAL B 1 15 ? 1.254   5.194   -0.039  1.00 20.28 ? 444 VAL B O   1 
ATOM   384 C  CB  . VAL B 1 15 ? 1.005   3.958   3.048   1.00 19.31 ? 444 VAL B CB  1 
ATOM   385 C  CG1 . VAL B 1 15 ? -0.331  4.129   2.511   1.00 20.94 ? 444 VAL B CG1 1 
ATOM   386 C  CG2 . VAL B 1 15 ? 1.121   2.577   3.683   1.00 19.98 ? 444 VAL B CG2 1 
ATOM   387 N  N   . GLN B 1 16 ? 2.364   6.512   1.375   1.00 19.63 ? 445 GLN B N   1 
ATOM   388 C  CA  . GLN B 1 16 ? 2.281   7.657   0.463   1.00 20.76 ? 445 GLN B CA  1 
ATOM   389 C  C   . GLN B 1 16 ? 3.008   7.425   -0.860  1.00 20.63 ? 445 GLN B C   1 
ATOM   390 O  O   . GLN B 1 16 ? 2.486   7.751   -1.917  1.00 19.56 ? 445 GLN B O   1 
ATOM   391 C  CB  . GLN B 1 16 ? 2.855   8.904   1.158   1.00 22.51 ? 445 GLN B CB  1 
ATOM   392 C  CG  . GLN B 1 16 ? 1.934   9.463   2.220   1.00 27.06 ? 445 GLN B CG  1 
ATOM   393 C  CD  . GLN B 1 16 ? 2.553   10.628  2.972   1.00 28.88 ? 445 GLN B CD  1 
ATOM   394 O  OE1 . GLN B 1 16 ? 3.156   11.516  2.361   1.00 38.01 ? 445 GLN B OE1 1 
ATOM   395 N  NE2 . GLN B 1 16 ? 2.407   10.627  4.293   1.00 32.76 ? 445 GLN B NE2 1 
ATOM   396 N  N   . LYS B 1 17 ? 4.181   6.819   -0.797  1.00 19.75 ? 446 LYS B N   1 
ATOM   397 C  CA  . LYS B 1 17 ? 4.931   6.499   -1.986  1.00 20.26 ? 446 LYS B CA  1 
ATOM   398 C  C   . LYS B 1 17 ? 4.197   5.448   -2.831  1.00 18.79 ? 446 LYS B C   1 
ATOM   399 O  O   . LYS B 1 17 ? 4.174   5.572   -4.039  1.00 18.96 ? 446 LYS B O   1 
ATOM   400 C  CB  . LYS B 1 17 ? 6.326   6.009   -1.594  1.00 21.52 ? 446 LYS B CB  1 
ATOM   401 C  CG  . LYS B 1 17 ? 7.208   5.798   -2.786  1.00 25.54 ? 446 LYS B CG  1 
ATOM   402 C  CD  . LYS B 1 17 ? 8.698   5.681   -2.457  1.00 26.36 ? 446 LYS B CD  1 
ATOM   403 C  CE  . LYS B 1 17 ? 9.477   5.302   -3.697  1.00 29.36 ? 446 LYS B CE  1 
ATOM   404 N  NZ  . LYS B 1 17 ? 10.959  5.206   -3.474  1.00 32.92 ? 446 LYS B NZ  1 
ATOM   405 N  N   . LEU B 1 18 ? 3.618   4.435   -2.191  1.00 18.12 ? 447 LEU B N   1 
ATOM   406 C  CA  . LEU B 1 18 ? 2.872   3.407   -2.908  1.00 18.87 ? 447 LEU B CA  1 
ATOM   407 C  C   . LEU B 1 18 ? 1.683   3.997   -3.604  1.00 18.04 ? 447 LEU B C   1 
ATOM   408 O  O   . LEU B 1 18 ? 1.376   3.650   -4.731  1.00 18.70 ? 447 LEU B O   1 
ATOM   409 C  CB  . LEU B 1 18 ? 2.409   2.286   -1.958  1.00 20.34 ? 447 LEU B CB  1 
ATOM   410 C  CG  . LEU B 1 18 ? 3.462   1.385   -1.344  1.00 23.78 ? 447 LEU B CG  1 
ATOM   411 C  CD1 . LEU B 1 18 ? 2.856   0.509   -0.233  1.00 25.58 ? 447 LEU B CD1 1 
ATOM   412 C  CD2 . LEU B 1 18 ? 4.131   0.524   -2.392  1.00 27.08 ? 447 LEU B CD2 1 
ATOM   413 N  N   . GLN B 1 19 ? 0.982   4.878   -2.928  1.00 17.73 ? 448 GLN B N   1 
ATOM   414 C  CA  . GLN B 1 19 ? -0.150  5.509   -3.566  1.00 19.18 ? 448 GLN B CA  1 
ATOM   415 C  C   . GLN B 1 19 ? 0.257   6.287   -4.819  1.00 17.74 ? 448 GLN B C   1 
ATOM   416 O  O   . GLN B 1 19 ? -0.417  6.202   -5.831  1.00 16.91 ? 448 GLN B O   1 
ATOM   417 C  CB  . GLN B 1 19 ? -0.797  6.468   -2.584  1.00 20.80 ? 448 GLN B CB  1 
ATOM   418 C  CG  . GLN B 1 19 ? -1.570  5.782   -1.511  1.00 26.31 ? 448 GLN B CG  1 
ATOM   419 C  CD  . GLN B 1 19 ? -2.442  6.704   -0.740  1.00 28.48 ? 448 GLN B CD  1 
ATOM   420 O  OE1 . GLN B 1 19 ? -3.652  6.791   -1.014  1.00 35.13 ? 448 GLN B OE1 1 
ATOM   421 N  NE2 . GLN B 1 19 ? -1.858  7.411   0.217   1.00 32.33 ? 448 GLN B NE2 1 
ATOM   422 N  N   . GLU B 1 20 ? 1.355   7.030   -4.747  1.00 17.29 ? 449 GLU B N   1 
ATOM   423 C  CA  . GLU B 1 20 ? 1.805   7.777   -5.935  1.00 18.22 ? 449 GLU B CA  1 
ATOM   424 C  C   . GLU B 1 20 ? 2.221   6.847   -7.056  1.00 17.96 ? 449 GLU B C   1 
ATOM   425 O  O   . GLU B 1 20 ? 1.909   7.092   -8.195  1.00 18.00 ? 449 GLU B O   1 
ATOM   426 C  CB  . GLU B 1 20 ? 2.943   8.742   -5.568  1.00 19.52 ? 449 GLU B CB  1 
ATOM   427 C  CG  . GLU B 1 20 ? 3.668   9.412   -6.770  1.00 20.09 ? 449 GLU B CG  1 
ATOM   428 C  CD  . GLU B 1 20 ? 2.906   10.532  -7.524  1.00 19.79 ? 449 GLU B CD  1 
ATOM   429 O  OE1 . GLU B 1 20 ? 1.811   10.973  -7.116  1.00 23.45 ? 449 GLU B OE1 1 
ATOM   430 O  OE2 . GLU B 1 20 ? 3.385   10.978  -8.593  1.00 23.89 ? 449 GLU B OE2 1 
ATOM   431 N  N   . ARG B 1 21 ? 2.947   5.789   -6.721  1.00 17.92 ? 450 ARG B N   1 
ATOM   432 C  CA  . ARG B 1 21 ? 3.319   4.778   -7.693  1.00 19.69 ? 450 ARG B CA  1 
ATOM   433 C  C   . ARG B 1 21 ? 2.103   4.134   -8.344  1.00 16.32 ? 450 ARG B C   1 
ATOM   434 O  O   . ARG B 1 21 ? 2.083   3.923   -9.549  1.00 17.79 ? 450 ARG B O   1 
ATOM   435 C  CB  . ARG B 1 21 ? 4.139   3.682   -7.002  1.00 21.58 ? 450 ARG B CB  1 
ATOM   436 C  CG  . ARG B 1 21 ? 5.619   3.920   -6.930  1.00 25.97 ? 450 ARG B CG  1 
ATOM   437 C  CD  . ARG B 1 21 ? 6.345   2.762   -6.302  1.00 25.83 ? 450 ARG B CD  1 
ATOM   438 N  NE  . ARG B 1 21 ? 6.422   1.597   -7.188  1.00 26.66 ? 450 ARG B NE  1 
ATOM   439 C  CZ  . ARG B 1 21 ? 6.853   0.400   -6.784  1.00 25.77 ? 450 ARG B CZ  1 
ATOM   440 N  NH1 . ARG B 1 21 ? 7.217   0.211   -5.524  1.00 28.52 ? 450 ARG B NH1 1 
ATOM   441 N  NH2 . ARG B 1 21 ? 6.953   -0.590  -7.634  1.00 27.26 ? 450 ARG B NH2 1 
ATOM   442 N  N   . LEU B 1 22 ? 1.120   3.800   -7.539  1.00 15.88 ? 451 LEU B N   1 
ATOM   443 C  CA  . LEU B 1 22 ? -0.112  3.192   -8.080  1.00 15.82 ? 451 LEU B CA  1 
ATOM   444 C  C   . LEU B 1 22 ? -0.833  4.166   -8.996  1.00 14.56 ? 451 LEU B C   1 
ATOM   445 O  O   . LEU B 1 22 ? -1.325  3.805   -10.058 1.00 14.97 ? 451 LEU B O   1 
ATOM   446 C  CB  . LEU B 1 22 ? -1.005  2.730   -6.926  1.00 15.91 ? 451 LEU B CB  1 
ATOM   447 C  CG  . LEU B 1 22 ? -2.330  2.086   -7.318  1.00 17.36 ? 451 LEU B CG  1 
ATOM   448 C  CD1 . LEU B 1 22 ? -2.158  0.955   -8.330  1.00 17.89 ? 451 LEU B CD1 1 
ATOM   449 C  CD2 . LEU B 1 22 ? -3.012  1.595   -6.025  1.00 19.16 ? 451 LEU B CD2 1 
ATOM   450 N  N   . ASP B 1 23 ? -0.926  5.421   -8.567  1.00 14.82 ? 452 ASP B N   1 
ATOM   451 C  CA  . ASP B 1 23 ? -1.618  6.403   -9.366  1.00 14.82 ? 452 ASP B CA  1 
ATOM   452 C  C   . ASP B 1 23 ? -0.956  6.575   -10.713 1.00 15.36 ? 452 ASP B C   1 
ATOM   453 O  O   . ASP B 1 23 ? -1.602  6.593   -11.741 1.00 15.62 ? 452 ASP B O   1 
ATOM   454 C  CB  . ASP B 1 23 ? -1.652  7.738   -8.652  1.00 15.74 ? 452 ASP B CB  1 
ATOM   455 C  CG  . ASP B 1 23 ? -2.492  8.726   -9.404  1.00 17.94 ? 452 ASP B CG  1 
ATOM   456 O  OD1 . ASP B 1 23 ? -3.743  8.586   -9.442  1.00 22.37 ? 452 ASP B OD1 1 
ATOM   457 O  OD2 . ASP B 1 23 ? -1.971  9.626   -10.072 1.00 19.16 ? 452 ASP B OD2 1 
ATOM   458 N  N   . ARG B 1 24 ? 0.353   6.626   -10.700 1.00 15.24 ? 453 ARG B N   1 
ATOM   459 C  CA  . ARG B 1 24 ? 1.086   6.738   -11.960 1.00 16.81 ? 453 ARG B CA  1 
ATOM   460 C  C   . ARG B 1 24 ? 0.858   5.530   -12.874 1.00 17.31 ? 453 ARG B C   1 
ATOM   461 O  O   . ARG B 1 24 ? 0.685   5.692   -14.068 1.00 17.78 ? 453 ARG B O   1 
ATOM   462 C  CB  . ARG B 1 24 ? 2.570   6.929   -11.720 1.00 18.14 ? 453 ARG B CB  1 
ATOM   463 C  CG  . ARG B 1 24 ? 2.932   8.293   -11.233 1.00 20.09 ? 453 ARG B CG  1 
ATOM   464 C  CD  . ARG B 1 24 ? 4.385   8.493   -11.348 1.00 21.69 ? 453 ARG B CD  1 
ATOM   465 N  NE  . ARG B 1 24 ? 4.831   9.586   -10.526 1.00 22.66 ? 453 ARG B NE  1 
ATOM   466 C  CZ  . ARG B 1 24 ? 6.117   9.852   -10.284 1.00 23.42 ? 453 ARG B CZ  1 
ATOM   467 N  NH1 . ARG B 1 24 ? 7.096   9.121   -10.813 1.00 27.25 ? 453 ARG B NH1 1 
ATOM   468 N  NH2 . ARG B 1 24 ? 6.401   10.849  -9.491  1.00 25.28 ? 453 ARG B NH2 1 
ATOM   469 N  N   . LEU B 1 25 ? 0.845   4.326   -12.307 1.00 17.09 ? 454 LEU B N   1 
ATOM   470 C  CA  . LEU B 1 25 ? 0.664   3.125   -13.115 1.00 16.53 ? 454 LEU B CA  1 
ATOM   471 C  C   . LEU B 1 25 ? -0.763  3.101   -13.666 1.00 15.44 ? 454 LEU B C   1 
ATOM   472 O  O   . LEU B 1 25 ? -0.950  2.718   -14.823 1.00 16.30 ? 454 LEU B O   1 
ATOM   473 C  CB  . LEU B 1 25 ? 0.964   1.861   -12.323 1.00 17.67 ? 454 LEU B CB  1 
ATOM   474 C  CG  . LEU B 1 25 ? 1.083   0.583   -13.204 1.00 19.78 ? 454 LEU B CG  1 
ATOM   475 C  CD1 . LEU B 1 25 ? 2.172   0.700   -14.255 1.00 22.15 ? 454 LEU B CD1 1 
ATOM   476 C  CD2 . LEU B 1 25 ? 1.356   -0.628  -12.328 1.00 20.59 ? 454 LEU B CD2 1 
ATOM   477 N  N   . GLU B 1 26 ? -1.755  3.477   -12.860 1.00 14.20 ? 455 GLU B N   1 
ATOM   478 C  CA  . GLU B 1 26 ? -3.126  3.514   -13.362 1.00 14.59 ? 455 GLU B CA  1 
ATOM   479 C  C   . GLU B 1 26 ? -3.185  4.444   -14.571 1.00 16.34 ? 455 GLU B C   1 
ATOM   480 O  O   . GLU B 1 26 ? -3.817  4.145   -15.559 1.00 16.94 ? 455 GLU B O   1 
ATOM   481 C  CB  . GLU B 1 26 ? -4.091  4.025   -12.264 1.00 14.38 ? 455 GLU B CB  1 
ATOM   482 C  CG  . GLU B 1 26 ? -4.358  3.064   -11.129 1.00 15.48 ? 455 GLU B CG  1 
ATOM   483 C  CD  . GLU B 1 26 ? -5.159  3.661   -9.987  1.00 17.95 ? 455 GLU B CD  1 
ATOM   484 O  OE1 . GLU B 1 26 ? -5.218  4.904   -9.844  1.00 21.27 ? 455 GLU B OE1 1 
ATOM   485 O  OE2 . GLU B 1 26 ? -5.708  2.862   -9.197  1.00 18.70 ? 455 GLU B OE2 1 
ATOM   486 N  N   . GLU B 1 27 ? -2.511  5.575   -14.458 1.00 16.72 ? 456 GLU B N   1 
ATOM   487 C  CA  . GLU B 1 27 ? -2.461  6.496   -15.576 1.00 18.94 ? 456 GLU B CA  1 
ATOM   488 C  C   . GLU B 1 27 ? -1.556  5.977   -16.713 1.00 17.62 ? 456 GLU B C   1 
ATOM   489 O  O   . GLU B 1 27 ? -1.889  6.207   -17.878 1.00 21.59 ? 456 GLU B O   1 
ATOM   490 C  CB  . GLU B 1 27 ? -2.085  7.884   -15.062 1.00 18.93 ? 456 GLU B CB  1 
ATOM   491 C  CG  . GLU B 1 27 ? -3.172  8.399   -14.086 1.00 20.08 ? 456 GLU B CG  1 
ATOM   492 C  CD  . GLU B 1 27 ? -2.875  9.700   -13.401 1.00 21.25 ? 456 GLU B CD  1 
ATOM   493 O  OE1 . GLU B 1 27 ? -1.902  10.317  -13.790 1.00 20.94 ? 456 GLU B OE1 1 
ATOM   494 O  OE2 . GLU B 1 27 ? -3.641  10.119  -12.471 1.00 23.32 ? 456 GLU B OE2 1 
ATOM   495 N  N   . THR B 1 28 ? -0.474  5.265   -16.427 1.00 19.00 ? 457 THR B N   1 
ATOM   496 C  CA  . THR B 1 28 ? 0.311   4.608   -17.510 1.00 18.36 ? 457 THR B CA  1 
ATOM   497 C  C   . THR B 1 28 ? -0.587  3.613   -18.283 1.00 19.36 ? 457 THR B C   1 
ATOM   498 O  O   . THR B 1 28 ? -0.536  3.541   -19.492 1.00 21.30 ? 457 THR B O   1 
ATOM   499 C  CB  . THR B 1 28 ? 1.541   3.910   -16.916 1.00 19.30 ? 457 THR B CB  1 
ATOM   500 O  OG1 . THR B 1 28 ? 2.421   4.915   -16.388 1.00 24.27 ? 457 THR B OG1 1 
ATOM   501 C  CG2 . THR B 1 28 ? 2.363   3.165   -17.948 1.00 22.29 ? 457 THR B CG2 1 
ATOM   502 N  N   . VAL B 1 29 ? -1.443  2.871   -17.594 1.00 18.02 ? 458 VAL B N   1 
ATOM   503 C  CA  . VAL B 1 29 ? -2.315  1.878   -18.255 1.00 17.72 ? 458 VAL B CA  1 
ATOM   504 C  C   . VAL B 1 29 ? -3.424  2.540   -19.038 1.00 18.05 ? 458 VAL B C   1 
ATOM   505 O  O   . VAL B 1 29 ? -3.786  2.068   -20.136 1.00 20.59 ? 458 VAL B O   1 
ATOM   506 C  CB  . VAL B 1 29 ? -2.868  0.900   -17.235 1.00 15.83 ? 458 VAL B CB  1 
ATOM   507 C  CG1 . VAL B 1 29 ? -3.933  -0.022  -17.823 1.00 16.95 ? 458 VAL B CG1 1 
ATOM   508 C  CG2 . VAL B 1 29 ? -1.704  0.079   -16.710 1.00 16.96 ? 458 VAL B CG2 1 
ATOM   509 N  N   . GLN B 1 30 ? -3.944  3.655   -18.513 1.00 18.62 ? 459 GLN B N   1 
ATOM   510 C  CA  . GLN B 1 30 ? -4.879  4.440   -19.243 1.00 20.69 ? 459 GLN B CA  1 
ATOM   511 C  C   . GLN B 1 30 ? -4.248  4.922   -20.557 1.00 19.19 ? 459 GLN B C   1 
ATOM   512 O  O   . GLN B 1 30 ? -4.908  4.931   -21.577 1.00 21.43 ? 459 GLN B O   1 
ATOM   513 C  CB  . GLN B 1 30 ? -5.358  5.637   -18.447 1.00 20.99 ? 459 GLN B CB  1 
ATOM   514 C  CG  . GLN B 1 30 ? -6.369  5.300   -17.361 1.00 25.50 ? 459 GLN B CG  1 
ATOM   515 C  CD  . GLN B 1 30 ? -6.830  6.504   -16.543 1.00 27.21 ? 459 GLN B CD  1 
ATOM   516 O  OE1 . GLN B 1 30 ? -6.173  7.559   -16.519 1.00 34.08 ? 459 GLN B OE1 1 
ATOM   517 N  NE2 . GLN B 1 30 ? -7.966  6.343   -15.848 1.00 30.60 ? 459 GLN B NE2 1 
ATOM   518 N  N   . ALA B 1 31 ? -2.971  5.294   -20.530 1.00 18.12 ? 460 ALA B N   1 
ATOM   519 C  CA  . ALA B 1 31 ? -2.219  5.613   -21.750 1.00 19.44 ? 460 ALA B CA  1 
ATOM   520 C  C   . ALA B 1 31 ? -2.951  6.697   -22.585 1.00 18.42 ? 460 ALA B C   1 
ATOM   521 O  O   . ALA B 1 31 ? -3.184  6.614   -23.802 1.00 19.22 ? 460 ALA B O   1 
ATOM   522 C  CB  . ALA B 1 31 ? -1.951  4.344   -22.541 1.00 20.72 ? 460 ALA B CB  1 
ATOM   523 N  N   . LYS B 1 32 ? -3.305  7.775   -21.910 1.00 19.22 ? 461 LYS B N   1 
ATOM   524 C  CA  . LYS B 1 32 ? -3.974  8.901   -22.558 1.00 18.60 ? 461 LYS B CA  1 
ATOM   525 C  C   . LYS B 1 32 ? -3.082  9.655   -23.528 1.00 17.63 ? 461 LYS B C   1 
ATOM   526 O  O   . LYS B 1 32 ? -3.615  10.333  -24.394 1.00 17.45 ? 461 LYS B O   1 
ATOM   527 C  CB  . LYS B 1 32 ? -4.486  9.886   -21.524 1.00 19.54 ? 461 LYS B CB  1 
ATOM   528 C  CG  . LYS B 1 32 ? -5.436  9.263   -20.552 1.00 23.34 ? 461 LYS B CG  1 
ATOM   529 C  CD  . LYS B 1 32 ? -6.740  8.885   -21.208 1.00 29.78 ? 461 LYS B CD  1 
ATOM   530 C  CE  . LYS B 1 32 ? -7.838  8.637   -20.192 1.00 30.20 ? 461 LYS B CE  1 
ATOM   531 N  NZ  . LYS B 1 32 ? -9.173  8.544   -20.841 1.00 31.89 ? 461 LYS B NZ  1 
ATOM   532 O  OXT . LYS B 1 32 ? -1.842  9.597   -23.496 1.00 19.38 ? 461 LYS B OXT 1 
ATOM   533 N  N   . VAL C 1 1  ? 3.769   -8.601  22.763  1.00 12.22 ? 430 VAL C N   1 
ATOM   534 C  CA  . VAL C 1 1  ? 3.279   -7.892  21.546  1.00 11.43 ? 430 VAL C CA  1 
ATOM   535 C  C   . VAL C 1 1  ? 1.832   -7.508  21.813  1.00 10.89 ? 430 VAL C C   1 
ATOM   536 O  O   . VAL C 1 1  ? 0.949   -8.362  21.987  1.00 11.40 ? 430 VAL C O   1 
ATOM   537 C  CB  . VAL C 1 1  ? 3.402   -8.769  20.288  1.00 10.47 ? 430 VAL C CB  1 
ATOM   538 C  CG1 . VAL C 1 1  ? 2.884   -8.045  19.084  1.00 11.60 ? 430 VAL C CG1 1 
ATOM   539 C  CG2 . VAL C 1 1  ? 4.838   -9.252  20.108  1.00 11.96 ? 430 VAL C CG2 1 
ATOM   540 N  N   . SER C 1 2  ? 1.559   -6.210  21.840  1.00 10.34 ? 431 SER C N   1 
ATOM   541 C  CA  . SER C 1 2  ? 0.202   -5.728  22.047  1.00 10.76 ? 431 SER C CA  1 
ATOM   542 C  C   . SER C 1 2  ? -0.597  -5.859  20.759  1.00 10.38 ? 431 SER C C   1 
ATOM   543 O  O   . SER C 1 2  ? -0.060  -6.043  19.677  1.00 9.98  ? 431 SER C O   1 
ATOM   544 C  CB  . SER C 1 2  ? 0.222   -4.274  22.496  1.00 12.45 ? 431 SER C CB  1 
ATOM   545 O  OG  . SER C 1 2  ? 0.666   -3.487  21.395  1.00 12.30 ? 431 SER C OG  1 
ATOM   546 N  N   . ARG C 1 3  ? -1.916  -5.691  20.846  1.00 11.09 ? 432 ARG C N   1 
ATOM   547 C  CA  . ARG C 1 3  ? -2.744  -5.613  19.641  1.00 11.75 ? 432 ARG C CA  1 
ATOM   548 C  C   . ARG C 1 3  ? -2.280  -4.533  18.677  1.00 10.94 ? 432 ARG C C   1 
ATOM   549 O  O   . ARG C 1 3  ? -2.213  -4.752  17.477  1.00 11.31 ? 432 ARG C O   1 
ATOM   550 C  CB  . ARG C 1 3  ? -4.214  -5.426  20.038  1.00 14.65 ? 432 ARG C CB  1 
ATOM   551 C  CG  . ARG C 1 3  ? -5.121  -5.140  18.837  1.00 17.35 ? 432 ARG C CG  1 
ATOM   552 C  CD  . ARG C 1 3  ? -5.247  -6.283  17.858  1.00 20.18 ? 432 ARG C CD  1 
ATOM   553 N  NE  . ARG C 1 3  ? -5.897  -5.849  16.600  1.00 22.86 ? 432 ARG C NE  1 
ATOM   554 C  CZ  . ARG C 1 3  ? -7.196  -5.777  16.401  1.00 24.54 ? 432 ARG C CZ  1 
ATOM   555 N  NH1 . ARG C 1 3  ? -8.056  -6.172  17.328  1.00 27.00 ? 432 ARG C NH1 1 
ATOM   556 N  NH2 . ARG C 1 3  ? -7.641  -5.345  15.224  1.00 27.28 ? 432 ARG C NH2 1 
ATOM   557 N  N   . LEU C 1 4  ? -1.969  -3.350  19.194  1.00 11.74 ? 433 LEU C N   1 
ATOM   558 C  CA  . LEU C 1 4  ? -1.522  -2.279  18.316  1.00 13.38 ? 433 LEU C CA  1 
ATOM   559 C  C   . LEU C 1 4  ? -0.214  -2.650  17.635  1.00 12.07 ? 433 LEU C C   1 
ATOM   560 O  O   . LEU C 1 4  ? -0.038  -2.400  16.434  1.00 11.59 ? 433 LEU C O   1 
ATOM   561 C  CB  . LEU C 1 4  ? -1.401  -1.024  19.140  1.00 15.85 ? 433 LEU C CB  1 
ATOM   562 C  CG  . LEU C 1 4  ? -1.342  0.297   18.472  1.00 18.98 ? 433 LEU C CG  1 
ATOM   563 C  CD1 . LEU C 1 4  ? -2.516  0.533   17.600  1.00 19.68 ? 433 LEU C CD1 1 
ATOM   564 C  CD2 . LEU C 1 4  ? -1.322  1.357   19.557  1.00 19.93 ? 433 LEU C CD2 1 
ATOM   565 N  N   . GLU C 1 5  ? 0.719   -3.259  18.366  1.00 11.13 ? 434 GLU C N   1 
ATOM   566 C  CA  . GLU C 1 5  ? 1.960   -3.717  17.781  1.00 11.67 ? 434 GLU C CA  1 
ATOM   567 C  C   . GLU C 1 5  ? 1.706   -4.799  16.730  1.00 10.86 ? 434 GLU C C   1 
ATOM   568 O  O   . GLU C 1 5  ? 2.358   -4.799  15.667  1.00 11.44 ? 434 GLU C O   1 
ATOM   569 C  CB  . GLU C 1 5  ? 2.931   -4.233  18.840  1.00 11.06 ? 434 GLU C CB  1 
ATOM   570 C  CG  . GLU C 1 5  ? 3.567   -3.153  19.682  1.00 12.42 ? 434 GLU C CG  1 
ATOM   571 C  CD  . GLU C 1 5  ? 4.344   -3.647  20.875  1.00 15.66 ? 434 GLU C CD  1 
ATOM   572 O  OE1 . GLU C 1 5  ? 3.938   -4.605  21.511  1.00 14.97 ? 434 GLU C OE1 1 
ATOM   573 O  OE2 . GLU C 1 5  ? 5.355   -2.991  21.195  1.00 20.67 ? 434 GLU C OE2 1 
ATOM   574 N  N   . GLU C 1 6  ? 0.765   -5.687  16.962  1.00 9.77  ? 435 GLU C N   1 
ATOM   575 C  CA  . GLU C 1 6  ? 0.429   -6.723  15.985  1.00 10.64 ? 435 GLU C CA  1 
ATOM   576 C  C   . GLU C 1 6  ? -0.168  -6.085  14.741  1.00 10.31 ? 435 GLU C C   1 
ATOM   577 O  O   . GLU C 1 6  ? 0.159   -6.482  13.625  1.00 11.36 ? 435 GLU C O   1 
ATOM   578 C  CB  . GLU C 1 6  ? -0.562  -7.701  16.570  1.00 11.26 ? 435 GLU C CB  1 
ATOM   579 C  CG  . GLU C 1 6  ? -0.898  -8.826  15.598  1.00 11.90 ? 435 GLU C CG  1 
ATOM   580 C  CD  . GLU C 1 6  ? 0.277   -9.722  15.170  1.00 13.37 ? 435 GLU C CD  1 
ATOM   581 O  OE1 . GLU C 1 6  ? 1.320   -9.744  15.843  1.00 14.53 ? 435 GLU C OE1 1 
ATOM   582 O  OE2 . GLU C 1 6  ? 0.101   -10.441 14.145  1.00 14.34 ? 435 GLU C OE2 1 
ATOM   583 N  N   . ASP C 1 7  ? -1.032  -5.084  14.914  1.00 10.44 ? 436 ASP C N   1 
ATOM   584 C  CA  . ASP C 1 7  ? -1.610  -4.411  13.730  1.00 11.61 ? 436 ASP C CA  1 
ATOM   585 C  C   . ASP C 1 7  ? -0.498  -3.778  12.883  1.00 10.67 ? 436 ASP C C   1 
ATOM   586 O  O   . ASP C 1 7  ? -0.581  -3.809  11.673  1.00 12.31 ? 436 ASP C O   1 
ATOM   587 C  CB  . ASP C 1 7  ? -2.599  -3.320  14.158  1.00 12.37 ? 436 ASP C CB  1 
ATOM   588 C  CG  . ASP C 1 7  ? -3.890  -3.838  14.724  1.00 16.92 ? 436 ASP C CG  1 
ATOM   589 O  OD1 . ASP C 1 7  ? -4.176  -5.026  14.568  1.00 17.32 ? 436 ASP C OD1 1 
ATOM   590 O  OD2 . ASP C 1 7  ? -4.661  -3.033  15.360  1.00 21.49 ? 436 ASP C OD2 1 
ATOM   591 N  N   . VAL C 1 8  ? 0.496   -3.184  13.518  1.00 10.93 ? 437 VAL C N   1 
ATOM   592 C  CA  . VAL C 1 8  ? 1.632   -2.603  12.812  1.00 11.60 ? 437 VAL C CA  1 
ATOM   593 C  C   . VAL C 1 8  ? 2.468   -3.677  12.119  1.00 12.07 ? 437 VAL C C   1 
ATOM   594 O  O   . VAL C 1 8  ? 2.869   -3.484  10.960  1.00 13.29 ? 437 VAL C O   1 
ATOM   595 C  CB  . VAL C 1 8  ? 2.394   -1.661  13.764  1.00 12.07 ? 437 VAL C CB  1 
ATOM   596 C  CG1 . VAL C 1 8  ? 3.733   -1.221  13.152  1.00 15.38 ? 437 VAL C CG1 1 
ATOM   597 C  CG2 . VAL C 1 8  ? 1.499   -0.458  14.084  1.00 14.13 ? 437 VAL C CG2 1 
ATOM   598 N  N   . ARG C 1 9  ? 2.711   -4.800  12.774  1.00 11.95 ? 438 ARG C N   1 
ATOM   599 C  CA  . ARG C 1 9  ? 3.366   -5.943  12.115  1.00 12.76 ? 438 ARG C CA  1 
ATOM   600 C  C   . ARG C 1 9  ? 2.606   -6.362  10.849  1.00 13.31 ? 438 ARG C C   1 
ATOM   601 O  O   . ARG C 1 9  ? 3.208   -6.630  9.800   1.00 14.37 ? 438 ARG C O   1 
ATOM   602 C  CB  . ARG C 1 9  ? 3.498   -7.122  13.069  1.00 12.88 ? 438 ARG C CB  1 
ATOM   603 C  CG  . ARG C 1 9  ? 4.567   -6.969  14.119  1.00 14.21 ? 438 ARG C CG  1 
ATOM   604 C  CD  . ARG C 1 9  ? 4.435   -7.982  15.229  1.00 14.23 ? 438 ARG C CD  1 
ATOM   605 N  NE  . ARG C 1 9  ? 5.555   -7.961  16.174  1.00 17.58 ? 438 ARG C NE  1 
ATOM   606 C  CZ  . ARG C 1 9  ? 6.632   -8.687  16.082  1.00 19.77 ? 438 ARG C CZ  1 
ATOM   607 N  NH1 . ARG C 1 9  ? 6.774   -9.564  15.120  1.00 19.78 ? 438 ARG C NH1 1 
ATOM   608 N  NH2 . ARG C 1 9  ? 7.563   -8.549  17.013  1.00 21.71 ? 438 ARG C NH2 1 
ATOM   609 N  N   . ASN C 1 10 ? 1.305   -6.460  10.945  1.00 12.55 ? 439 ASN C N   1 
ATOM   610 C  CA  . ASN C 1 10 ? 0.497   -6.898  9.836   1.00 14.25 ? 439 ASN C CA  1 
ATOM   611 C  C   . ASN C 1 10 ? 0.489   -5.856  8.721   1.00 13.30 ? 439 ASN C C   1 
ATOM   612 O  O   . ASN C 1 10 ? 0.542   -6.216  7.543   1.00 14.75 ? 439 ASN C O   1 
ATOM   613 C  CB  . ASN C 1 10 ? -0.878  -7.248  10.317  1.00 15.70 ? 439 ASN C CB  1 
ATOM   614 C  CG  . ASN C 1 10 ? -0.837  -8.526  11.185  1.00 18.77 ? 439 ASN C CG  1 
ATOM   615 O  OD1 . ASN C 1 10 ? 0.107   -9.309  11.071  1.00 25.03 ? 439 ASN C OD1 1 
ATOM   616 N  ND2 . ASN C 1 10 ? -1.826  -8.708  12.023  1.00 21.10 ? 439 ASN C ND2 1 
ATOM   617 N  N   . LEU C 1 11 ? 0.510   -4.573  9.071   1.00 13.04 ? 440 LEU C N   1 
ATOM   618 C  CA  . LEU C 1 11 ? 0.632   -3.517  8.071   1.00 12.91 ? 440 LEU C CA  1 
ATOM   619 C  C   . LEU C 1 11 ? 1.967   -3.587  7.364   1.00 13.68 ? 440 LEU C C   1 
ATOM   620 O  O   . LEU C 1 11 ? 2.027   -3.429  6.151   1.00 14.82 ? 440 LEU C O   1 
ATOM   621 C  CB  . LEU C 1 11 ? 0.492   -2.157  8.742   1.00 13.74 ? 440 LEU C CB  1 
ATOM   622 C  CG  . LEU C 1 11 ? -0.957  -1.779  8.965   1.00 14.16 ? 440 LEU C CG  1 
ATOM   623 C  CD1 . LEU C 1 11 ? -1.034  -0.608  9.984   1.00 14.49 ? 440 LEU C CD1 1 
ATOM   624 C  CD2 . LEU C 1 11 ? -1.652  -1.400  7.696   1.00 17.13 ? 440 LEU C CD2 1 
ATOM   625 N  N   . ASN C 1 12 ? 3.040   -3.853  8.080   1.00 14.47 ? 441 ASN C N   1 
ATOM   626 C  CA  . ASN C 1 12 ? 4.333   -4.001  7.465   1.00 16.05 ? 441 ASN C CA  1 
ATOM   627 C  C   . ASN C 1 12 ? 4.281   -5.131  6.411   1.00 15.81 ? 441 ASN C C   1 
ATOM   628 O  O   . ASN C 1 12 ? 4.777   -4.985  5.301   1.00 16.73 ? 441 ASN C O   1 
ATOM   629 C  CB  . ASN C 1 12 ? 5.407   -4.277  8.540   1.00 18.22 ? 441 ASN C CB  1 
ATOM   630 C  CG  . ASN C 1 12 ? 5.799   -3.008  9.375   1.00 20.70 ? 441 ASN C CG  1 
ATOM   631 O  OD1 . ASN C 1 12 ? 5.649   -1.873  8.946   1.00 25.96 ? 441 ASN C OD1 1 
ATOM   632 N  ND2 . ASN C 1 12 ? 6.320   -3.236  10.584  1.00 23.88 ? 441 ASN C ND2 1 
ATOM   633 N  N   . ALA C 1 13 ? 3.654   -6.236  6.764   1.00 14.43 ? 442 ALA C N   1 
ATOM   634 C  CA  . ALA C 1 13 ? 3.567   -7.387  5.852   1.00 15.53 ? 442 ALA C CA  1 
ATOM   635 C  C   . ALA C 1 13 ? 2.710   -7.078  4.635   1.00 15.73 ? 442 ALA C C   1 
ATOM   636 O  O   . ALA C 1 13 ? 3.085   -7.406  3.512   1.00 16.47 ? 442 ALA C O   1 
ATOM   637 C  CB  . ALA C 1 13 ? 3.046   -8.585  6.600   1.00 15.78 ? 442 ALA C CB  1 
ATOM   638 N  N   . ILE C 1 14 ? 1.599   -6.392  4.848   1.00 14.59 ? 443 ILE C N   1 
ATOM   639 C  CA  . ILE C 1 14 ? 0.723   -6.018  3.754   1.00 16.13 ? 443 ILE C CA  1 
ATOM   640 C  C   . ILE C 1 14 ? 1.432   -5.052  2.788   1.00 14.76 ? 443 ILE C C   1 
ATOM   641 O  O   . ILE C 1 14 ? 1.338   -5.217  1.572   1.00 15.60 ? 443 ILE C O   1 
ATOM   642 C  CB  . ILE C 1 14 ? -0.597  -5.407  4.288   1.00 16.99 ? 443 ILE C CB  1 
ATOM   643 C  CG1 . ILE C 1 14 ? -1.452  -6.482  4.973   1.00 20.11 ? 443 ILE C CG1 1 
ATOM   644 C  CG2 . ILE C 1 14 ? -1.386  -4.697  3.172   1.00 20.32 ? 443 ILE C CG2 1 
ATOM   645 C  CD1 . ILE C 1 14 ? -2.523  -5.943  5.930   1.00 21.50 ? 443 ILE C CD1 1 
ATOM   646 N  N   . VAL C 1 15 ? 2.111   -4.044  3.323   1.00 15.01 ? 444 VAL C N   1 
ATOM   647 C  CA  . VAL C 1 15 ? 2.790   -3.061  2.471   1.00 14.80 ? 444 VAL C CA  1 
ATOM   648 C  C   . VAL C 1 15 ? 3.900   -3.721  1.667   1.00 14.84 ? 444 VAL C C   1 
ATOM   649 O  O   . VAL C 1 15 ? 4.086   -3.384  0.494   1.00 15.80 ? 444 VAL C O   1 
ATOM   650 C  CB  . VAL C 1 15 ? 3.274   -1.863  3.278   0.60 13.93 ? 444 VAL C CB  1 
ATOM   651 C  CG1 . VAL C 1 15 ? 4.102   -1.021  2.505   0.60 16.86 ? 444 VAL C CG1 1 
ATOM   652 C  CG2 . VAL C 1 15 ? 2.100   -1.019  3.805   0.60 13.77 ? 444 VAL C CG2 1 
ATOM   653 N  N   . GLN C 1 16 ? 4.576   -4.709  2.235   1.00 14.79 ? 445 GLN C N   1 
ATOM   654 C  CA  . GLN C 1 16 ? 5.576   -5.450  1.481   1.00 17.09 ? 445 GLN C CA  1 
ATOM   655 C  C   . GLN C 1 16 ? 4.932   -6.192  0.307   1.00 14.43 ? 445 GLN C C   1 
ATOM   656 O  O   . GLN C 1 16 ? 5.463   -6.197  -0.811  1.00 15.67 ? 445 GLN C O   1 
ATOM   657 C  CB  . GLN C 1 16 ? 6.299   -6.417  2.406   1.00 17.66 ? 445 GLN C CB  1 
ATOM   658 C  CG  . GLN C 1 16 ? 7.285   -5.727  3.332   1.00 24.32 ? 445 GLN C CG  1 
ATOM   659 C  CD  . GLN C 1 16 ? 8.069   -6.700  4.210   1.00 26.31 ? 445 GLN C CD  1 
ATOM   660 O  OE1 . GLN C 1 16 ? 8.652   -7.669  3.700   1.00 33.50 ? 445 GLN C OE1 1 
ATOM   661 N  NE2 . GLN C 1 16 ? 8.124   -6.432  5.502   1.00 31.18 ? 445 GLN C NE2 1 
ATOM   662 N  N   . LYS C 1 17 ? 3.780   -6.778  0.534   1.00 15.23 ? 446 LYS C N   1 
ATOM   663 C  CA  . LYS C 1 17 ? 3.059   -7.504  -0.527  1.00 17.18 ? 446 LYS C CA  1 
ATOM   664 C  C   . LYS C 1 17 ? 2.581   -6.522  -1.604  1.00 15.48 ? 446 LYS C C   1 
ATOM   665 O  O   . LYS C 1 17 ? 2.694   -6.817  -2.797  1.00 15.83 ? 446 LYS C O   1 
ATOM   666 C  CB  . LYS C 1 17 ? 1.873   -8.274  0.076   1.00 18.33 ? 446 LYS C CB  1 
ATOM   667 C  CG  . LYS C 1 17 ? 2.225   -9.564  0.872   1.00 24.66 ? 446 LYS C CG  1 
ATOM   668 C  CD  . LYS C 1 17 ? 1.056   -10.094 1.719   1.00 24.80 ? 446 LYS C CD  1 
ATOM   669 C  CE  . LYS C 1 17 ? 1.466   -11.213 2.671   1.00 27.01 ? 446 LYS C CE  1 
ATOM   670 N  NZ  . LYS C 1 17 ? 0.332   -11.651 3.524   1.00 31.55 ? 446 LYS C NZ  1 
ATOM   671 N  N   . LEU C 1 18 ? 2.127   -5.350  -1.195  1.00 14.41 ? 447 LEU C N   1 
ATOM   672 C  CA  . LEU C 1 18 ? 1.653   -4.370  -2.145  1.00 14.55 ? 447 LEU C CA  1 
ATOM   673 C  C   . LEU C 1 18 ? 2.794   -3.853  -2.990  1.00 13.71 ? 447 LEU C C   1 
ATOM   674 O  O   . LEU C 1 18 ? 2.646   -3.649  -4.194  1.00 14.02 ? 447 LEU C O   1 
ATOM   675 C  CB  . LEU C 1 18 ? 0.990   -3.195  -1.415  1.00 16.25 ? 447 LEU C CB  1 
ATOM   676 C  CG  . LEU C 1 18 ? -0.347  -3.539  -0.744  1.00 18.91 ? 447 LEU C CG  1 
ATOM   677 C  CD1 . LEU C 1 18 ? -0.900  -2.296  -0.049  1.00 21.78 ? 447 LEU C CD1 1 
ATOM   678 C  CD2 . LEU C 1 18 ? -1.394  -4.147  -1.685  1.00 24.61 ? 447 LEU C CD2 1 
ATOM   679 N  N   . GLN C 1 19 ? 3.945   -3.643  -2.383  1.00 14.01 ? 448 GLN C N   1 
ATOM   680 C  CA  . GLN C 1 19 ? 5.098   -3.167  -3.127  1.00 15.37 ? 448 GLN C CA  1 
ATOM   681 C  C   . GLN C 1 19 ? 5.508   -4.190  -4.198  1.00 14.44 ? 448 GLN C C   1 
ATOM   682 O  O   . GLN C 1 19 ? 5.782   -3.830  -5.338  1.00 13.89 ? 448 GLN C O   1 
ATOM   683 C  CB  . GLN C 1 19 ? 6.249   -2.926  -2.168  1.00 15.40 ? 448 GLN C CB  1 
ATOM   684 C  CG  . GLN C 1 19 ? 7.497   -2.316  -2.739  1.00 20.92 ? 448 GLN C CG  1 
ATOM   685 C  CD  . GLN C 1 19 ? 8.300   -1.630  -1.644  1.00 25.26 ? 448 GLN C CD  1 
ATOM   686 O  OE1 . GLN C 1 19 ? 8.167   -0.421  -1.424  1.00 36.21 ? 448 GLN C OE1 1 
ATOM   687 N  NE2 . GLN C 1 19 ? 9.121   -2.400  -0.943  1.00 33.30 ? 448 GLN C NE2 1 
ATOM   688 N  N   . GLU C 1 20 ? 5.486   -5.471  -3.821  1.00 13.93 ? 449 GLU C N   1 
ATOM   689 C  CA  . GLU C 1 20 ? 5.787   -6.537  -4.763  1.00 15.95 ? 449 GLU C CA  1 
ATOM   690 C  C   . GLU C 1 20 ? 4.764   -6.573  -5.890  1.00 14.79 ? 449 GLU C C   1 
ATOM   691 O  O   . GLU C 1 20 ? 5.103   -6.738  -7.071  1.00 15.90 ? 449 GLU C O   1 
ATOM   692 C  CB  . GLU C 1 20 ? 5.899   -7.879  -4.049  1.00 17.62 ? 449 GLU C CB  1 
ATOM   693 C  CG  . GLU C 1 20 ? 6.047   -9.018  -5.037  1.00 21.29 ? 449 GLU C CG  1 
ATOM   694 C  CD  . GLU C 1 20 ? 7.284   -8.895  -5.936  1.00 17.86 ? 449 GLU C CD  1 
ATOM   695 O  OE1 . GLU C 1 20 ? 8.294   -8.278  -5.510  1.00 27.67 ? 449 GLU C OE1 1 
ATOM   696 O  OE2 . GLU C 1 20 ? 7.199   -9.436  -7.060  1.00 29.09 ? 449 GLU C OE2 1 
ATOM   697 N  N   . ARG C 1 21 ? 3.493   -6.468  -5.562  1.00 14.50 ? 450 ARG C N   1 
ATOM   698 C  CA  . ARG C 1 21 ? 2.469   -6.486  -6.591  1.00 15.70 ? 450 ARG C CA  1 
ATOM   699 C  C   . ARG C 1 21 ? 2.625   -5.351  -7.574  1.00 14.19 ? 450 ARG C C   1 
ATOM   700 O  O   . ARG C 1 21 ? 2.434   -5.529  -8.790  1.00 15.05 ? 450 ARG C O   1 
ATOM   701 C  CB  . ARG C 1 21 ? 1.061   -6.447  -6.000  1.00 16.85 ? 450 ARG C CB  1 
ATOM   702 C  CG  . ARG C 1 21 ? 0.668   -7.739  -5.282  1.00 19.36 ? 450 ARG C CG  1 
ATOM   703 C  CD  . ARG C 1 21 ? -0.629  -7.624  -4.553  1.00 19.82 ? 450 ARG C CD  1 
ATOM   704 N  NE  . ARG C 1 21 ? -1.739  -7.510  -5.497  1.00 20.61 ? 450 ARG C NE  1 
ATOM   705 C  CZ  . ARG C 1 21 ? -2.988  -7.255  -5.119  1.00 21.33 ? 450 ARG C CZ  1 
ATOM   706 N  NH1 . ARG C 1 21 ? -3.260  -7.040  -3.842  1.00 24.67 ? 450 ARG C NH1 1 
ATOM   707 N  NH2 . ARG C 1 21 ? -3.971  -7.186  -5.994  1.00 23.24 ? 450 ARG C NH2 1 
ATOM   708 N  N   . LEU C 1 22 ? 2.954   -4.179  -7.069  1.00 12.78 ? 451 LEU C N   1 
ATOM   709 C  CA  . LEU C 1 22 ? 3.196   -3.003  -7.893  1.00 13.95 ? 451 LEU C CA  1 
ATOM   710 C  C   . LEU C 1 22 ? 4.411   -3.213  -8.781  1.00 13.01 ? 451 LEU C C   1 
ATOM   711 O  O   . LEU C 1 22 ? 4.382   -2.911  -9.970  1.00 13.26 ? 451 LEU C O   1 
ATOM   712 C  CB  . LEU C 1 22 ? 3.427   -1.770  -6.991  1.00 14.77 ? 451 LEU C CB  1 
ATOM   713 C  CG  . LEU C 1 22 ? 2.155   -1.092  -6.506  0.70 14.34 ? 451 LEU C CG  1 
ATOM   714 C  CD1 . LEU C 1 22 ? 2.517   -0.084  -5.443  0.70 16.43 ? 451 LEU C CD1 1 
ATOM   715 C  CD2 . LEU C 1 22 ? 1.396   -0.417  -7.626  0.70 19.79 ? 451 LEU C CD2 1 
ATOM   716 N  N   . ASP C 1 23 ? 5.486   -3.754  -8.230  1.00 13.38 ? 452 ASP C N   1 
ATOM   717 C  CA  . ASP C 1 23 ? 6.681   -4.041  -9.013  1.00 15.64 ? 452 ASP C CA  1 
ATOM   718 C  C   . ASP C 1 23 ? 6.304   -4.963  -10.194 1.00 13.86 ? 452 ASP C C   1 
ATOM   719 O  O   . ASP C 1 23 ? 6.676   -4.707  -11.342 1.00 14.66 ? 452 ASP C O   1 
ATOM   720 C  CB  . ASP C 1 23 ? 7.726   -4.820  -8.163  1.00 16.36 ? 452 ASP C CB  1 
ATOM   721 C  CG  . ASP C 1 23 ? 8.381   -4.047  -7.066  1.00 21.49 ? 452 ASP C CG  1 
ATOM   722 O  OD1 . ASP C 1 23 ? 8.330   -2.814  -7.058  1.00 22.73 ? 452 ASP C OD1 1 
ATOM   723 O  OD2 . ASP C 1 23 ? 9.051   -4.664  -6.167  1.00 24.34 ? 452 ASP C OD2 1 
ATOM   724 N  N   . ARG C 1 24 ? 5.614   -6.059  -9.912  1.00 14.41 ? 453 ARG C N   1 
ATOM   725 C  CA  . ARG C 1 24 ? 5.260   -7.040  -10.932 1.00 14.70 ? 453 ARG C CA  1 
ATOM   726 C  C   . ARG C 1 24 ? 4.358   -6.421  -11.969 1.00 13.84 ? 453 ARG C C   1 
ATOM   727 O  O   . ARG C 1 24 ? 4.530   -6.678  -13.164 1.00 14.61 ? 453 ARG C O   1 
ATOM   728 C  CB  . ARG C 1 24 ? 4.595   -8.268  -10.305 1.00 16.70 ? 453 ARG C CB  1 
ATOM   729 C  CG  . ARG C 1 24 ? 4.282   -9.406  -11.262 1.00 19.92 ? 453 ARG C CG  1 
ATOM   730 C  CD  . ARG C 1 24 ? 3.669   -10.697 -10.672 1.00 23.03 ? 453 ARG C CD  1 
ATOM   731 N  NE  . ARG C 1 24 ? 4.630   -11.493 -9.902  1.00 26.09 ? 453 ARG C NE  1 
ATOM   732 C  CZ  . ARG C 1 24 ? 4.424   -12.749 -9.441  1.00 25.75 ? 453 ARG C CZ  1 
ATOM   733 N  NH1 . ARG C 1 24 ? 3.264   -13.382 -9.627  1.00 29.46 ? 453 ARG C NH1 1 
ATOM   734 N  NH2 . ARG C 1 24 ? 5.390   -13.351 -8.768  1.00 26.51 ? 453 ARG C NH2 1 
ATOM   735 N  N   . LEU C 1 25 ? 3.402   -5.596  -11.565 1.00 12.99 ? 454 LEU C N   1 
ATOM   736 C  CA  . LEU C 1 25 ? 2.496   -5.003  -12.512 1.00 13.03 ? 454 LEU C CA  1 
ATOM   737 C  C   . LEU C 1 25 ? 3.171   -3.964  -13.393 1.00 13.19 ? 454 LEU C C   1 
ATOM   738 O  O   . LEU C 1 25 ? 2.923   -3.905  -14.613 1.00 13.16 ? 454 LEU C O   1 
ATOM   739 C  CB  . LEU C 1 25 ? 1.263   -4.460  -11.795 1.00 14.09 ? 454 LEU C CB  1 
ATOM   740 C  CG  . LEU C 1 25 ? 0.109   -4.131  -12.735 1.00 15.11 ? 454 LEU C CG  1 
ATOM   741 C  CD1 . LEU C 1 25 ? -0.323  -5.308  -13.587 1.00 16.90 ? 454 LEU C CD1 1 
ATOM   742 C  CD2 . LEU C 1 25 ? -1.026  -3.612  -11.923 1.00 16.50 ? 454 LEU C CD2 1 
ATOM   743 N  N   . GLU C 1 26 ? 4.092   -3.197  -12.838 1.00 12.31 ? 455 GLU C N   1 
ATOM   744 C  CA  . GLU C 1 26 ? 4.873   -2.224  -13.605 1.00 13.35 ? 455 GLU C CA  1 
ATOM   745 C  C   . GLU C 1 26 ? 5.665   -2.971  -14.677 1.00 13.16 ? 455 GLU C C   1 
ATOM   746 O  O   . GLU C 1 26 ? 5.755   -2.564  -15.829 1.00 14.46 ? 455 GLU C O   1 
ATOM   747 C  CB  . GLU C 1 26 ? 5.834   -1.466  -12.697 1.00 14.53 ? 455 GLU C CB  1 
ATOM   748 C  CG  . GLU C 1 26 ? 5.183   -0.382  -11.834 1.00 15.57 ? 455 GLU C CG  1 
ATOM   749 C  CD  . GLU C 1 26 ? 6.115   0.266   -10.821 1.00 18.71 ? 455 GLU C CD  1 
ATOM   750 O  OE1 . GLU C 1 26 ? 7.247   -0.211  -10.647 1.00 24.63 ? 455 GLU C OE1 1 
ATOM   751 O  OE2 . GLU C 1 26 ? 5.691   1.264   -10.181 1.00 23.60 ? 455 GLU C OE2 1 
ATOM   752 N  N   . GLU C 1 27 ? 6.260   -4.084  -14.314 1.00 13.61 ? 456 GLU C N   1 
ATOM   753 C  CA  . GLU C 1 27 ? 7.030   -4.915  -15.264 1.00 15.26 ? 456 GLU C CA  1 
ATOM   754 C  C   . GLU C 1 27 ? 6.144   -5.486  -16.341 1.00 14.53 ? 456 GLU C C   1 
ATOM   755 O  O   . GLU C 1 27 ? 6.533   -5.485  -17.517 1.00 15.04 ? 456 GLU C O   1 
ATOM   756 C  CB  . GLU C 1 27 ? 7.722   -6.045  -14.463 1.00 15.87 ? 456 GLU C CB  1 
ATOM   757 C  CG  . GLU C 1 27 ? 8.851   -5.559  -13.559 1.00 17.26 ? 456 GLU C CG  1 
ATOM   758 C  CD  . GLU C 1 27 ? 9.216   -6.520  -12.452 1.00 18.72 ? 456 GLU C CD  1 
ATOM   759 O  OE1 . GLU C 1 27 ? 8.677   -7.622  -12.357 1.00 18.67 ? 456 GLU C OE1 1 
ATOM   760 O  OE2 . GLU C 1 27 ? 10.072  -6.138  -11.639 1.00 23.89 ? 456 GLU C OE2 1 
ATOM   761 N  N   . THR C 1 28 ? 4.963   -5.959  -15.976 1.00 14.24 ? 457 THR C N   1 
ATOM   762 C  CA  . THR C 1 28 ? 4.008   -6.487  -16.913 1.00 14.74 ? 457 THR C CA  1 
ATOM   763 C  C   . THR C 1 28 ? 3.585   -5.450  -17.927 1.00 14.74 ? 457 THR C C   1 
ATOM   764 O  O   . THR C 1 28 ? 3.561   -5.718  -19.144 1.00 15.86 ? 457 THR C O   1 
ATOM   765 C  CB  . THR C 1 28 ? 2.772   -7.046  -16.166 1.00 15.79 ? 457 THR C CB  1 
ATOM   766 O  OG1 . THR C 1 28 ? 3.174   -8.141  -15.328 1.00 19.83 ? 457 THR C OG1 1 
ATOM   767 C  CG2 . THR C 1 28 ? 1.731   -7.582  -17.127 1.00 18.72 ? 457 THR C CG2 1 
ATOM   768 N  N   . VAL C 1 29 ? 3.300   -4.247  -17.452 1.00 13.41 ? 458 VAL C N   1 
ATOM   769 C  CA  . VAL C 1 29 ? 2.902   -3.195  -18.317 1.00 13.62 ? 458 VAL C CA  1 
ATOM   770 C  C   . VAL C 1 29 ? 4.028   -2.783  -19.269 1.00 13.88 ? 458 VAL C C   1 
ATOM   771 O  O   . VAL C 1 29 ? 3.797   -2.556  -20.449 1.00 15.91 ? 458 VAL C O   1 
ATOM   772 C  CB  . VAL C 1 29 ? 2.366   -2.019  -17.485 1.00 13.34 ? 458 VAL C CB  1 
ATOM   773 C  CG1 . VAL C 1 29 ? 2.138   -0.804  -18.329 1.00 15.48 ? 458 VAL C CG1 1 
ATOM   774 C  CG2 . VAL C 1 29 ? 1.045   -2.405  -16.818 1.00 15.04 ? 458 VAL C CG2 1 
ATOM   775 N  N   . GLN C 1 30 ? 5.248   -2.720  -18.793 1.00 13.27 ? 459 GLN C N   1 
ATOM   776 C  CA  . GLN C 1 30 ? 6.400   -2.339  -19.636 1.00 14.14 ? 459 GLN C CA  1 
ATOM   777 C  C   . GLN C 1 30 ? 6.714   -3.397  -20.702 1.00 13.58 ? 459 GLN C C   1 
ATOM   778 O  O   . GLN C 1 30 ? 7.208   -3.040  -21.769 1.00 14.18 ? 459 GLN C O   1 
ATOM   779 C  CB  . GLN C 1 30 ? 7.622   -2.100  -18.750 1.00 15.36 ? 459 GLN C CB  1 
ATOM   780 C  CG  . GLN C 1 30 ? 8.867   -1.594  -19.384 1.00 21.03 ? 459 GLN C CG  1 
ATOM   781 C  CD  . GLN C 1 30 ? 10.005  -1.547  -18.360 1.00 25.26 ? 459 GLN C CD  1 
ATOM   782 O  OE1 . GLN C 1 30 ? 9.779   -1.288  -17.168 1.00 34.41 ? 459 GLN C OE1 1 
ATOM   783 N  NE2 . GLN C 1 30 ? 11.207  -1.844  -18.808 1.00 26.45 ? 459 GLN C NE2 1 
ATOM   784 N  N   . ALA C 1 31 ? 6.386   -4.652  -20.416 1.00 13.89 ? 460 ALA C N   1 
ATOM   785 C  CA  . ALA C 1 31 ? 6.714   -5.817  -21.283 1.00 14.65 ? 460 ALA C CA  1 
ATOM   786 C  C   . ALA C 1 31 ? 5.704   -6.091  -22.363 1.00 15.60 ? 460 ALA C C   1 
ATOM   787 O  O   . ALA C 1 31 ? 6.062   -6.721  -23.369 1.00 17.78 ? 460 ALA C O   1 
ATOM   788 C  CB  . ALA C 1 31 ? 6.809   -7.083  -20.441 1.00 16.75 ? 460 ALA C CB  1 
ATOM   789 N  N   . LYS C 1 32 ? 4.459   -5.663  -22.164 1.00 17.19 ? 461 LYS C N   1 
ATOM   790 C  CA  . LYS C 1 32 ? 3.302   -6.078  -22.999 1.00 20.85 ? 461 LYS C CA  1 
ATOM   791 C  C   . LYS C 1 32 ? 3.024   -5.095  -24.113 1.00 22.53 ? 461 LYS C C   1 
ATOM   792 O  O   . LYS C 1 32 ? 2.940   -3.880  -23.844 1.00 22.64 ? 461 LYS C O   1 
ATOM   793 C  CB  . LYS C 1 32 ? 2.009   -6.232  -22.111 1.00 22.06 ? 461 LYS C CB  1 
ATOM   794 C  CG  . LYS C 1 32 ? 0.688   -6.443  -22.892 1.00 23.03 ? 461 LYS C CG  1 
ATOM   795 C  CD  . LYS C 1 32 ? -0.562  -6.276  -22.058 1.00 26.12 ? 461 LYS C CD  1 
ATOM   796 C  CE  . LYS C 1 32 ? -1.827  -6.720  -22.818 1.00 27.48 ? 461 LYS C CE  1 
ATOM   797 N  NZ  . LYS C 1 32 ? -2.475  -5.757  -23.751 1.00 30.85 ? 461 LYS C NZ  1 
ATOM   798 O  OXT . LYS C 1 32 ? 2.720   -5.487  -25.252 1.00 24.96 ? 461 LYS C OXT 1 
HETATM 799 ZN ZN  A ZN  D 2 .  ? -9.638  8.736   11.156  0.75 11.54 ? 1   ZN  A ZN  1 
HETATM 800 ZN ZN  B ZN  D 2 .  ? -10.330 8.549   11.820  0.25 14.29 ? 1   ZN  A ZN  1 
HETATM 801 ZN ZN  . ZN  E 2 .  ? -1.180  12.196  -13.461 1.00 17.91 ? 2   ZN  B ZN  1 
HETATM 802 ZN ZN  A ZN  F 2 .  ? -3.089  10.983  -10.860 0.67 17.76 ? 3   ZN  B ZN  1 
HETATM 803 ZN ZN  B ZN  F 2 .  ? -1.827  11.266  -10.664 0.33 19.11 ? 3   ZN  B ZN  1 
HETATM 804 ZN ZN  A ZN  G 2 .  ? 0.592   12.192  -8.299  0.67 22.27 ? 4   ZN  B ZN  1 
HETATM 805 ZN ZN  B ZN  G 2 .  ? 1.687   11.544  -8.839  0.33 19.26 ? 4   ZN  B ZN  1 
HETATM 806 O  O   . HOH H 3 .  ? -10.527 10.020  18.229  1.00 13.11 ? 5   HOH A O   1 
HETATM 807 O  O   . HOH H 3 .  ? -9.543  9.766   15.730  1.00 13.84 ? 6   HOH A O   1 
HETATM 808 O  O   . HOH H 3 .  ? -10.039 -4.227  -22.629 1.00 16.59 ? 7   HOH A O   1 
HETATM 809 O  O   . HOH H 3 .  ? -11.093 -7.983  -22.339 1.00 20.68 ? 9   HOH A O   1 
HETATM 810 O  O   . HOH H 3 .  ? -0.556  8.108   20.631  1.00 19.99 ? 11  HOH A O   1 
HETATM 811 O  O   . HOH H 3 .  ? -9.067  -4.140  -19.912 1.00 18.66 ? 12  HOH A O   1 
HETATM 812 O  O   . HOH H 3 .  ? -5.916  10.160  10.359  1.00 20.23 ? 16  HOH A O   1 
HETATM 813 O  O   . HOH H 3 .  ? 0.804   -7.616  -9.645  1.00 18.80 ? 20  HOH A O   1 
HETATM 814 O  O   . HOH H 3 .  ? -9.410  8.975   9.200   1.00 19.74 ? 21  HOH A O   1 
HETATM 815 O  O   . HOH H 3 .  ? -3.211  -4.133  10.699  1.00 22.06 ? 26  HOH A O   1 
HETATM 816 O  O   . HOH H 3 .  ? -9.863  2.592   17.074  1.00 22.20 ? 34  HOH A O   1 
HETATM 817 O  O   . HOH H 3 .  ? -7.068  4.849   -2.710  1.00 28.18 ? 43  HOH A O   1 
HETATM 818 O  O   . HOH H 3 .  ? -3.830  -8.671  -22.116 1.00 26.58 ? 45  HOH A O   1 
HETATM 819 O  O   . HOH H 3 .  ? -5.006  9.915   5.671   1.00 29.68 ? 47  HOH A O   1 
HETATM 820 O  O   . HOH H 3 .  ? -6.781  1.589   16.154  1.00 26.92 ? 49  HOH A O   1 
HETATM 821 O  O   . HOH H 3 .  ? -9.659  -1.497  -20.086 1.00 26.84 ? 50  HOH A O   1 
HETATM 822 O  O   . HOH H 3 .  ? -8.178  -1.121  12.139  1.00 28.90 ? 53  HOH A O   1 
HETATM 823 O  O   . HOH H 3 .  ? -6.252  -3.328  -26.088 1.00 29.34 ? 54  HOH A O   1 
HETATM 824 O  O   . HOH H 3 .  ? -8.481  -9.982  -16.502 1.00 29.41 ? 57  HOH A O   1 
HETATM 825 O  O   . HOH H 3 .  ? -9.954  1.437   -3.624  1.00 31.49 ? 62  HOH A O   1 
HETATM 826 O  O   . HOH H 3 .  ? -2.311  4.509   22.315  1.00 30.95 ? 71  HOH A O   1 
HETATM 827 O  O   . HOH H 3 .  ? -10.863 1.072   3.364   1.00 32.21 ? 73  HOH A O   1 
HETATM 828 O  O   . HOH H 3 .  ? -2.001  -8.175  -14.795 1.00 31.61 ? 76  HOH A O   1 
HETATM 829 O  O   . HOH H 3 .  ? 1.431   8.034   15.741  1.00 35.74 ? 80  HOH A O   1 
HETATM 830 O  O   . HOH H 3 .  ? -9.004  0.592   15.849  1.00 39.75 ? 81  HOH A O   1 
HETATM 831 O  O   . HOH H 3 .  ? 1.028   -10.276 -8.351  1.00 40.01 ? 85  HOH A O   1 
HETATM 832 O  O   . HOH H 3 .  ? -12.222 3.015   4.184   1.00 38.10 ? 86  HOH A O   1 
HETATM 833 O  O   . HOH H 3 .  ? -10.756 -6.722  -4.830  1.00 36.79 ? 88  HOH A O   1 
HETATM 834 O  O   . HOH H 3 .  ? -10.845 -4.642  -6.719  1.00 36.09 ? 89  HOH A O   1 
HETATM 835 O  O   . HOH H 3 .  ? -10.919 -4.976  -15.656 1.00 33.19 ? 91  HOH A O   1 
HETATM 836 O  O   . HOH H 3 .  ? -11.244 -4.658  -18.252 1.00 27.29 ? 92  HOH A O   1 
HETATM 837 O  O   . HOH H 3 .  ? -9.052  3.703   21.950  1.00 33.73 ? 99  HOH A O   1 
HETATM 838 O  O   . HOH I 3 .  ? 13.354  4.380   11.394  1.00 19.06 ? 10  HOH B O   1 
HETATM 839 O  O   . HOH I 3 .  ? -6.998  0.681   -10.095 1.00 18.44 ? 13  HOH B O   1 
HETATM 840 O  O   . HOH I 3 .  ? -1.751  12.606  -11.698 1.00 19.54 ? 14  HOH B O   1 
HETATM 841 O  O   . HOH I 3 .  ? 0.312   10.816  -9.870  1.00 19.91 ? 15  HOH B O   1 
HETATM 842 O  O   . HOH I 3 .  ? 7.205   0.678   21.032  1.00 20.54 ? 17  HOH B O   1 
HETATM 843 O  O   . HOH I 3 .  ? 6.777   8.025   23.139  1.00 20.01 ? 19  HOH B O   1 
HETATM 844 O  O   . HOH I 3 .  ? 9.718   8.864   13.564  1.00 21.17 ? 22  HOH B O   1 
HETATM 845 O  O   . HOH I 3 .  ? -2.847  4.527   -25.669 1.00 24.55 ? 25  HOH B O   1 
HETATM 846 O  O   . HOH I 3 .  ? 4.102   7.993   14.841  1.00 23.96 ? 29  HOH B O   1 
HETATM 847 O  O   . HOH I 3 .  ? -2.326  8.390   -19.313 1.00 23.97 ? 30  HOH B O   1 
HETATM 848 O  O   . HOH I 3 .  ? 7.159   0.333   9.859   1.00 23.83 ? 31  HOH B O   1 
HETATM 849 O  O   . HOH I 3 .  ? -1.218  13.003  -24.183 1.00 22.83 ? 33  HOH B O   1 
HETATM 850 O  O   . HOH I 3 .  ? -1.927  7.155   9.359   1.00 24.55 ? 35  HOH B O   1 
HETATM 851 O  O   . HOH I 3 .  ? 4.173   3.879   21.821  1.00 28.20 ? 36  HOH B O   1 
HETATM 852 O  O   . HOH I 3 .  ? 0.232   12.362  -6.642  1.00 22.32 ? 37  HOH B O   1 
HETATM 853 O  O   . HOH I 3 .  ? 6.302   -1.551  16.704  1.00 23.73 ? 38  HOH B O   1 
HETATM 854 O  O   . HOH I 3 .  ? 5.626   10.099  16.122  1.00 26.74 ? 40  HOH B O   1 
HETATM 855 O  O   . HOH I 3 .  ? 11.780  1.380   14.387  1.00 26.46 ? 44  HOH B O   1 
HETATM 856 O  O   . HOH I 3 .  ? 13.167  2.098   12.113  1.00 26.32 ? 48  HOH B O   1 
HETATM 857 O  O   . HOH I 3 .  ? 6.646   9.298   1.187   1.00 28.60 ? 51  HOH B O   1 
HETATM 858 O  O   . HOH I 3 .  ? -6.141  2.296   -15.369 1.00 32.55 ? 52  HOH B O   1 
HETATM 859 O  O   . HOH I 3 .  ? 6.674   -3.268  13.567  1.00 28.25 ? 55  HOH B O   1 
HETATM 860 O  O   . HOH I 3 .  ? 1.758   8.970   19.326  1.00 26.57 ? 56  HOH B O   1 
HETATM 861 O  O   . HOH I 3 .  ? 2.080   7.962   -15.251 1.00 35.35 ? 65  HOH B O   1 
HETATM 862 O  O   . HOH I 3 .  ? 6.327   6.935   -5.545  1.00 30.24 ? 66  HOH B O   1 
HETATM 863 O  O   . HOH I 3 .  ? 7.929   10.508  14.417  1.00 29.53 ? 68  HOH B O   1 
HETATM 864 O  O   . HOH I 3 .  ? 9.984   7.011   11.723  1.00 27.61 ? 69  HOH B O   1 
HETATM 865 O  O   . HOH I 3 .  ? 9.961   0.987   10.876  1.00 28.68 ? 72  HOH B O   1 
HETATM 866 O  O   . HOH I 3 .  ? 5.451   9.769   7.678   1.00 30.84 ? 77  HOH B O   1 
HETATM 867 O  O   . HOH I 3 .  ? 0.558   9.627   -2.319  1.00 30.61 ? 78  HOH B O   1 
HETATM 868 O  O   . HOH I 3 .  ? -1.321  9.507   -4.703  1.00 39.31 ? 79  HOH B O   1 
HETATM 869 O  O   . HOH I 3 .  ? -5.947  4.764   -0.454  1.00 40.24 ? 82  HOH B O   1 
HETATM 870 O  O   . HOH I 3 .  ? 2.011   13.121  -9.405  1.00 25.21 ? 90  HOH B O   1 
HETATM 871 O  O   . HOH I 3 .  ? 6.768   2.845   -0.701  1.00 30.83 ? 93  HOH B O   1 
HETATM 872 O  O   . HOH I 3 .  ? 6.147   7.076   -8.273  1.00 38.07 ? 94  HOH B O   1 
HETATM 873 O  O   . HOH I 3 .  ? 3.937   3.971   -13.928 1.00 28.26 ? 95  HOH B O   1 
HETATM 874 O  O   . HOH I 3 .  ? -2.635  0.050   -21.525 1.00 33.92 ? 96  HOH B O   1 
HETATM 875 O  O   . HOH I 3 .  ? -0.324  10.090  -17.859 1.00 51.50 ? 100 HOH B O   1 
HETATM 876 O  O   . HOH J 3 .  ? 7.476   -0.588  -23.170 1.00 16.26 ? 8   HOH C O   1 
HETATM 877 O  O   . HOH J 3 .  ? 5.013   -3.674  15.727  1.00 19.14 ? 18  HOH C O   1 
HETATM 878 O  O   . HOH J 3 .  ? 4.255   3.380   -11.101 1.00 21.78 ? 23  HOH C O   1 
HETATM 879 O  O   . HOH J 3 .  ? 10.731  -4.253  -19.886 1.00 21.27 ? 24  HOH C O   1 
HETATM 880 O  O   . HOH J 3 .  ? 3.392   -8.564  -19.869 1.00 21.84 ? 27  HOH C O   1 
HETATM 881 O  O   . HOH J 3 .  ? 6.989   -1.593  19.557  1.00 20.99 ? 28  HOH C O   1 
HETATM 882 O  O   . HOH J 3 .  ? 1.038   -1.023  22.323  1.00 24.49 ? 32  HOH C O   1 
HETATM 883 O  O   . HOH J 3 .  ? 9.483   -5.416  -17.758 1.00 24.93 ? 39  HOH C O   1 
HETATM 884 O  O   . HOH J 3 .  ? 3.931   -4.495  24.291  1.00 24.43 ? 41  HOH C O   1 
HETATM 885 O  O   . HOH J 3 .  ? 5.095   0.221   -16.318 1.00 26.35 ? 42  HOH C O   1 
HETATM 886 O  O   . HOH J 3 .  ? 0.936   -2.588  -21.474 1.00 31.67 ? 46  HOH C O   1 
HETATM 887 O  O   . HOH J 3 .  ? -6.360  -0.687  14.331  1.00 28.56 ? 58  HOH C O   1 
HETATM 888 O  O   . HOH J 3 .  ? -3.796  -7.481  13.290  1.00 29.21 ? 59  HOH C O   1 
HETATM 889 O  O   . HOH J 3 .  ? 5.844   -7.699  9.722   1.00 34.92 ? 60  HOH C O   1 
HETATM 890 O  O   . HOH J 3 .  ? 3.554   -7.868  -26.303 1.00 27.10 ? 61  HOH C O   1 
HETATM 891 O  O   . HOH J 3 .  ? 4.052   -1.417  -22.941 1.00 35.46 ? 63  HOH C O   1 
HETATM 892 O  O   . HOH J 3 .  ? -0.294  -10.780 -2.287  1.00 40.99 ? 64  HOH C O   1 
HETATM 893 O  O   . HOH J 3 .  ? 1.140   -8.262  -12.410 1.00 35.85 ? 67  HOH C O   1 
HETATM 894 O  O   . HOH J 3 .  ? -2.016  -7.841  -1.279  1.00 33.59 ? 70  HOH C O   1 
HETATM 895 O  O   . HOH J 3 .  ? 5.914   -5.684  17.449  1.00 27.36 ? 74  HOH C O   1 
HETATM 896 O  O   . HOH J 3 .  ? 8.326   -5.873  -1.169  1.00 30.00 ? 75  HOH C O   1 
HETATM 897 O  O   . HOH J 3 .  ? 2.154   -10.099 -13.917 1.00 39.43 ? 83  HOH C O   1 
HETATM 898 O  O   . HOH J 3 .  ? 2.446   -9.683  -3.042  1.00 32.96 ? 84  HOH C O   1 
HETATM 899 O  O   . HOH J 3 .  ? 10.360  -5.105  -4.677  1.00 28.48 ? 87  HOH C O   1 
HETATM 900 O  O   . HOH J 3 .  ? 4.474   -9.739  3.294   1.00 33.58 ? 97  HOH C O   1 
HETATM 901 O  O   . HOH J 3 .  ? 7.602   -9.788  -14.164 1.00 35.45 ? 98  HOH C O   1 
HETATM 902 O  O   . HOH J 3 .  ? 2.527   -9.812  10.393  1.00 31.28 ? 101 HOH C O   1 
HETATM 903 O  O   . HOH J 3 .  ? 0.924   -11.146 8.136   1.00 37.43 ? 102 HOH C O   1 
# 
loop_
_atom_site_anisotrop.id 
_atom_site_anisotrop.type_symbol 
_atom_site_anisotrop.pdbx_label_atom_id 
_atom_site_anisotrop.pdbx_label_alt_id 
_atom_site_anisotrop.pdbx_label_comp_id 
_atom_site_anisotrop.pdbx_label_asym_id 
_atom_site_anisotrop.pdbx_label_seq_id 
_atom_site_anisotrop.pdbx_PDB_ins_code 
_atom_site_anisotrop.U[1][1] 
_atom_site_anisotrop.U[2][2] 
_atom_site_anisotrop.U[3][3] 
_atom_site_anisotrop.U[1][2] 
_atom_site_anisotrop.U[1][3] 
_atom_site_anisotrop.U[2][3] 
_atom_site_anisotrop.pdbx_auth_seq_id 
_atom_site_anisotrop.pdbx_auth_comp_id 
_atom_site_anisotrop.pdbx_auth_asym_id 
_atom_site_anisotrop.pdbx_auth_atom_id 
1   N  N   . VAL A 1  ? 0.2190 0.1359 0.1949 -0.0244 0.0264  0.0321  430 VAL A N   
2   C  CA  . VAL A 1  ? 0.2267 0.1748 0.1806 -0.0171 0.0112  0.0142  430 VAL A CA  
3   C  C   . VAL A 1  ? 0.2275 0.1915 0.1710 -0.0159 0.0156  0.0070  430 VAL A C   
4   O  O   . VAL A 1  ? 0.2224 0.1842 0.1835 -0.0319 0.0169  -0.0049 430 VAL A O   
5   C  CB  . VAL A 1  ? 0.2148 0.1708 0.1965 -0.0039 -0.0071 0.0249  430 VAL A CB  
6   C  CG1 . VAL A 1  ? 0.2173 0.1216 0.2002 0.0001  -0.0183 0.0432  430 VAL A CG1 
7   C  CG2 . VAL A 1  ? 0.2015 0.1564 0.1816 -0.0163 -0.0102 -0.0129 430 VAL A CG2 
8   N  N   . SER A 2  ? 0.2159 0.2177 0.1667 -0.0222 0.0031  -0.0122 431 SER A N   
9   C  CA  . SER A 2  ? 0.2167 0.2261 0.1695 -0.0146 -0.0080 -0.0306 431 SER A CA  
10  C  C   . SER A 2  ? 0.1966 0.2147 0.1714 -0.0144 -0.0054 -0.0210 431 SER A C   
11  O  O   . SER A 2  ? 0.2062 0.2042 0.1733 -0.0058 -0.0029 -0.0162 431 SER A O   
12  C  CB  . SER A 2  ? 0.2149 0.2746 0.1796 -0.0155 -0.0094 -0.0382 431 SER A CB  
13  O  OG  . SER A 2  ? 0.2374 0.2265 0.1973 -0.0175 -0.0280 -0.0291 431 SER A OG  
14  N  N   . ARG A 3  ? 0.1955 0.2214 0.1751 -0.0120 -0.0139 -0.0345 432 ARG A N   
15  C  CA  . ARG A 3  ? 0.1839 0.2261 0.1981 0.0047  -0.0084 -0.0107 432 ARG A CA  
16  C  C   . ARG A 3  ? 0.1594 0.2263 0.1832 0.0088  -0.0084 -0.0082 432 ARG A C   
17  O  O   . ARG A 3  ? 0.1835 0.2326 0.1669 -0.0017 -0.0192 -0.0198 432 ARG A O   
18  C  CB  . ARG A 3  ? 0.1915 0.2642 0.2366 -0.0059 -0.0058 -0.0094 432 ARG A CB  
19  C  CG  . ARG A 3  ? 0.2773 0.2711 0.2567 0.0042  -0.0036 0.0068  432 ARG A CG  
20  C  CD  . ARG A 3  ? 0.2997 0.3135 0.3449 -0.0020 -0.0093 0.0148  432 ARG A CD  
21  N  NE  . ARG A 3  ? 0.3333 0.3679 0.3891 -0.0003 0.0173  0.0173  432 ARG A NE  
22  C  CZ  . ARG A 3  ? 0.3373 0.3660 0.3805 -0.0011 0.0150  0.0164  432 ARG A CZ  
23  N  NH1 . ARG A 3  ? 0.3778 0.3702 0.4106 0.0027  0.0061  0.0132  432 ARG A NH1 
24  N  NH2 . ARG A 3  ? 0.3885 0.3709 0.3747 0.0066  0.0051  0.0087  432 ARG A NH2 
25  N  N   . LEU A 4  ? 0.2054 0.2353 0.1701 0.0090  -0.0129 -0.0089 433 LEU A N   
26  C  CA  . LEU A 4  ? 0.2183 0.2320 0.1938 0.0146  0.0016  0.0020  433 LEU A CA  
27  C  C   . LEU A 4  ? 0.2259 0.2219 0.1865 0.0276  -0.0071 0.0015  433 LEU A C   
28  O  O   . LEU A 4  ? 0.2344 0.2257 0.1876 0.0326  -0.0264 -0.0258 433 LEU A O   
29  C  CB  . LEU A 4  ? 0.2652 0.2615 0.1891 0.0058  -0.0003 0.0099  433 LEU A CB  
30  C  CG  . LEU A 4  ? 0.2622 0.2669 0.2728 -0.0018 0.0004  0.0288  433 LEU A CG  
31  C  CD1 . LEU A 4  ? 0.3001 0.2772 0.2913 -0.0266 0.0103  0.0121  433 LEU A CD1 
32  C  CD2 . LEU A 4  ? 0.2712 0.2575 0.2893 -0.0001 -0.0196 0.0448  433 LEU A CD2 
33  N  N   . GLU A 5  ? 0.2073 0.2112 0.1803 0.0099  -0.0094 -0.0053 434 GLU A N   
34  C  CA  . GLU A 5  ? 0.2199 0.2018 0.1990 0.0127  -0.0060 -0.0043 434 GLU A CA  
35  C  C   . GLU A 5  ? 0.2227 0.2005 0.1614 0.0129  -0.0187 -0.0208 434 GLU A C   
36  O  O   . GLU A 5  ? 0.2441 0.1792 0.1720 0.0106  -0.0168 -0.0235 434 GLU A O   
37  C  CB  . GLU A 5  ? 0.2315 0.2185 0.1884 0.0020  -0.0118 0.0064  434 GLU A CB  
38  C  CG  . GLU A 5  ? 0.2531 0.2452 0.2612 -0.0045 -0.0260 0.0155  434 GLU A CG  
39  C  CD  . GLU A 5  ? 0.3023 0.2763 0.2711 0.0087  0.0060  0.0577  434 GLU A CD  
40  O  OE1 . GLU A 5  ? 0.4192 0.3311 0.4391 -0.0196 -0.0318 0.0376  434 GLU A OE1 
41  O  OE2 . GLU A 5  ? 0.4333 0.3339 0.4764 -0.0419 0.0033  0.0519  434 GLU A OE2 
42  N  N   . GLU A 6  ? 0.2104 0.1805 0.1509 0.0114  -0.0076 -0.0262 435 GLU A N   
43  C  CA  . GLU A 6  ? 0.1795 0.1782 0.1678 -0.0056 0.0087  -0.0159 435 GLU A CA  
44  C  C   . GLU A 6  ? 0.1800 0.1965 0.1611 0.0171  -0.0022 -0.0171 435 GLU A C   
45  O  O   . GLU A 6  ? 0.1849 0.2093 0.1604 0.0171  0.0037  -0.0287 435 GLU A O   
46  C  CB  . GLU A 6  ? 0.1615 0.1612 0.1653 -0.0226 0.0087  -0.0218 435 GLU A CB  
47  C  CG  . GLU A 6  ? 0.1409 0.1522 0.1807 -0.0374 0.0168  -0.0162 435 GLU A CG  
48  C  CD  . GLU A 6  ? 0.1613 0.1364 0.1981 -0.0534 0.0161  -0.0008 435 GLU A CD  
49  O  OE1 . GLU A 6  ? 0.1591 0.1200 0.2178 -0.0507 0.0106  0.0039  435 GLU A OE1 
50  O  OE2 . GLU A 6  ? 0.1457 0.1700 0.1961 -0.0663 0.0067  0.0055  435 GLU A OE2 
51  N  N   . ASP A 7  ? 0.1770 0.1796 0.1641 0.0117  -0.0050 -0.0106 436 ASP A N   
52  C  CA  . ASP A 7  ? 0.1824 0.1725 0.1938 0.0255  0.0077  0.0039  436 ASP A CA  
53  C  C   . ASP A 7  ? 0.1803 0.1806 0.1848 0.0027  0.0094  -0.0092 436 ASP A C   
54  O  O   . ASP A 7  ? 0.2167 0.1905 0.1648 0.0184  0.0121  -0.0222 436 ASP A O   
55  C  CB  . ASP A 7  ? 0.1927 0.1406 0.1862 0.0228  0.0185  0.0256  436 ASP A CB  
56  C  CG  . ASP A 7  ? 0.2102 0.1670 0.2870 0.0408  -0.0224 0.0425  436 ASP A CG  
57  O  OD1 . ASP A 7  ? 0.2629 0.1972 0.3289 0.0669  -0.0155 0.0633  436 ASP A OD1 
58  O  OD2 . ASP A 7  ? 0.2050 0.1657 0.3786 0.0441  -0.0082 0.0168  436 ASP A OD2 
59  N  N   . VAL A 8  ? 0.1729 0.1684 0.1638 -0.0109 0.0122  -0.0218 437 VAL A N   
60  C  CA  . VAL A 8  ? 0.1343 0.1794 0.1763 -0.0286 0.0122  -0.0249 437 VAL A CA  
61  C  C   . VAL A 8  ? 0.1504 0.2196 0.1880 -0.0094 0.0024  -0.0409 437 VAL A C   
62  O  O   . VAL A 8  ? 0.1422 0.2192 0.1811 -0.0100 -0.0030 -0.0494 437 VAL A O   
63  C  CB  . VAL A 8  ? 0.0892 0.1798 0.1753 -0.0486 0.0189  -0.0240 437 VAL A CB  
64  C  CG1 . VAL A 8  ? 0.1198 0.1850 0.1973 -0.0402 0.0033  -0.0278 437 VAL A CG1 
65  C  CG2 . VAL A 8  ? 0.0887 0.1432 0.2077 -0.0668 0.0127  0.0097  437 VAL A CG2 
66  N  N   . ARG A 9  ? 0.1484 0.2207 0.1911 0.0113  0.0014  -0.0475 438 ARG A N   
67  C  CA  . ARG A 9  ? 0.1553 0.2120 0.2055 0.0121  -0.0020 -0.0266 438 ARG A CA  
68  C  C   . ARG A 9  ? 0.1765 0.2240 0.2198 0.0292  0.0110  -0.0356 438 ARG A C   
69  O  O   . ARG A 9  ? 0.1823 0.2341 0.2101 0.0264  -0.0224 -0.0615 438 ARG A O   
70  C  CB  . ARG A 9  ? 0.1798 0.1909 0.2224 0.0144  -0.0072 -0.0200 438 ARG A CB  
71  C  CG  . ARG A 9  ? 0.1845 0.1492 0.2209 0.0073  -0.0092 -0.0212 438 ARG A CG  
72  C  CD  . ARG A 9  ? 0.1755 0.1377 0.1650 0.0205  -0.0056 0.0099  438 ARG A CD  
73  N  NE  . ARG A 9  ? 0.1940 0.0869 0.1640 -0.0053 0.0013  0.0392  438 ARG A NE  
74  C  CZ  . ARG A 9  ? 0.1531 0.0598 0.1476 -0.0096 0.0091  0.0276  438 ARG A CZ  
75  N  NH1 . ARG A 9  ? 0.1640 0.0383 0.1555 0.0271  -0.0053 0.0307  438 ARG A NH1 
76  N  NH2 . ARG A 9  ? 0.1889 0.0502 0.1558 -0.0458 0.0307  0.0303  438 ARG A NH2 
77  N  N   . ASN A 10 ? 0.1954 0.2145 0.1928 0.0179  -0.0119 -0.0456 439 ASN A N   
78  C  CA  . ASN A 10 ? 0.2289 0.2275 0.2044 0.0076  -0.0087 -0.0283 439 ASN A CA  
79  C  C   . ASN A 10 ? 0.2190 0.2300 0.1758 0.0089  -0.0138 -0.0365 439 ASN A C   
80  O  O   . ASN A 10 ? 0.2344 0.2457 0.1917 0.0259  -0.0191 -0.0456 439 ASN A O   
81  C  CB  . ASN A 10 ? 0.2325 0.2091 0.2111 0.0288  -0.0184 -0.0251 439 ASN A CB  
82  C  CG  . ASN A 10 ? 0.2587 0.2279 0.2620 0.0001  -0.0190 -0.0280 439 ASN A CG  
83  O  OD1 . ASN A 10 ? 0.3243 0.2921 0.3338 -0.0112 -0.0700 0.0059  439 ASN A OD1 
84  N  ND2 . ASN A 10 ? 0.2765 0.2567 0.2426 0.0058  0.0166  -0.0103 439 ASN A ND2 
85  N  N   . LEU A 11 ? 0.2258 0.2172 0.1679 0.0113  -0.0167 -0.0464 440 LEU A N   
86  C  CA  . LEU A 11 ? 0.2083 0.2114 0.1815 -0.0090 0.0127  -0.0339 440 LEU A CA  
87  C  C   . LEU A 11 ? 0.1763 0.2267 0.2070 -0.0035 0.0015  -0.0444 440 LEU A C   
88  O  O   . LEU A 11 ? 0.2048 0.2401 0.1762 0.0014  -0.0021 -0.0663 440 LEU A O   
89  C  CB  . LEU A 11 ? 0.2140 0.1782 0.1779 -0.0128 0.0154  -0.0385 440 LEU A CB  
90  C  CG  . LEU A 11 ? 0.2450 0.1542 0.1755 -0.0140 0.0066  0.0169  440 LEU A CG  
91  C  CD1 . LEU A 11 ? 0.2104 0.1246 0.2408 -0.0194 0.0005  0.0017  440 LEU A CD1 
92  C  CD2 . LEU A 11 ? 0.2860 0.1972 0.2126 -0.0160 0.0022  0.0472  440 LEU A CD2 
93  N  N   . ASN A 12 ? 0.1621 0.2158 0.1948 -0.0046 -0.0021 -0.0502 441 ASN A N   
94  C  CA  . ASN A 12 ? 0.1543 0.2370 0.2254 0.0014  -0.0011 -0.0497 441 ASN A CA  
95  C  C   . ASN A 12 ? 0.1620 0.2382 0.2275 0.0068  -0.0178 -0.0728 441 ASN A C   
96  O  O   . ASN A 12 ? 0.1668 0.2831 0.2328 0.0323  -0.0264 -0.1000 441 ASN A O   
97  C  CB  . ASN A 12 ? 0.1463 0.2479 0.2304 -0.0128 0.0031  -0.0520 441 ASN A CB  
98  C  CG  . ASN A 12 ? 0.1707 0.2365 0.2922 -0.0295 0.0248  -0.0263 441 ASN A CG  
99  O  OD1 . ASN A 12 ? 0.1302 0.2988 0.3825 -0.0413 0.0582  0.0143  441 ASN A OD1 
100 N  ND2 . ASN A 12 ? 0.2042 0.3044 0.2859 -0.0338 -0.0111 -0.0203 441 ASN A ND2 
101 N  N   . ALA A 13 ? 0.1998 0.2466 0.2008 0.0300  -0.0053 -0.0714 442 ALA A N   
102 C  CA  . ALA A 13 ? 0.2140 0.2605 0.2247 0.0129  -0.0126 -0.0486 442 ALA A CA  
103 C  C   . ALA A 13 ? 0.2299 0.2615 0.2220 0.0105  -0.0004 -0.0594 442 ALA A C   
104 O  O   . ALA A 13 ? 0.2405 0.2901 0.2058 0.0077  -0.0221 -0.0724 442 ALA A O   
105 C  CB  . ALA A 13 ? 0.2101 0.2670 0.2289 0.0234  -0.0102 -0.0325 442 ALA A CB  
106 N  N   . ILE A 14 ? 0.2390 0.2402 0.2042 0.0094  -0.0170 -0.0534 443 ILE A N   
107 C  CA  . ILE A 14 ? 0.2406 0.2345 0.2153 0.0184  -0.0056 -0.0225 443 ILE A CA  
108 C  C   . ILE A 14 ? 0.2426 0.2465 0.1904 0.0058  0.0087  -0.0318 443 ILE A C   
109 O  O   . ILE A 14 ? 0.2592 0.2779 0.1798 0.0095  -0.0023 -0.0467 443 ILE A O   
110 C  CB  . ILE A 14 ? 0.2610 0.2452 0.2229 0.0161  -0.0009 -0.0156 443 ILE A CB  
111 C  CG1 . ILE A 14 ? 0.2751 0.2443 0.2383 0.0286  -0.0004 -0.0165 443 ILE A CG1 
112 C  CG2 . ILE A 14 ? 0.2604 0.2700 0.2490 0.0107  0.0055  -0.0175 443 ILE A CG2 
113 C  CD1 . ILE A 14 ? 0.2619 0.2554 0.2433 0.0114  0.0071  -0.0077 443 ILE A CD1 
114 N  N   . VAL A 15 ? 0.2390 0.2341 0.1733 0.0065  0.0012  -0.0452 444 VAL A N   
115 C  CA  . VAL A 15 ? 0.2174 0.2288 0.1780 -0.0060 0.0201  -0.0246 444 VAL A CA  
116 C  C   . VAL A 15 ? 0.2036 0.2473 0.1796 -0.0099 0.0102  -0.0221 444 VAL A C   
117 O  O   . VAL A 15 ? 0.2209 0.2447 0.1786 -0.0207 0.0141  -0.0498 444 VAL A O   
118 C  CB  . VAL A 15 ? 0.1932 0.2529 0.2063 -0.0308 0.0140  -0.0068 444 VAL A CB  
119 C  CG1 . VAL A 15 ? 0.1976 0.1967 0.2086 -0.0345 0.0142  0.0198  444 VAL A CG1 
120 C  CG2 . VAL A 15 ? 0.2010 0.2653 0.2157 -0.0166 0.0170  -0.0409 444 VAL A CG2 
121 N  N   . GLN A 16 ? 0.2177 0.2516 0.1730 -0.0066 0.0012  -0.0352 445 GLN A N   
122 C  CA  . GLN A 16 ? 0.2168 0.2447 0.2026 0.0000  0.0023  -0.0164 445 GLN A CA  
123 C  C   . GLN A 16 ? 0.2087 0.2451 0.1965 0.0094  -0.0065 -0.0206 445 GLN A C   
124 O  O   . GLN A 16 ? 0.2384 0.2436 0.1827 -0.0077 -0.0012 -0.0318 445 GLN A O   
125 C  CB  . GLN A 16 ? 0.1866 0.2830 0.2152 -0.0128 -0.0096 -0.0306 445 GLN A CB  
126 C  CG  . GLN A 16 ? 0.2940 0.3305 0.2817 0.0061  -0.0133 -0.0018 445 GLN A CG  
127 C  CD  . GLN A 16 ? 0.3092 0.3150 0.2997 0.0076  0.0072  0.0089  445 GLN A CD  
128 O  OE1 . GLN A 16 ? 0.3731 0.4120 0.4390 0.0093  -0.0268 0.0132  445 GLN A OE1 
129 N  NE2 . GLN A 16 ? 0.3572 0.3700 0.3113 0.0237  0.0164  0.0179  445 GLN A NE2 
130 N  N   . LYS A 17 ? 0.2333 0.2349 0.1770 -0.0048 0.0053  -0.0409 446 LYS A N   
131 C  CA  . LYS A 17 ? 0.2334 0.2356 0.2075 -0.0146 -0.0050 -0.0217 446 LYS A CA  
132 C  C   . LYS A 17 ? 0.2262 0.2100 0.1941 -0.0105 0.0023  -0.0286 446 LYS A C   
133 O  O   . LYS A 17 ? 0.2496 0.2564 0.1774 -0.0155 -0.0093 -0.0436 446 LYS A O   
134 C  CB  . LYS A 17 ? 0.2650 0.2396 0.2154 -0.0105 0.0028  -0.0074 446 LYS A CB  
135 C  CG  . LYS A 17 ? 0.3057 0.2774 0.2571 0.0060  0.0120  -0.0199 446 LYS A CG  
136 C  CD  . LYS A 17 ? 0.3192 0.2780 0.3142 0.0040  0.0005  0.0000  446 LYS A CD  
137 C  CE  . LYS A 17 ? 0.3438 0.3273 0.3539 0.0107  0.0163  -0.0003 446 LYS A CE  
138 N  NZ  . LYS A 17 ? 0.3728 0.3272 0.4039 0.0095  0.0080  0.0092  446 LYS A NZ  
139 N  N   . LEU A 18 ? 0.2305 0.2257 0.1748 -0.0166 0.0042  -0.0376 447 LEU A N   
140 C  CA  . LEU A 18 ? 0.2314 0.2244 0.1944 -0.0189 0.0042  -0.0189 447 LEU A CA  
141 C  C   . LEU A 18 ? 0.2302 0.2217 0.1852 -0.0327 0.0067  -0.0235 447 LEU A C   
142 O  O   . LEU A 18 ? 0.2618 0.2316 0.1698 -0.0345 0.0260  -0.0387 447 LEU A O   
143 C  CB  . LEU A 18 ? 0.2454 0.2249 0.1830 -0.0340 0.0136  -0.0159 447 LEU A CB  
144 C  CG  . LEU A 18 ? 0.2368 0.2053 0.2129 -0.0160 0.0160  -0.0335 447 LEU A CG  
145 C  CD1 . LEU A 18 ? 0.2619 0.2465 0.2467 -0.0228 -0.0141 -0.0141 447 LEU A CD1 
146 C  CD2 . LEU A 18 ? 0.2641 0.2360 0.2863 -0.0103 -0.0418 0.0041  447 LEU A CD2 
147 N  N   . GLN A 19 ? 0.2316 0.2229 0.1579 -0.0325 0.0106  -0.0266 448 GLN A N   
148 C  CA  . GLN A 19 ? 0.2127 0.2261 0.1877 -0.0195 0.0150  -0.0249 448 GLN A CA  
149 C  C   . GLN A 19 ? 0.2150 0.2372 0.1815 -0.0287 0.0092  -0.0171 448 GLN A C   
150 O  O   . GLN A 19 ? 0.2590 0.2074 0.1758 -0.0209 0.0213  -0.0298 448 GLN A O   
151 C  CB  . GLN A 19 ? 0.2279 0.2002 0.2032 -0.0187 0.0089  -0.0179 448 GLN A CB  
152 C  CG  . GLN A 19 ? 0.2717 0.2586 0.2609 -0.0250 -0.0058 -0.0330 448 GLN A CG  
153 C  CD  . GLN A 19 ? 0.2985 0.2803 0.2986 -0.0205 -0.0051 -0.0074 448 GLN A CD  
154 O  OE1 . GLN A 19 ? 0.3917 0.3471 0.4725 -0.0031 -0.0081 0.0203  448 GLN A OE1 
155 N  NE2 . GLN A 19 ? 0.3957 0.4120 0.3913 0.0087  0.0378  0.0007  448 GLN A NE2 
156 N  N   . GLU A 20 ? 0.2285 0.2200 0.1710 -0.0237 0.0041  -0.0355 449 GLU A N   
157 C  CA  . GLU A 20 ? 0.2317 0.2313 0.1953 -0.0098 0.0057  -0.0188 449 GLU A CA  
158 C  C   . GLU A 20 ? 0.2306 0.2039 0.1911 -0.0213 0.0099  -0.0259 449 GLU A C   
159 O  O   . GLU A 20 ? 0.2399 0.2066 0.1861 -0.0256 0.0074  -0.0290 449 GLU A O   
160 C  CB  . GLU A 20 ? 0.2293 0.2301 0.1682 0.0006  -0.0023 -0.0274 449 GLU A CB  
161 C  CG  . GLU A 20 ? 0.2966 0.2907 0.2597 -0.0066 -0.0060 0.0059  449 GLU A CG  
162 C  CD  . GLU A 20 ? 0.3117 0.3215 0.2949 0.0113  0.0259  -0.0008 449 GLU A CD  
163 O  OE1 . GLU A 20 ? 0.4315 0.3748 0.4384 0.0093  0.0194  0.0207  449 GLU A OE1 
164 O  OE2 . GLU A 20 ? 0.3876 0.3758 0.3290 0.0173  0.0383  0.0204  449 GLU A OE2 
165 N  N   . ARG A 21 ? 0.2528 0.2034 0.1826 -0.0271 0.0108  -0.0408 450 ARG A N   
166 C  CA  . ARG A 21 ? 0.2188 0.2036 0.1788 -0.0304 0.0124  -0.0247 450 ARG A CA  
167 C  C   . ARG A 21 ? 0.2117 0.2011 0.1859 -0.0301 0.0124  -0.0202 450 ARG A C   
168 O  O   . ARG A 21 ? 0.2383 0.2088 0.1608 -0.0357 0.0173  -0.0143 450 ARG A O   
169 C  CB  . ARG A 21 ? 0.2395 0.2098 0.2005 -0.0300 0.0217  -0.0363 450 ARG A CB  
170 C  CG  . ARG A 21 ? 0.2609 0.2366 0.2270 -0.0251 0.0296  -0.0196 450 ARG A CG  
171 C  CD  . ARG A 21 ? 0.2319 0.2276 0.2235 -0.0250 0.0225  -0.0239 450 ARG A CD  
172 N  NE  . ARG A 21 ? 0.2086 0.2193 0.2136 -0.0140 0.0301  -0.0187 450 ARG A NE  
173 C  CZ  . ARG A 21 ? 0.1847 0.2428 0.2302 0.0026  0.0094  -0.0215 450 ARG A CZ  
174 N  NH1 . ARG A 21 ? 0.2268 0.2633 0.2773 0.0059  0.0136  -0.0386 450 ARG A NH1 
175 N  NH2 . ARG A 21 ? 0.1644 0.2578 0.2642 -0.0029 0.0103  -0.0050 450 ARG A NH2 
176 N  N   . LEU A 22 ? 0.2260 0.2126 0.1776 -0.0280 0.0097  -0.0260 451 LEU A N   
177 C  CA  . LEU A 22 ? 0.2214 0.2140 0.1880 -0.0234 0.0096  -0.0071 451 LEU A CA  
178 C  C   . LEU A 22 ? 0.2231 0.2270 0.1640 -0.0218 -0.0107 -0.0197 451 LEU A C   
179 O  O   . LEU A 22 ? 0.2451 0.2313 0.1642 -0.0043 0.0083  -0.0284 451 LEU A O   
180 C  CB  . LEU A 22 ? 0.2340 0.2325 0.2001 -0.0047 0.0074  -0.0065 451 LEU A CB  
181 C  CG  . LEU A 22 ? 0.3149 0.2355 0.2812 -0.0182 -0.0146 0.0228  451 LEU A CG  
182 C  CD1 . LEU A 22 ? 0.2948 0.2731 0.3087 -0.0253 -0.0235 0.0217  451 LEU A CD1 
183 C  CD2 . LEU A 22 ? 0.2853 0.1978 0.3051 -0.0106 0.0504  0.0714  451 LEU A CD2 
184 N  N   . ASP A 23 ? 0.2415 0.1949 0.1664 -0.0189 0.0118  -0.0236 452 ASP A N   
185 C  CA  . ASP A 23 ? 0.2397 0.2019 0.1883 -0.0090 0.0021  -0.0251 452 ASP A CA  
186 C  C   . ASP A 23 ? 0.2322 0.1882 0.1713 -0.0080 0.0142  -0.0100 452 ASP A C   
187 O  O   . ASP A 23 ? 0.2078 0.2121 0.1729 0.0126  -0.0079 -0.0297 452 ASP A O   
188 C  CB  . ASP A 23 ? 0.2607 0.2025 0.1891 -0.0127 0.0063  -0.0124 452 ASP A CB  
189 C  CG  . ASP A 23 ? 0.2536 0.2243 0.2056 -0.0045 0.0097  -0.0118 452 ASP A CG  
190 O  OD1 . ASP A 23 ? 0.2425 0.3001 0.3191 -0.0184 -0.0030 0.0298  452 ASP A OD1 
191 O  OD2 . ASP A 23 ? 0.2623 0.3265 0.2140 -0.0009 0.0045  0.0029  452 ASP A OD2 
192 N  N   . ARG A 24 ? 0.2307 0.1767 0.1656 -0.0068 0.0067  -0.0177 453 ARG A N   
193 C  CA  . ARG A 24 ? 0.2223 0.1855 0.1913 -0.0150 0.0066  -0.0121 453 ARG A CA  
194 C  C   . ARG A 24 ? 0.2029 0.1593 0.1851 -0.0004 0.0157  -0.0118 453 ARG A C   
195 O  O   . ARG A 24 ? 0.1996 0.1893 0.1614 -0.0064 0.0043  -0.0205 453 ARG A O   
196 C  CB  . ARG A 24 ? 0.2411 0.2065 0.2002 -0.0007 -0.0028 -0.0078 453 ARG A CB  
197 C  CG  . ARG A 24 ? 0.2698 0.2551 0.2772 -0.0213 0.0249  0.0069  453 ARG A CG  
198 C  CD  . ARG A 24 ? 0.3308 0.2899 0.3436 -0.0005 0.0035  0.0035  453 ARG A CD  
199 N  NE  . ARG A 24 ? 0.3780 0.3426 0.3583 0.0052  0.0249  -0.0050 453 ARG A NE  
200 C  CZ  . ARG A 24 ? 0.4191 0.3827 0.3885 -0.0085 -0.0023 -0.0061 453 ARG A CZ  
201 N  NH1 . ARG A 24 ? 0.3940 0.4165 0.4078 -0.0012 0.0036  0.0003  453 ARG A NH1 
202 N  NH2 . ARG A 24 ? 0.3970 0.3752 0.3890 -0.0046 -0.0025 -0.0024 453 ARG A NH2 
203 N  N   . LEU A 25 ? 0.1929 0.1845 0.1567 -0.0129 0.0089  -0.0269 454 LEU A N   
204 C  CA  . LEU A 25 ? 0.1930 0.1808 0.1685 -0.0035 0.0015  -0.0114 454 LEU A CA  
205 C  C   . LEU A 25 ? 0.1775 0.1738 0.1660 0.0033  0.0019  -0.0178 454 LEU A C   
206 O  O   . LEU A 25 ? 0.1758 0.2018 0.1613 0.0023  0.0027  -0.0245 454 LEU A O   
207 C  CB  . LEU A 25 ? 0.1920 0.1826 0.1699 -0.0030 0.0051  -0.0184 454 LEU A CB  
208 C  CG  . LEU A 25 ? 0.1862 0.1700 0.2269 0.0117  0.0059  -0.0115 454 LEU A CG  
209 C  CD1 . LEU A 25 ? 0.1856 0.2031 0.2242 -0.0157 -0.0046 0.0118  454 LEU A CD1 
210 C  CD2 . LEU A 25 ? 0.1754 0.1765 0.2468 0.0237  -0.0021 -0.0223 454 LEU A CD2 
211 N  N   . GLU A 26 ? 0.1977 0.1872 0.1575 0.0015  0.0130  -0.0167 455 GLU A N   
212 C  CA  . GLU A 26 ? 0.1824 0.1813 0.1655 -0.0076 -0.0004 -0.0087 455 GLU A CA  
213 C  C   . GLU A 26 ? 0.1726 0.1782 0.1807 0.0018  -0.0161 -0.0234 455 GLU A C   
214 O  O   . GLU A 26 ? 0.1705 0.1987 0.1863 0.0161  -0.0177 -0.0355 455 GLU A O   
215 C  CB  . GLU A 26 ? 0.1566 0.1865 0.1749 -0.0074 0.0080  0.0037  455 GLU A CB  
216 C  CG  . GLU A 26 ? 0.1592 0.1994 0.1945 -0.0385 0.0021  0.0075  455 GLU A CG  
217 C  CD  . GLU A 26 ? 0.1274 0.2277 0.2021 -0.0547 0.0076  0.0462  455 GLU A CD  
218 O  OE1 . GLU A 26 ? 0.1273 0.3001 0.2556 -0.0959 0.0105  0.0571  455 GLU A OE1 
219 O  OE2 . GLU A 26 ? 0.1537 0.2931 0.1824 -0.0946 0.0159  0.0656  455 GLU A OE2 
220 N  N   . GLU A 27 ? 0.1791 0.1911 0.1790 0.0097  -0.0067 -0.0192 456 GLU A N   
221 C  CA  . GLU A 27 ? 0.1762 0.1560 0.2336 0.0115  -0.0117 -0.0266 456 GLU A CA  
222 C  C   . GLU A 27 ? 0.1708 0.1951 0.2195 0.0186  -0.0210 -0.0358 456 GLU A C   
223 O  O   . GLU A 27 ? 0.2097 0.2013 0.1977 0.0281  -0.0255 -0.0471 456 GLU A O   
224 C  CB  . GLU A 27 ? 0.1923 0.1780 0.2338 0.0370  -0.0134 -0.0094 456 GLU A CB  
225 C  CG  . GLU A 27 ? 0.2140 0.1917 0.2395 0.0372  -0.0239 -0.0163 456 GLU A CG  
226 C  CD  . GLU A 27 ? 0.1826 0.1337 0.2462 0.0419  -0.0190 -0.0124 456 GLU A CD  
227 O  OE1 . GLU A 27 ? 0.2181 0.2532 0.2680 0.0665  -0.0043 0.0400  456 GLU A OE1 
228 O  OE2 . GLU A 27 ? 0.2103 0.1831 0.2738 0.0961  -0.0001 0.0105  456 GLU A OE2 
229 N  N   . THR A 28 ? 0.1808 0.1965 0.1858 0.0174  -0.0153 -0.0291 457 THR A N   
230 C  CA  . THR A 28 ? 0.1733 0.1608 0.2020 0.0201  -0.0064 -0.0218 457 THR A CA  
231 C  C   . THR A 28 ? 0.1802 0.1829 0.1665 0.0215  -0.0132 -0.0313 457 THR A C   
232 O  O   . THR A 28 ? 0.1785 0.1881 0.1649 0.0340  -0.0171 -0.0231 457 THR A O   
233 C  CB  . THR A 28 ? 0.1752 0.1849 0.2024 0.0099  -0.0071 -0.0193 457 THR A CB  
234 O  OG1 . THR A 28 ? 0.2084 0.2014 0.2355 0.0316  0.0244  -0.0249 457 THR A OG1 
235 C  CG2 . THR A 28 ? 0.1640 0.1841 0.2311 0.0091  -0.0079 -0.0249 457 THR A CG2 
236 N  N   . VAL A 29 ? 0.1728 0.1888 0.1563 0.0457  -0.0161 -0.0226 458 VAL A N   
237 C  CA  . VAL A 29 ? 0.1752 0.1761 0.1860 0.0280  -0.0136 -0.0105 458 VAL A CA  
238 C  C   . VAL A 29 ? 0.1681 0.1863 0.1839 0.0478  -0.0148 -0.0198 458 VAL A C   
239 O  O   . VAL A 29 ? 0.2027 0.2117 0.1717 0.0594  -0.0096 -0.0278 458 VAL A O   
240 C  CB  . VAL A 29 ? 0.1605 0.1613 0.1929 0.0325  -0.0058 -0.0070 458 VAL A CB  
241 C  CG1 . VAL A 29 ? 0.2020 0.1568 0.1972 0.0442  0.0064  -0.0074 458 VAL A CG1 
242 C  CG2 . VAL A 29 ? 0.1602 0.1601 0.1650 0.0426  -0.0119 0.0092  458 VAL A CG2 
243 N  N   . GLN A 30 ? 0.1871 0.1770 0.1891 0.0328  -0.0212 -0.0203 459 GLN A N   
244 C  CA  . GLN A 30 ? 0.1847 0.1846 0.2193 0.0363  -0.0233 -0.0188 459 GLN A CA  
245 C  C   . GLN A 30 ? 0.1833 0.1881 0.2020 0.0470  -0.0279 -0.0278 459 GLN A C   
246 O  O   . GLN A 30 ? 0.2201 0.2248 0.2259 0.0691  -0.0298 -0.0665 459 GLN A O   
247 C  CB  . GLN A 30 ? 0.2369 0.1629 0.2421 0.0376  -0.0292 -0.0256 459 GLN A CB  
248 C  CG  . GLN A 30 ? 0.2694 0.2645 0.2744 0.0309  -0.0254 0.0010  459 GLN A CG  
249 C  CD  . GLN A 30 ? 0.2895 0.3019 0.3156 0.0061  -0.0077 0.0204  459 GLN A CD  
250 O  OE1 . GLN A 30 ? 0.3384 0.4551 0.4756 0.0164  -0.0058 0.0121  459 GLN A OE1 
251 N  NE2 . GLN A 30 ? 0.3179 0.3751 0.3572 0.0227  -0.0254 0.0390  459 GLN A NE2 
252 N  N   . ALA A 31 ? 0.1742 0.1973 0.1816 0.0456  -0.0227 -0.0310 460 ALA A N   
253 C  CA  . ALA A 31 ? 0.1810 0.1872 0.1777 0.0221  -0.0181 -0.0021 460 ALA A CA  
254 C  C   . ALA A 31 ? 0.1616 0.1673 0.1724 0.0183  -0.0039 -0.0113 460 ALA A C   
255 O  O   . ALA A 31 ? 0.1710 0.1559 0.1622 0.0099  -0.0137 -0.0001 460 ALA A O   
256 C  CB  . ALA A 31 ? 0.1906 0.1968 0.1835 0.0146  -0.0193 0.0139  460 ALA A CB  
257 N  N   . LYS A 32 ? 0.1693 0.1906 0.1770 0.0135  -0.0162 -0.0091 461 LYS A N   
258 C  CA  . LYS A 32 ? 0.1546 0.2009 0.1994 0.0071  -0.0062 -0.0039 461 LYS A CA  
259 C  C   . LYS A 32 ? 0.1498 0.2329 0.2183 0.0108  -0.0085 0.0049  461 LYS A C   
260 O  O   . LYS A 32 ? 0.1807 0.2489 0.2172 0.0457  -0.0146 -0.0214 461 LYS A O   
261 C  CB  . LYS A 32 ? 0.1783 0.2662 0.2267 0.0064  -0.0211 -0.0032 461 LYS A CB  
262 C  CG  . LYS A 32 ? 0.2919 0.3095 0.3173 -0.0102 0.0074  -0.0151 461 LYS A CG  
263 C  CD  . LYS A 32 ? 0.3334 0.3432 0.3720 -0.0007 0.0047  0.0082  461 LYS A CD  
264 C  CE  . LYS A 32 ? 0.3459 0.3319 0.3801 -0.0048 -0.0028 -0.0055 461 LYS A CE  
265 N  NZ  . LYS A 32 ? 0.3839 0.3783 0.3927 -0.0059 0.0120  0.0026  461 LYS A NZ  
266 O  OXT . LYS A 32 ? 0.0932 0.2716 0.2178 -0.0095 -0.0086 0.0167  461 LYS A OXT 
267 N  N   . VAL B 1  ? 0.1431 0.1771 0.1656 -0.0098 0.0144  -0.0355 430 VAL B N   
268 C  CA  . VAL B 1  ? 0.1361 0.1572 0.1576 -0.0013 0.0096  -0.0156 430 VAL B CA  
269 C  C   . VAL B 1  ? 0.1192 0.1630 0.1232 -0.0196 0.0050  -0.0220 430 VAL B C   
270 O  O   . VAL B 1  ? 0.1156 0.1672 0.1487 -0.0044 0.0139  -0.0333 430 VAL B O   
271 C  CB  . VAL B 1  ? 0.1404 0.1597 0.1524 -0.0090 0.0267  -0.0215 430 VAL B CB  
272 C  CG1 . VAL B 1  ? 0.1451 0.1817 0.1656 -0.0002 0.0085  0.0007  430 VAL B CG1 
273 C  CG2 . VAL B 1  ? 0.1881 0.1980 0.1754 -0.0067 0.0346  -0.0149 430 VAL B CG2 
274 N  N   . SER B 2  ? 0.1270 0.1702 0.1481 -0.0212 0.0169  -0.0277 431 SER B N   
275 C  CA  . SER B 2  ? 0.1359 0.1797 0.1544 -0.0230 0.0024  -0.0138 431 SER B CA  
276 C  C   . SER B 2  ? 0.1200 0.1582 0.1612 -0.0175 0.0004  -0.0153 431 SER B C   
277 O  O   . SER B 2  ? 0.1352 0.1518 0.1531 -0.0222 -0.0035 -0.0283 431 SER B O   
278 C  CB  . SER B 2  ? 0.1840 0.1913 0.1623 -0.0419 0.0240  -0.0168 431 SER B CB  
279 O  OG  . SER B 2  ? 0.1479 0.2128 0.1995 -0.0392 0.0269  -0.0250 431 SER B OG  
280 N  N   . ARG B 3  ? 0.1779 0.1809 0.1638 -0.0042 -0.0085 -0.0087 432 ARG B N   
281 C  CA  . ARG B 3  ? 0.1560 0.1652 0.1906 -0.0109 0.0012  -0.0244 432 ARG B CA  
282 C  C   . ARG B 3  ? 0.1647 0.1564 0.1780 -0.0172 -0.0053 -0.0197 432 ARG B C   
283 O  O   . ARG B 3  ? 0.1714 0.1793 0.1815 -0.0240 -0.0048 -0.0342 432 ARG B O   
284 C  CB  . ARG B 3  ? 0.2160 0.1742 0.2514 0.0043  -0.0099 -0.0149 432 ARG B CB  
285 C  CG  . ARG B 3  ? 0.2956 0.2227 0.2624 0.0326  -0.0210 -0.0197 432 ARG B CG  
286 C  CD  . ARG B 3  ? 0.3508 0.3697 0.3656 0.0045  -0.0015 0.0022  432 ARG B CD  
287 N  NE  . ARG B 3  ? 0.3346 0.3294 0.3650 0.0077  0.0181  -0.0300 432 ARG B NE  
288 C  CZ  . ARG B 3  ? 0.4504 0.3940 0.4275 0.0229  -0.0007 -0.0143 432 ARG B CZ  
289 N  NH1 . ARG B 3  ? 0.4566 0.4138 0.4423 0.0151  -0.0072 0.0060  432 ARG B NH1 
290 N  NH2 . ARG B 3  ? 0.4852 0.4233 0.4447 -0.0088 -0.0191 -0.0209 432 ARG B NH2 
291 N  N   . LEU B 4  ? 0.1693 0.1716 0.1896 -0.0443 0.0011  -0.0300 433 LEU B N   
292 C  CA  . LEU B 4  ? 0.1726 0.1808 0.2127 -0.0355 0.0079  -0.0309 433 LEU B CA  
293 C  C   . LEU B 4  ? 0.1273 0.1817 0.1957 -0.0326 -0.0023 -0.0386 433 LEU B C   
294 O  O   . LEU B 4  ? 0.1408 0.1751 0.2069 -0.0435 0.0021  -0.0299 433 LEU B O   
295 C  CB  . LEU B 4  ? 0.2014 0.2078 0.2237 -0.0461 0.0072  -0.0071 433 LEU B CB  
296 C  CG  . LEU B 4  ? 0.1866 0.2123 0.2477 -0.0279 -0.0117 0.0161  433 LEU B CG  
297 C  CD1 . LEU B 4  ? 0.2378 0.2492 0.2410 -0.0561 -0.0481 0.0283  433 LEU B CD1 
298 C  CD2 . LEU B 4  ? 0.1983 0.2555 0.2749 -0.0306 0.0050  0.0277  433 LEU B CD2 
299 N  N   . GLU B 5  ? 0.1301 0.1817 0.1894 -0.0245 0.0078  -0.0474 434 GLU B N   
300 C  CA  . GLU B 5  ? 0.1058 0.1918 0.2039 -0.0102 -0.0116 -0.0444 434 GLU B CA  
301 C  C   . GLU B 5  ? 0.1191 0.1692 0.1896 -0.0182 -0.0049 -0.0435 434 GLU B C   
302 O  O   . GLU B 5  ? 0.1229 0.1783 0.2097 -0.0118 -0.0138 -0.0411 434 GLU B O   
303 C  CB  . GLU B 5  ? 0.1338 0.1937 0.1941 0.0075  -0.0128 -0.0504 434 GLU B CB  
304 C  CG  . GLU B 5  ? 0.1709 0.2214 0.2470 -0.0023 0.0093  -0.0438 434 GLU B CG  
305 C  CD  . GLU B 5  ? 0.1401 0.2575 0.2288 -0.0170 0.0328  -0.0477 434 GLU B CD  
306 O  OE1 . GLU B 5  ? 0.1512 0.2651 0.2552 0.0001  0.0337  -0.0272 434 GLU B OE1 
307 O  OE2 . GLU B 5  ? 0.2138 0.3365 0.3235 0.0122  0.0466  -0.0889 434 GLU B OE2 
308 N  N   . GLU B 6  ? 0.1067 0.1599 0.1861 -0.0178 -0.0096 -0.0369 435 GLU B N   
309 C  CA  . GLU B 6  ? 0.1274 0.1482 0.1766 -0.0123 -0.0063 -0.0338 435 GLU B CA  
310 C  C   . GLU B 6  ? 0.1158 0.1618 0.1680 -0.0049 -0.0168 -0.0131 435 GLU B C   
311 O  O   . GLU B 6  ? 0.1234 0.1785 0.1797 -0.0226 -0.0179 -0.0254 435 GLU B O   
312 C  CB  . GLU B 6  ? 0.1283 0.1791 0.1568 -0.0196 -0.0061 -0.0366 435 GLU B CB  
313 C  CG  . GLU B 6  ? 0.1497 0.1944 0.1774 -0.0151 0.0119  -0.0229 435 GLU B CG  
314 C  CD  . GLU B 6  ? 0.1460 0.2275 0.1588 -0.0204 0.0043  -0.0045 435 GLU B CD  
315 O  OE1 . GLU B 6  ? 0.1551 0.2510 0.1697 -0.0221 -0.0151 0.0052  435 GLU B OE1 
316 O  OE2 . GLU B 6  ? 0.1404 0.2783 0.1829 -0.0524 0.0091  -0.0247 435 GLU B OE2 
317 N  N   . ASP B 7  ? 0.1303 0.1492 0.1684 -0.0178 -0.0148 -0.0270 436 ASP B N   
318 C  CA  . ASP B 7  ? 0.1348 0.1716 0.1797 -0.0118 -0.0163 -0.0267 436 ASP B CA  
319 C  C   . ASP B 7  ? 0.1290 0.1502 0.1898 -0.0166 -0.0134 -0.0331 436 ASP B C   
320 O  O   . ASP B 7  ? 0.1483 0.1938 0.1809 -0.0157 -0.0324 -0.0441 436 ASP B O   
321 C  CB  . ASP B 7  ? 0.1532 0.1653 0.1936 -0.0128 -0.0137 -0.0394 436 ASP B CB  
322 C  CG  . ASP B 7  ? 0.2163 0.2067 0.2475 -0.0215 -0.0117 -0.0010 436 ASP B CG  
323 O  OD1 . ASP B 7  ? 0.1853 0.2165 0.2501 0.0174  -0.0063 -0.0229 436 ASP B OD1 
324 O  OD2 . ASP B 7  ? 0.2490 0.2124 0.2532 -0.0131 -0.0157 -0.0182 436 ASP B OD2 
325 N  N   . VAL B 8  ? 0.1174 0.1649 0.1956 -0.0128 -0.0303 -0.0388 437 VAL B N   
326 C  CA  . VAL B 8  ? 0.1368 0.1729 0.2057 -0.0068 -0.0293 -0.0329 437 VAL B CA  
327 C  C   . VAL B 8  ? 0.1515 0.1776 0.2188 0.0022  -0.0313 -0.0368 437 VAL B C   
328 O  O   . VAL B 8  ? 0.1604 0.1966 0.2302 -0.0039 -0.0400 -0.0205 437 VAL B O   
329 C  CB  . VAL B 8  ? 0.1423 0.1894 0.2215 -0.0080 -0.0243 -0.0370 437 VAL B CB  
330 C  CG1 . VAL B 8  ? 0.1809 0.2268 0.2370 0.0166  -0.0262 -0.0300 437 VAL B CG1 
331 C  CG2 . VAL B 8  ? 0.1166 0.2259 0.2413 -0.0170 -0.0170 -0.0306 437 VAL B CG2 
332 N  N   . ARG B 9  ? 0.1685 0.1910 0.2251 -0.0062 -0.0310 -0.0237 438 ARG B N   
333 C  CA  . ARG B 9  ? 0.1816 0.1880 0.2328 -0.0160 -0.0277 -0.0107 438 ARG B CA  
334 C  C   . ARG B 9  ? 0.1667 0.1757 0.2380 -0.0336 -0.0426 -0.0076 438 ARG B C   
335 O  O   . ARG B 9  ? 0.2060 0.2078 0.2334 -0.0333 -0.0377 0.0211  438 ARG B O   
336 C  CB  . ARG B 9  ? 0.2154 0.2024 0.2630 -0.0226 -0.0183 -0.0268 438 ARG B CB  
337 C  CG  . ARG B 9  ? 0.2595 0.2699 0.3201 -0.0289 -0.0263 0.0089  438 ARG B CG  
338 C  CD  . ARG B 9  ? 0.3197 0.3782 0.3896 0.0081  -0.0134 -0.0046 438 ARG B CD  
339 N  NE  . ARG B 9  ? 0.4241 0.3351 0.4465 0.0021  0.0057  -0.0032 438 ARG B NE  
340 C  CZ  . ARG B 9  ? 0.4208 0.3671 0.4439 0.0233  -0.0083 -0.0087 438 ARG B CZ  
341 N  NH1 . ARG B 9  ? 0.4259 0.4104 0.4807 0.0081  0.0033  -0.0084 438 ARG B NH1 
342 N  NH2 . ARG B 9  ? 0.4341 0.4092 0.4724 -0.0024 -0.0026 -0.0084 438 ARG B NH2 
343 N  N   . ASN B 10 ? 0.1656 0.1995 0.2121 -0.0245 -0.0372 -0.0022 439 ASN B N   
344 C  CA  . ASN B 10 ? 0.1897 0.2264 0.2023 -0.0243 -0.0323 -0.0187 439 ASN B CA  
345 C  C   . ASN B 10 ? 0.1832 0.2176 0.1924 -0.0251 -0.0410 -0.0034 439 ASN B C   
346 O  O   . ASN B 10 ? 0.2052 0.2799 0.1951 -0.0349 -0.0577 0.0016  439 ASN B O   
347 C  CB  . ASN B 10 ? 0.1798 0.2225 0.1781 -0.0236 -0.0225 -0.0297 439 ASN B CB  
348 C  CG  . ASN B 10 ? 0.2026 0.2509 0.2282 -0.0237 -0.0150 -0.0185 439 ASN B CG  
349 O  OD1 . ASN B 10 ? 0.2128 0.3197 0.3020 -0.0607 -0.0348 -0.0331 439 ASN B OD1 
350 N  ND2 . ASN B 10 ? 0.1964 0.3072 0.2256 0.0052  -0.0222 -0.0404 439 ASN B ND2 
351 N  N   . LEU B 11 ? 0.1949 0.2173 0.1955 -0.0318 -0.0382 -0.0163 440 LEU B N   
352 C  CA  . LEU B 11 ? 0.2059 0.2129 0.2002 -0.0310 -0.0441 -0.0095 440 LEU B CA  
353 C  C   . LEU B 11 ? 0.2040 0.2133 0.2205 -0.0335 -0.0516 0.0048  440 LEU B C   
354 O  O   . LEU B 11 ? 0.2355 0.2408 0.2036 -0.0512 -0.0703 0.0067  440 LEU B O   
355 C  CB  . LEU B 11 ? 0.2256 0.2179 0.1966 -0.0447 -0.0401 -0.0238 440 LEU B CB  
356 C  CG  . LEU B 11 ? 0.2326 0.2296 0.2078 -0.0065 -0.0198 -0.0468 440 LEU B CG  
357 C  CD1 . LEU B 11 ? 0.2357 0.1919 0.2132 -0.0256 -0.0303 -0.0273 440 LEU B CD1 
358 C  CD2 . LEU B 11 ? 0.2696 0.2405 0.2424 -0.0269 0.0006  -0.0402 440 LEU B CD2 
359 N  N   . ASN B 12 ? 0.2097 0.2219 0.2377 -0.0259 -0.0570 0.0094  441 ASN B N   
360 C  CA  . ASN B 12 ? 0.2226 0.2519 0.2671 -0.0183 -0.0603 0.0096  441 ASN B CA  
361 C  C   . ASN B 12 ? 0.2320 0.2386 0.2683 -0.0170 -0.0584 0.0201  441 ASN B C   
362 O  O   . ASN B 12 ? 0.2314 0.2535 0.2958 -0.0267 -0.0782 0.0188  441 ASN B O   
363 C  CB  . ASN B 12 ? 0.2599 0.2489 0.3017 -0.0086 -0.0392 0.0167  441 ASN B CB  
364 C  CG  . ASN B 12 ? 0.2805 0.2864 0.3249 0.0154  -0.0262 -0.0139 441 ASN B CG  
365 O  OD1 . ASN B 12 ? 0.3267 0.3143 0.4237 -0.0183 0.0179  -0.0135 441 ASN B OD1 
366 N  ND2 . ASN B 12 ? 0.3229 0.3193 0.3390 0.0105  -0.0130 -0.0044 441 ASN B ND2 
367 N  N   . ALA B 13 ? 0.2248 0.2236 0.2455 -0.0356 -0.0483 -0.0063 442 ALA B N   
368 C  CA  . ALA B 13 ? 0.2472 0.2298 0.2612 -0.0305 -0.0488 0.0050  442 ALA B CA  
369 C  C   . ALA B 13 ? 0.2416 0.2339 0.2546 -0.0463 -0.0521 -0.0022 442 ALA B C   
370 O  O   . ALA B 13 ? 0.2763 0.2522 0.2576 -0.0577 -0.0457 0.0003  442 ALA B O   
371 C  CB  . ALA B 13 ? 0.2556 0.2683 0.2647 -0.0477 -0.0336 0.0036  442 ALA B CB  
372 N  N   . ILE B 14 ? 0.2155 0.2325 0.2372 -0.0374 -0.0502 0.0097  443 ILE B N   
373 C  CA  . ILE B 14 ? 0.2378 0.2388 0.2568 -0.0256 -0.0456 -0.0031 443 ILE B CA  
374 C  C   . ILE B 14 ? 0.2347 0.2172 0.2462 -0.0273 -0.0462 -0.0054 443 ILE B C   
375 O  O   . ILE B 14 ? 0.2566 0.2311 0.2255 -0.0226 -0.0531 -0.0027 443 ILE B O   
376 C  CB  . ILE B 14 ? 0.2479 0.2419 0.2578 -0.0128 -0.0468 -0.0151 443 ILE B CB  
377 C  CG1 . ILE B 14 ? 0.2674 0.3124 0.2762 0.0074  -0.0352 0.0112  443 ILE B CG1 
378 C  CG2 . ILE B 14 ? 0.3048 0.2676 0.3233 -0.0161 -0.0392 -0.0113 443 ILE B CG2 
379 C  CD1 . ILE B 14 ? 0.3084 0.2939 0.3087 0.0073  -0.0291 0.0064  443 ILE B CD1 
380 N  N   . VAL B 15 ? 0.2293 0.2156 0.2261 -0.0396 -0.0512 -0.0054 444 VAL B N   
381 C  CA  . VAL B 15 ? 0.2432 0.2364 0.2444 -0.0187 -0.0488 -0.0170 444 VAL B CA  
382 C  C   . VAL B 15 ? 0.2455 0.2278 0.2589 -0.0082 -0.0430 -0.0220 444 VAL B C   
383 O  O   . VAL B 15 ? 0.2636 0.2573 0.2494 -0.0091 -0.0542 -0.0119 444 VAL B O   
384 C  CB  . VAL B 15 ? 0.2361 0.2312 0.2662 -0.0113 -0.0497 -0.0238 444 VAL B CB  
385 C  CG1 . VAL B 15 ? 0.2307 0.2750 0.2897 0.0049  -0.0500 -0.0067 444 VAL B CG1 
386 C  CG2 . VAL B 15 ? 0.2510 0.2264 0.2814 -0.0305 -0.0367 -0.0151 444 VAL B CG2 
387 N  N   . GLN B 16 ? 0.2606 0.2309 0.2544 -0.0127 -0.0462 -0.0054 445 GLN B N   
388 C  CA  . GLN B 16 ? 0.2653 0.2471 0.2762 -0.0100 -0.0374 -0.0050 445 GLN B CA  
389 C  C   . GLN B 16 ? 0.2747 0.2249 0.2842 -0.0172 -0.0389 -0.0044 445 GLN B C   
390 O  O   . GLN B 16 ? 0.2701 0.2020 0.2710 -0.0085 -0.0455 -0.0057 445 GLN B O   
391 C  CB  . GLN B 16 ? 0.3172 0.2312 0.3070 -0.0053 -0.0300 0.0059  445 GLN B CB  
392 C  CG  . GLN B 16 ? 0.3614 0.3401 0.3264 -0.0048 -0.0262 -0.0054 445 GLN B CG  
393 C  CD  . GLN B 16 ? 0.3960 0.3477 0.3533 -0.0108 -0.0125 -0.0320 445 GLN B CD  
394 O  OE1 . GLN B 16 ? 0.4964 0.4660 0.4818 -0.0468 0.0001  0.0090  445 GLN B OE1 
395 N  NE2 . GLN B 16 ? 0.4538 0.4304 0.3604 0.0050  -0.0108 -0.0109 445 GLN B NE2 
396 N  N   . LYS B 17 ? 0.2592 0.2262 0.2649 -0.0288 -0.0430 -0.0086 446 LYS B N   
397 C  CA  . LYS B 17 ? 0.2462 0.2390 0.2845 -0.0217 -0.0348 -0.0010 446 LYS B CA  
398 C  C   . LYS B 17 ? 0.2214 0.2282 0.2640 -0.0195 -0.0412 0.0050  446 LYS B C   
399 O  O   . LYS B 17 ? 0.2448 0.2189 0.2565 -0.0133 -0.0472 -0.0031 446 LYS B O   
400 C  CB  . LYS B 17 ? 0.2547 0.2562 0.3067 -0.0284 -0.0445 -0.0039 446 LYS B CB  
401 C  CG  . LYS B 17 ? 0.3167 0.3069 0.3466 -0.0192 -0.0083 -0.0057 446 LYS B CG  
402 C  CD  . LYS B 17 ? 0.3160 0.3305 0.3551 0.0011  -0.0073 0.0046  446 LYS B CD  
403 C  CE  . LYS B 17 ? 0.3630 0.3738 0.3786 -0.0040 0.0069  0.0006  446 LYS B CE  
404 N  NZ  . LYS B 17 ? 0.3743 0.4286 0.4476 0.0114  0.0011  0.0022  446 LYS B NZ  
405 N  N   . LEU B 18 ? 0.2340 0.2094 0.2450 -0.0027 -0.0448 0.0103  447 LEU B N   
406 C  CA  . LEU B 18 ? 0.2379 0.2196 0.2595 -0.0087 -0.0391 0.0083  447 LEU B CA  
407 C  C   . LEU B 18 ? 0.2329 0.2019 0.2505 -0.0098 -0.0495 -0.0021 447 LEU B C   
408 O  O   . LEU B 18 ? 0.2644 0.1939 0.2523 -0.0053 -0.0625 -0.0095 447 LEU B O   
409 C  CB  . LEU B 18 ? 0.2766 0.2349 0.2611 -0.0127 -0.0460 0.0107  447 LEU B CB  
410 C  CG  . LEU B 18 ? 0.2956 0.2977 0.3099 -0.0027 -0.0299 0.0089  447 LEU B CG  
411 C  CD1 . LEU B 18 ? 0.3379 0.3018 0.3321 -0.0208 -0.0323 0.0049  447 LEU B CD1 
412 C  CD2 . LEU B 18 ? 0.3419 0.3327 0.3541 0.0161  -0.0253 -0.0032 447 LEU B CD2 
413 N  N   . GLN B 19 ? 0.2083 0.2319 0.2334 0.0032  -0.0556 -0.0124 448 GLN B N   
414 C  CA  . GLN B 19 ? 0.2270 0.2503 0.2513 -0.0122 -0.0401 -0.0058 448 GLN B CA  
415 C  C   . GLN B 19 ? 0.2159 0.2221 0.2360 0.0110  -0.0267 -0.0103 448 GLN B C   
416 O  O   . GLN B 19 ? 0.2126 0.1978 0.2320 0.0199  -0.0288 -0.0186 448 GLN B O   
417 C  CB  . GLN B 19 ? 0.2148 0.3039 0.2715 0.0138  -0.0426 -0.0017 448 GLN B CB  
418 C  CG  . GLN B 19 ? 0.3123 0.3525 0.3348 0.0007  -0.0180 0.0074  448 GLN B CG  
419 C  CD  . GLN B 19 ? 0.3527 0.3727 0.3567 0.0093  0.0043  -0.0053 448 GLN B CD  
420 O  OE1 . GLN B 19 ? 0.4006 0.4664 0.4677 0.0118  -0.0097 -0.0090 448 GLN B OE1 
421 N  NE2 . GLN B 19 ? 0.4123 0.3928 0.4230 -0.0031 0.0009  -0.0244 448 GLN B NE2 
422 N  N   . GLU B 20 ? 0.2334 0.1875 0.2359 -0.0077 -0.0430 -0.0205 449 GLU B N   
423 C  CA  . GLU B 20 ? 0.2315 0.2161 0.2447 -0.0120 -0.0293 -0.0226 449 GLU B CA  
424 C  C   . GLU B 20 ? 0.2136 0.2042 0.2645 -0.0267 -0.0374 -0.0231 449 GLU B C   
425 O  O   . GLU B 20 ? 0.2449 0.1733 0.2657 -0.0144 -0.0265 -0.0222 449 GLU B O   
426 C  CB  . GLU B 20 ? 0.2598 0.2292 0.2526 -0.0216 -0.0389 -0.0236 449 GLU B CB  
427 C  CG  . GLU B 20 ? 0.2807 0.2256 0.2568 -0.0292 -0.0224 -0.0153 449 GLU B CG  
428 C  CD  . GLU B 20 ? 0.2551 0.2381 0.2585 -0.0377 -0.0005 -0.0136 449 GLU B CD  
429 O  OE1 . GLU B 20 ? 0.3028 0.2774 0.3107 0.0065  0.0062  -0.0297 449 GLU B OE1 
430 O  OE2 . GLU B 20 ? 0.3438 0.2656 0.2979 -0.0432 -0.0010 -0.0041 449 GLU B OE2 
431 N  N   . ARG B 21 ? 0.2169 0.2072 0.2567 -0.0168 -0.0311 -0.0162 450 ARG B N   
432 C  CA  . ARG B 21 ? 0.2491 0.2221 0.2767 -0.0075 -0.0151 -0.0143 450 ARG B CA  
433 C  C   . ARG B 21 ? 0.2174 0.1675 0.2349 0.0163  -0.0195 -0.0075 450 ARG B C   
434 O  O   . ARG B 21 ? 0.2304 0.1929 0.2525 0.0135  0.0044  -0.0273 450 ARG B O   
435 C  CB  . ARG B 21 ? 0.2702 0.2557 0.2939 0.0019  -0.0267 -0.0129 450 ARG B CB  
436 C  CG  . ARG B 21 ? 0.3216 0.3231 0.3418 -0.0051 -0.0085 -0.0093 450 ARG B CG  
437 C  CD  . ARG B 21 ? 0.3124 0.3345 0.3344 0.0087  -0.0064 -0.0104 450 ARG B CD  
438 N  NE  . ARG B 21 ? 0.3171 0.3221 0.3738 0.0213  -0.0150 -0.0073 450 ARG B NE  
439 C  CZ  . ARG B 21 ? 0.3195 0.3197 0.3398 -0.0029 -0.0067 -0.0123 450 ARG B CZ  
440 N  NH1 . ARG B 21 ? 0.3692 0.3636 0.3506 0.0339  0.0124  0.0180  450 ARG B NH1 
441 N  NH2 . ARG B 21 ? 0.3350 0.3469 0.3538 0.0139  0.0110  -0.0131 450 ARG B NH2 
442 N  N   . LEU B 22 ? 0.2293 0.1658 0.2081 -0.0213 -0.0309 -0.0069 451 LEU B N   
443 C  CA  . LEU B 22 ? 0.2277 0.1653 0.2079 -0.0041 -0.0182 -0.0115 451 LEU B CA  
444 C  C   . LEU B 22 ? 0.2008 0.1735 0.1786 -0.0188 -0.0079 -0.0026 451 LEU B C   
445 O  O   . LEU B 22 ? 0.2110 0.1814 0.1764 -0.0251 -0.0153 0.0022  451 LEU B O   
446 C  CB  . LEU B 22 ? 0.2287 0.1738 0.2019 -0.0092 -0.0347 0.0129  451 LEU B CB  
447 C  CG  . LEU B 22 ? 0.2544 0.2103 0.1946 -0.0305 -0.0049 0.0223  451 LEU B CG  
448 C  CD1 . LEU B 22 ? 0.2624 0.2057 0.2116 -0.0287 -0.0380 0.0130  451 LEU B CD1 
449 C  CD2 . LEU B 22 ? 0.2717 0.2490 0.2070 -0.0271 -0.0014 0.0157  451 LEU B CD2 
450 N  N   . ASP B 23 ? 0.2054 0.1698 0.1876 -0.0119 -0.0228 -0.0086 452 ASP B N   
451 C  CA  . ASP B 23 ? 0.2193 0.1681 0.1756 -0.0118 -0.0020 0.0039  452 ASP B CA  
452 C  C   . ASP B 23 ? 0.2225 0.1610 0.2001 -0.0196 0.0120  -0.0082 452 ASP B C   
453 O  O   . ASP B 23 ? 0.2422 0.1553 0.1957 -0.0143 0.0064  0.0059  452 ASP B O   
454 C  CB  . ASP B 23 ? 0.2281 0.1953 0.1747 0.0096  0.0101  -0.0008 452 ASP B CB  
455 C  CG  . ASP B 23 ? 0.2554 0.2141 0.2121 -0.0097 0.0110  0.0191  452 ASP B CG  
456 O  OD1 . ASP B 23 ? 0.2748 0.2750 0.3002 0.0098  0.0035  0.0269  452 ASP B OD1 
457 O  OD2 . ASP B 23 ? 0.2843 0.1974 0.2461 -0.0020 0.0579  0.0239  452 ASP B OD2 
458 N  N   . ARG B 24 ? 0.2103 0.1473 0.2212 -0.0269 0.0147  -0.0195 453 ARG B N   
459 C  CA  . ARG B 24 ? 0.2345 0.1793 0.2250 -0.0216 0.0207  -0.0141 453 ARG B CA  
460 C  C   . ARG B 24 ? 0.2342 0.1945 0.2288 -0.0206 0.0365  -0.0221 453 ARG B C   
461 O  O   . ARG B 24 ? 0.2636 0.1893 0.2224 -0.0584 0.0481  -0.0187 453 ARG B O   
462 C  CB  . ARG B 24 ? 0.2389 0.1811 0.2694 -0.0294 0.0212  -0.0267 453 ARG B CB  
463 C  CG  . ARG B 24 ? 0.2635 0.2300 0.2698 -0.0167 0.0107  -0.0423 453 ARG B CG  
464 C  CD  . ARG B 24 ? 0.2691 0.2630 0.2918 -0.0023 0.0060  -0.0288 453 ARG B CD  
465 N  NE  . ARG B 24 ? 0.2832 0.2330 0.3447 -0.0401 -0.0116 -0.0380 453 ARG B NE  
466 C  CZ  . ARG B 24 ? 0.2716 0.2855 0.3325 -0.0183 -0.0033 -0.0102 453 ARG B CZ  
467 N  NH1 . ARG B 24 ? 0.2969 0.3397 0.3985 -0.0407 0.0135  -0.0234 453 ARG B NH1 
468 N  NH2 . ARG B 24 ? 0.3192 0.2911 0.3502 -0.0409 0.0060  -0.0134 453 ARG B NH2 
469 N  N   . LEU B 25 ? 0.2319 0.1717 0.2456 -0.0175 0.0309  -0.0284 454 LEU B N   
470 C  CA  . LEU B 25 ? 0.2220 0.1854 0.2205 -0.0231 0.0225  -0.0258 454 LEU B CA  
471 C  C   . LEU B 25 ? 0.2255 0.1551 0.2056 -0.0133 0.0170  -0.0182 454 LEU B C   
472 O  O   . LEU B 25 ? 0.2375 0.1694 0.2124 -0.0265 0.0271  -0.0261 454 LEU B O   
473 C  CB  . LEU B 25 ? 0.2197 0.1930 0.2585 -0.0041 0.0049  -0.0340 454 LEU B CB  
474 C  CG  . LEU B 25 ? 0.2486 0.1973 0.3054 -0.0219 -0.0046 -0.0423 454 LEU B CG  
475 C  CD1 . LEU B 25 ? 0.2717 0.2548 0.3151 -0.0016 0.0022  -0.0312 454 LEU B CD1 
476 C  CD2 . LEU B 25 ? 0.2334 0.2149 0.3340 0.0003  0.0004  -0.0225 454 LEU B CD2 
477 N  N   . GLU B 26 ? 0.2108 0.1452 0.1834 -0.0280 0.0143  0.0020  455 GLU B N   
478 C  CA  . GLU B 26 ? 0.2257 0.1697 0.1587 -0.0268 0.0110  0.0037  455 GLU B CA  
479 C  C   . GLU B 26 ? 0.2528 0.2024 0.1654 -0.0195 0.0141  0.0081  455 GLU B C   
480 O  O   . GLU B 26 ? 0.2724 0.2010 0.1699 -0.0028 -0.0028 0.0082  455 GLU B O   
481 C  CB  . GLU B 26 ? 0.1976 0.1931 0.1555 -0.0217 -0.0039 -0.0035 455 GLU B CB  
482 C  CG  . GLU B 26 ? 0.2283 0.1932 0.1663 -0.0417 0.0091  -0.0048 455 GLU B CG  
483 C  CD  . GLU B 26 ? 0.2565 0.2106 0.2148 -0.0143 0.0309  -0.0091 455 GLU B CD  
484 O  OE1 . GLU B 26 ? 0.3162 0.2421 0.2498 -0.0208 0.0589  -0.0170 455 GLU B OE1 
485 O  OE2 . GLU B 26 ? 0.2780 0.2379 0.1944 -0.0471 0.0445  -0.0199 455 GLU B OE2 
486 N  N   . GLU B 27 ? 0.2766 0.1952 0.1632 -0.0076 0.0130  0.0189  456 GLU B N   
487 C  CA  . GLU B 27 ? 0.2973 0.2299 0.1924 -0.0131 0.0194  0.0148  456 GLU B CA  
488 C  C   . GLU B 27 ? 0.2787 0.2199 0.1709 -0.0347 0.0189  0.0130  456 GLU B C   
489 O  O   . GLU B 27 ? 0.3525 0.2680 0.1996 -0.0208 0.0103  0.0181  456 GLU B O   
490 C  CB  . GLU B 27 ? 0.3189 0.2294 0.1706 -0.0155 0.0181  0.0187  456 GLU B CB  
491 C  CG  . GLU B 27 ? 0.3181 0.2328 0.2120 0.0167  0.0123  -0.0009 456 GLU B CG  
492 C  CD  . GLU B 27 ? 0.3311 0.2613 0.2148 0.0031  0.0266  0.0019  456 GLU B CD  
493 O  OE1 . GLU B 27 ? 0.2874 0.2588 0.2492 -0.0258 0.0228  -0.0268 456 GLU B OE1 
494 O  OE2 . GLU B 27 ? 0.3429 0.3090 0.2340 0.0128  0.0514  -0.0039 456 GLU B OE2 
495 N  N   . THR B 28 ? 0.2907 0.2457 0.1854 -0.0297 0.0380  -0.0029 457 THR B N   
496 C  CA  . THR B 28 ? 0.2716 0.2308 0.1951 -0.0294 0.0340  -0.0018 457 THR B CA  
497 C  C   . THR B 28 ? 0.2778 0.2371 0.2205 -0.0275 0.0311  -0.0097 457 THR B C   
498 O  O   . THR B 28 ? 0.3233 0.2772 0.2087 -0.0405 0.0514  -0.0005 457 THR B O   
499 C  CB  . THR B 28 ? 0.2664 0.2482 0.2185 -0.0216 0.0203  -0.0076 457 THR B CB  
500 O  OG1 . THR B 28 ? 0.2799 0.3155 0.3265 -0.0439 0.0242  -0.0249 457 THR B OG1 
501 C  CG2 . THR B 28 ? 0.2882 0.2902 0.2683 -0.0251 0.0215  -0.0235 457 THR B CG2 
502 N  N   . VAL B 29 ? 0.2617 0.2152 0.2077 -0.0218 0.0384  -0.0009 458 VAL B N   
503 C  CA  . VAL B 29 ? 0.2656 0.2141 0.1934 -0.0089 0.0047  -0.0017 458 VAL B CA  
504 C  C   . VAL B 29 ? 0.2892 0.2067 0.1899 -0.0123 0.0046  0.0188  458 VAL B C   
505 O  O   . VAL B 29 ? 0.3224 0.2553 0.2046 -0.0141 -0.0033 0.0218  458 VAL B O   
506 C  CB  . VAL B 29 ? 0.2240 0.1984 0.1789 -0.0175 0.0047  -0.0013 458 VAL B CB  
507 C  CG1 . VAL B 29 ? 0.2349 0.2145 0.1946 -0.0161 -0.0050 0.0186  458 VAL B CG1 
508 C  CG2 . VAL B 29 ? 0.1939 0.2095 0.2411 0.0013  -0.0002 -0.0166 458 VAL B CG2 
509 N  N   . GLN B 30 ? 0.2909 0.2263 0.1903 -0.0007 0.0034  0.0404  459 GLN B N   
510 C  CA  . GLN B 30 ? 0.2868 0.2695 0.2295 -0.0036 -0.0070 0.0301  459 GLN B CA  
511 C  C   . GLN B 30 ? 0.2717 0.2603 0.1969 -0.0130 -0.0094 0.0268  459 GLN B C   
512 O  O   . GLN B 30 ? 0.2988 0.2856 0.2298 -0.0098 -0.0163 0.0152  459 GLN B O   
513 C  CB  . GLN B 30 ? 0.2913 0.2821 0.2241 0.0174  -0.0132 0.0392  459 GLN B CB  
514 C  CG  . GLN B 30 ? 0.3156 0.3445 0.3087 0.0121  0.0173  0.0321  459 GLN B CG  
515 C  CD  . GLN B 30 ? 0.3569 0.3563 0.3206 0.0015  0.0231  0.0087  459 GLN B CD  
516 O  OE1 . GLN B 30 ? 0.4453 0.4150 0.4342 -0.0186 0.0125  -0.0037 459 GLN B OE1 
517 N  NE2 . GLN B 30 ? 0.3696 0.4075 0.3854 0.0081  0.0372  -0.0051 459 GLN B NE2 
518 N  N   . ALA B 31 ? 0.2520 0.2371 0.1993 0.0182  0.0041  0.0202  460 ALA B N   
519 C  CA  . ALA B 31 ? 0.2585 0.2535 0.2266 0.0215  0.0143  0.0090  460 ALA B CA  
520 C  C   . ALA B 31 ? 0.2638 0.2364 0.1995 0.0291  0.0183  0.0166  460 ALA B C   
521 O  O   . ALA B 31 ? 0.2900 0.2734 0.1666 0.0307  0.0286  0.0344  460 ALA B O   
522 C  CB  . ALA B 31 ? 0.2827 0.2438 0.2606 0.0362  0.0127  0.0104  460 ALA B CB  
523 N  N   . LYS B 32 ? 0.2781 0.2422 0.2099 0.0316  0.0165  0.0163  461 LYS B N   
524 C  CA  . LYS B 32 ? 0.2535 0.2422 0.2108 0.0176  0.0244  0.0263  461 LYS B CA  
525 C  C   . LYS B 32 ? 0.2405 0.2333 0.1960 0.0059  0.0274  0.0304  461 LYS B C   
526 O  O   . LYS B 32 ? 0.2482 0.2302 0.1844 0.0062  0.0143  0.0074  461 LYS B O   
527 C  CB  . LYS B 32 ? 0.2778 0.2580 0.2066 0.0246  0.0266  0.0108  461 LYS B CB  
528 C  CG  . LYS B 32 ? 0.3150 0.3078 0.2639 0.0376  0.0453  0.0190  461 LYS B CG  
529 C  CD  . LYS B 32 ? 0.3793 0.3697 0.3825 -0.0075 0.0094  0.0071  461 LYS B CD  
530 C  CE  . LYS B 32 ? 0.3649 0.3855 0.3971 -0.0112 0.0191  0.0074  461 LYS B CE  
531 N  NZ  . LYS B 32 ? 0.3734 0.4180 0.4203 0.0167  0.0043  0.0028  461 LYS B NZ  
532 O  OXT . LYS B 32 ? 0.2460 0.2619 0.2283 -0.0157 0.0247  0.0253  461 LYS B OXT 
533 N  N   . VAL C 1  ? 0.1517 0.1755 0.1368 -0.0015 -0.0163 -0.0133 430 VAL C N   
534 C  CA  . VAL C 1  ? 0.1346 0.1592 0.1405 -0.0084 -0.0162 -0.0057 430 VAL C CA  
535 C  C   . VAL C 1  ? 0.1529 0.1430 0.1178 -0.0109 -0.0150 -0.0093 430 VAL C C   
536 O  O   . VAL C 1  ? 0.1474 0.1252 0.1605 -0.0089 0.0024  0.0030  430 VAL C O   
537 C  CB  . VAL C 1  ? 0.1346 0.1242 0.1388 -0.0151 -0.0136 -0.0076 430 VAL C CB  
538 C  CG1 . VAL C 1  ? 0.1663 0.1473 0.1271 -0.0036 0.0056  -0.0067 430 VAL C CG1 
539 C  CG2 . VAL C 1  ? 0.1400 0.1520 0.1623 0.0142  -0.0105 -0.0062 430 VAL C CG2 
540 N  N   . SER C 2  ? 0.1504 0.1255 0.1170 -0.0019 -0.0066 -0.0030 431 SER C N   
541 C  CA  . SER C 2  ? 0.1552 0.1505 0.1029 0.0049  0.0009  0.0018  431 SER C CA  
542 C  C   . SER C 2  ? 0.1444 0.1271 0.1226 0.0194  -0.0016 0.0095  431 SER C C   
543 O  O   . SER C 2  ? 0.1415 0.1409 0.0966 0.0024  -0.0014 0.0050  431 SER C O   
544 C  CB  . SER C 2  ? 0.1891 0.1705 0.1135 0.0278  0.0000  -0.0102 431 SER C CB  
545 O  OG  . SER C 2  ? 0.1983 0.1436 0.1254 0.0092  0.0016  -0.0114 431 SER C OG  
546 N  N   . ARG C 3  ? 0.1537 0.1735 0.0939 0.0200  0.0135  0.0188  432 ARG C N   
547 C  CA  . ARG C 3  ? 0.1368 0.1684 0.1410 0.0166  -0.0035 0.0095  432 ARG C CA  
548 C  C   . ARG C 3  ? 0.1443 0.1430 0.1283 0.0212  0.0029  0.0112  432 ARG C C   
549 O  O   . ARG C 3  ? 0.1661 0.1541 0.1092 0.0131  -0.0016 0.0107  432 ARG C O   
550 C  CB  . ARG C 3  ? 0.1617 0.2399 0.1551 0.0139  0.0061  0.0201  432 ARG C CB  
551 C  CG  . ARG C 3  ? 0.1772 0.2709 0.2109 0.0154  0.0049  0.0300  432 ARG C CG  
552 C  CD  . ARG C 3  ? 0.1924 0.3322 0.2421 0.0298  -0.0238 -0.0257 432 ARG C CD  
553 N  NE  . ARG C 3  ? 0.2756 0.3286 0.2643 -0.0003 -0.0397 -0.0195 432 ARG C NE  
554 C  CZ  . ARG C 3  ? 0.2803 0.3583 0.2937 -0.0021 -0.0385 0.0178  432 ARG C CZ  
555 N  NH1 . ARG C 3  ? 0.2959 0.4079 0.3218 -0.0098 -0.0260 0.0010  432 ARG C NH1 
556 N  NH2 . ARG C 3  ? 0.3216 0.4013 0.3135 0.0083  -0.0543 0.0320  432 ARG C NH2 
557 N  N   . LEU C 4  ? 0.1828 0.1627 0.1003 0.0311  -0.0004 0.0009  433 LEU C N   
558 C  CA  . LEU C 4  ? 0.2144 0.1572 0.1366 0.0217  -0.0155 -0.0027 433 LEU C CA  
559 C  C   . LEU C 4  ? 0.1956 0.1313 0.1317 0.0025  -0.0096 -0.0050 433 LEU C C   
560 O  O   . LEU C 4  ? 0.2001 0.1257 0.1147 -0.0015 -0.0077 0.0123  433 LEU C O   
561 C  CB  . LEU C 4  ? 0.2588 0.1764 0.1671 0.0271  -0.0213 -0.0208 433 LEU C CB  
562 C  CG  . LEU C 4  ? 0.2742 0.2217 0.2253 -0.0061 0.0131  0.0043  433 LEU C CG  
563 C  CD1 . LEU C 4  ? 0.2999 0.1975 0.2501 0.0126  -0.0183 0.0098  433 LEU C CD1 
564 C  CD2 . LEU C 4  ? 0.2967 0.2036 0.2568 -0.0004 -0.0227 -0.0313 433 LEU C CD2 
565 N  N   . GLU C 5  ? 0.1886 0.1262 0.1081 -0.0108 -0.0034 0.0034  434 GLU C N   
566 C  CA  . GLU C 5  ? 0.1808 0.1415 0.1209 -0.0152 0.0060  0.0020  434 GLU C CA  
567 C  C   . GLU C 5  ? 0.1657 0.1352 0.1115 -0.0130 -0.0085 0.0030  434 GLU C C   
568 O  O   . GLU C 5  ? 0.1649 0.1615 0.1082 -0.0243 0.0077  -0.0041 434 GLU C O   
569 C  CB  . GLU C 5  ? 0.1684 0.1225 0.1294 -0.0237 0.0029  0.0029  434 GLU C CB  
570 C  CG  . GLU C 5  ? 0.1848 0.1594 0.1274 -0.0308 0.0000  0.0014  434 GLU C CG  
571 C  CD  . GLU C 5  ? 0.2274 0.1857 0.1816 -0.0568 -0.0199 -0.0041 434 GLU C CD  
572 O  OE1 . GLU C 5  ? 0.2167 0.1851 0.1667 -0.0487 -0.0318 0.0092  434 GLU C OE1 
573 O  OE2 . GLU C 5  ? 0.2712 0.2600 0.2538 -0.0988 -0.0647 0.0393  434 GLU C OE2 
574 N  N   . GLU C 6  ? 0.1534 0.1204 0.0972 -0.0043 0.0022  -0.0128 435 GLU C N   
575 C  CA  . GLU C 6  ? 0.1567 0.1267 0.1205 0.0038  -0.0051 0.0012  435 GLU C CA  
576 C  C   . GLU C 6  ? 0.1626 0.1269 0.1022 -0.0191 -0.0039 -0.0030 435 GLU C C   
577 O  O   . GLU C 6  ? 0.2065 0.1217 0.1032 0.0038  0.0008  -0.0019 435 GLU C O   
578 C  CB  . GLU C 6  ? 0.1649 0.1278 0.1349 -0.0041 -0.0139 0.0051  435 GLU C CB  
579 C  CG  . GLU C 6  ? 0.1759 0.1370 0.1392 -0.0191 -0.0162 0.0081  435 GLU C CG  
580 C  CD  . GLU C 6  ? 0.1866 0.1223 0.1988 -0.0162 -0.0549 -0.0179 435 GLU C CD  
581 O  OE1 . GLU C 6  ? 0.2032 0.1613 0.1873 0.0161  -0.0339 -0.0225 435 GLU C OE1 
582 O  OE2 . GLU C 6  ? 0.1952 0.1511 0.1985 0.0123  -0.0332 -0.0277 435 GLU C OE2 
583 N  N   . ASP C 7  ? 0.1561 0.1327 0.1078 -0.0131 0.0016  0.0028  436 ASP C N   
584 C  CA  . ASP C 7  ? 0.1800 0.1281 0.1330 -0.0214 -0.0078 0.0073  436 ASP C CA  
585 C  C   . ASP C 7  ? 0.1647 0.1205 0.1201 -0.0050 -0.0078 0.0042  436 ASP C C   
586 O  O   . ASP C 7  ? 0.2225 0.1500 0.0951 -0.0152 -0.0114 0.0171  436 ASP C O   
587 C  CB  . ASP C 7  ? 0.1772 0.1617 0.1311 -0.0159 -0.0221 0.0192  436 ASP C CB  
588 C  CG  . ASP C 7  ? 0.2285 0.1948 0.2193 0.0148  -0.0054 0.0121  436 ASP C CG  
589 O  OD1 . ASP C 7  ? 0.1850 0.2651 0.2079 -0.0483 -0.0197 0.0175  436 ASP C OD1 
590 O  OD2 . ASP C 7  ? 0.2632 0.2517 0.3015 0.0323  0.0384  0.0202  436 ASP C OD2 
591 N  N   . VAL C 8  ? 0.1764 0.1366 0.1022 -0.0164 -0.0022 0.0074  437 VAL C N   
592 C  CA  . VAL C 8  ? 0.1762 0.1395 0.1248 0.0012  0.0002  0.0216  437 VAL C CA  
593 C  C   . VAL C 8  ? 0.1808 0.1504 0.1273 -0.0043 0.0070  0.0053  437 VAL C C   
594 O  O   . VAL C 8  ? 0.2117 0.1711 0.1219 -0.0066 0.0227  0.0057  437 VAL C O   
595 C  CB  . VAL C 8  ? 0.1800 0.1467 0.1316 -0.0206 0.0135  0.0114  437 VAL C CB  
596 C  CG1 . VAL C 8  ? 0.1993 0.2069 0.1780 -0.0201 0.0218  -0.0011 437 VAL C CG1 
597 C  CG2 . VAL C 8  ? 0.2054 0.1638 0.1675 -0.0123 -0.0012 -0.0196 437 VAL C CG2 
598 N  N   . ARG C 9  ? 0.1907 0.1513 0.1118 0.0150  0.0125  0.0032  438 ARG C N   
599 C  CA  . ARG C 9  ? 0.1882 0.1531 0.1435 0.0124  0.0011  0.0077  438 ARG C CA  
600 C  C   . ARG C 9  ? 0.2134 0.1651 0.1271 0.0077  0.0097  0.0113  438 ARG C C   
601 O  O   . ARG C 9  ? 0.2348 0.1907 0.1202 0.0191  0.0224  -0.0052 438 ARG C O   
602 C  CB  . ARG C 9  ? 0.1920 0.1522 0.1448 0.0201  0.0045  0.0004  438 ARG C CB  
603 C  CG  . ARG C 9  ? 0.1918 0.1885 0.1594 0.0004  -0.0046 0.0086  438 ARG C CG  
604 C  CD  . ARG C 9  ? 0.1817 0.1857 0.1731 0.0149  -0.0074 0.0078  438 ARG C CD  
605 N  NE  . ARG C 9  ? 0.2143 0.2383 0.2151 0.0094  -0.0136 0.0254  438 ARG C NE  
606 C  CZ  . ARG C 9  ? 0.2036 0.2935 0.2539 -0.0007 -0.0036 0.0189  438 ARG C CZ  
607 N  NH1 . ARG C 9  ? 0.1795 0.2877 0.2841 0.0294  -0.0066 0.0316  438 ARG C NH1 
608 N  NH2 . ARG C 9  ? 0.2069 0.3276 0.2899 0.0132  -0.0190 0.0022  438 ARG C NH2 
609 N  N   . ASN C 10 ? 0.2113 0.1645 0.1009 -0.0117 -0.0002 -0.0006 439 ASN C N   
610 C  CA  . ASN C 10 ? 0.2344 0.1678 0.1389 -0.0031 -0.0113 -0.0088 439 ASN C CA  
611 C  C   . ASN C 10 ? 0.2405 0.1664 0.0983 0.0048  -0.0019 -0.0038 439 ASN C C   
612 O  O   . ASN C 10 ? 0.2640 0.1882 0.1083 0.0024  0.0012  -0.0067 439 ASN C O   
613 C  CB  . ASN C 10 ? 0.2575 0.1955 0.1437 -0.0320 -0.0279 -0.0020 439 ASN C CB  
614 C  CG  . ASN C 10 ? 0.3008 0.1841 0.2283 -0.0474 -0.0035 -0.0172 439 ASN C CG  
615 O  OD1 . ASN C 10 ? 0.3688 0.2960 0.2861 -0.0177 -0.0308 0.0501  439 ASN C OD1 
616 N  ND2 . ASN C 10 ? 0.3268 0.2684 0.2063 -0.0546 -0.0199 -0.0258 439 ASN C ND2 
617 N  N   . LEU C 11 ? 0.2270 0.1673 0.1011 0.0071  0.0053  0.0039  440 LEU C N   
618 C  CA  . LEU C 11 ? 0.2167 0.1603 0.1132 0.0106  0.0109  0.0118  440 LEU C CA  
619 C  C   . LEU C 11 ? 0.2355 0.1605 0.1236 0.0157  0.0266  0.0001  440 LEU C C   
620 O  O   . LEU C 11 ? 0.2804 0.1753 0.1074 0.0175  0.0330  0.0175  440 LEU C O   
621 C  CB  . LEU C 11 ? 0.2340 0.1623 0.1254 0.0175  0.0166  0.0182  440 LEU C CB  
622 C  CG  . LEU C 11 ? 0.2037 0.2069 0.1271 0.0030  0.0129  0.0191  440 LEU C CG  
623 C  CD1 . LEU C 11 ? 0.2024 0.1991 0.1491 0.0249  0.0240  -0.0133 440 LEU C CD1 
624 C  CD2 . LEU C 11 ? 0.2435 0.2305 0.1767 0.0242  -0.0275 -0.0083 440 LEU C CD2 
625 N  N   . ASN C 12 ? 0.2302 0.2087 0.1106 0.0069  0.0359  -0.0013 441 ASN C N   
626 C  CA  . ASN C 12 ? 0.2476 0.2064 0.1559 0.0136  0.0289  -0.0016 441 ASN C CA  
627 C  C   . ASN C 12 ? 0.2583 0.1998 0.1424 0.0289  0.0298  -0.0056 441 ASN C C   
628 O  O   . ASN C 12 ? 0.2854 0.2221 0.1279 0.0276  0.0456  -0.0028 441 ASN C O   
629 C  CB  . ASN C 12 ? 0.2389 0.2798 0.1734 0.0220  0.0310  -0.0246 441 ASN C CB  
630 C  CG  . ASN C 12 ? 0.2253 0.3173 0.2437 -0.0134 -0.0064 0.0081  441 ASN C CG  
631 O  OD1 . ASN C 12 ? 0.3528 0.3141 0.3194 -0.0013 -0.0253 -0.0368 441 ASN C OD1 
632 N  ND2 . ASN C 12 ? 0.3094 0.3593 0.2385 0.0069  -0.0037 -0.0198 441 ASN C ND2 
633 N  N   . ALA C 13 ? 0.2633 0.1757 0.1092 0.0229  0.0143  -0.0001 442 ALA C N   
634 C  CA  . ALA C 13 ? 0.2767 0.1719 0.1416 0.0298  0.0070  0.0066  442 ALA C CA  
635 C  C   . ALA C 13 ? 0.2796 0.1819 0.1360 0.0219  0.0013  -0.0006 442 ALA C C   
636 O  O   . ALA C 13 ? 0.3064 0.1977 0.1217 0.0369  0.0184  -0.0095 442 ALA C O   
637 C  CB  . ALA C 13 ? 0.2876 0.1704 0.1415 0.0181  -0.0044 0.0113  442 ALA C CB  
638 N  N   . ILE C 14 ? 0.2711 0.1785 0.1048 0.0171  0.0101  0.0115  443 ILE C N   
639 C  CA  . ILE C 14 ? 0.2706 0.2017 0.1406 0.0116  0.0059  0.0205  443 ILE C CA  
640 C  C   . ILE C 14 ? 0.2511 0.1909 0.1189 0.0249  0.0223  0.0277  443 ILE C C   
641 O  O   . ILE C 14 ? 0.2595 0.2298 0.1034 0.0187  0.0130  0.0174  443 ILE C O   
642 C  CB  . ILE C 14 ? 0.2467 0.2524 0.1465 -0.0037 -0.0020 0.0357  443 ILE C CB  
643 C  CG1 . ILE C 14 ? 0.2860 0.2657 0.2121 -0.0130 0.0100  0.0089  443 ILE C CG1 
644 C  CG2 . ILE C 14 ? 0.2908 0.2871 0.1943 0.0132  -0.0001 0.0323  443 ILE C CG2 
645 C  CD1 . ILE C 14 ? 0.2968 0.2903 0.2296 -0.0134 0.0370  0.0246  443 ILE C CD1 
646 N  N   . VAL C 15 ? 0.2663 0.1952 0.1088 0.0297  0.0236  0.0169  444 VAL C N   
647 C  CA  . VAL C 15 ? 0.2441 0.1823 0.1359 0.0201  0.0177  0.0071  444 VAL C CA  
648 C  C   . VAL C 15 ? 0.2383 0.2057 0.1196 0.0339  -0.0016 -0.0064 444 VAL C C   
649 O  O   . VAL C 15 ? 0.2754 0.2157 0.1090 0.0265  0.0331  0.0028  444 VAL C O   
650 C  CB  . VAL C 15 ? 0.2355 0.1568 0.1368 0.0314  0.0017  -0.0091 444 VAL C CB  
651 C  CG1 . VAL C 15 ? 0.2602 0.1728 0.2075 -0.0081 -0.0041 -0.0009 444 VAL C CG1 
652 C  CG2 . VAL C 15 ? 0.2593 0.1573 0.1064 0.0371  0.0122  0.0148  444 VAL C CG2 
653 N  N   . GLN C 16 ? 0.2472 0.1935 0.1210 0.0264  0.0150  -0.0082 445 GLN C N   
654 C  CA  . GLN C 16 ? 0.2539 0.2286 0.1666 0.0270  -0.0050 -0.0027 445 GLN C CA  
655 C  C   . GLN C 16 ? 0.2325 0.1846 0.1313 0.0460  -0.0096 -0.0066 445 GLN C C   
656 O  O   . GLN C 16 ? 0.2505 0.2153 0.1295 0.0373  0.0289  -0.0035 445 GLN C O   
657 C  CB  . GLN C 16 ? 0.2588 0.2517 0.1604 0.0671  0.0111  -0.0120 445 GLN C CB  
658 C  CG  . GLN C 16 ? 0.3162 0.3475 0.2604 0.0146  -0.0010 -0.0073 445 GLN C CG  
659 C  CD  . GLN C 16 ? 0.3453 0.3499 0.3042 0.0204  -0.0287 0.0070  445 GLN C CD  
660 O  OE1 . GLN C 16 ? 0.4627 0.4015 0.4087 0.0329  0.0122  -0.0131 445 GLN C OE1 
661 N  NE2 . GLN C 16 ? 0.4163 0.4294 0.3386 0.0067  -0.0359 -0.0155 445 GLN C NE2 
662 N  N   . LYS C 17 ? 0.2703 0.1900 0.1181 0.0186  0.0002  0.0118  446 LYS C N   
663 C  CA  . LYS C 17 ? 0.2682 0.2115 0.1727 0.0090  0.0016  0.0010  446 LYS C CA  
664 C  C   . LYS C 17 ? 0.2625 0.1917 0.1339 -0.0034 0.0043  0.0005  446 LYS C C   
665 O  O   . LYS C 17 ? 0.2823 0.2028 0.1160 0.0002  0.0139  -0.0104 446 LYS C O   
666 C  CB  . LYS C 17 ? 0.3022 0.2235 0.1706 -0.0272 0.0079  0.0032  446 LYS C CB  
667 C  CG  . LYS C 17 ? 0.3415 0.2977 0.2975 -0.0038 0.0004  0.0078  446 LYS C CG  
668 C  CD  . LYS C 17 ? 0.3449 0.2990 0.2983 -0.0164 0.0082  0.0114  446 LYS C CD  
669 C  CE  . LYS C 17 ? 0.3754 0.3283 0.3223 -0.0178 0.0072  0.0380  446 LYS C CE  
670 N  NZ  . LYS C 17 ? 0.4026 0.4010 0.3951 -0.0113 0.0204  0.0365  446 LYS C NZ  
671 N  N   . LEU C 18 ? 0.2373 0.1995 0.1107 0.0074  0.0102  0.0089  447 LEU C N   
672 C  CA  . LEU C 18 ? 0.2170 0.2118 0.1238 0.0015  0.0038  0.0094  447 LEU C CA  
673 C  C   . LEU C 18 ? 0.2060 0.1954 0.1192 0.0165  0.0157  0.0158  447 LEU C C   
674 O  O   . LEU C 18 ? 0.2261 0.2103 0.0961 0.0128  0.0134  0.0084  447 LEU C O   
675 C  CB  . LEU C 18 ? 0.2335 0.2470 0.1369 0.0208  0.0192  0.0267  447 LEU C CB  
676 C  CG  . LEU C 18 ? 0.2522 0.3055 0.1605 0.0256  0.0125  0.0247  447 LEU C CG  
677 C  CD1 . LEU C 18 ? 0.2868 0.3084 0.2321 0.0339  0.0323  0.0213  447 LEU C CD1 
678 C  CD2 . LEU C 18 ? 0.2828 0.3718 0.2805 -0.0033 0.0167  -0.0015 447 LEU C CD2 
679 N  N   . GLN C 19 ? 0.2148 0.2002 0.1170 0.0129  0.0054  0.0029  448 GLN C N   
680 C  CA  . GLN C 19 ? 0.2279 0.2001 0.1557 0.0087  0.0000  -0.0011 448 GLN C CA  
681 C  C   . GLN C 19 ? 0.2132 0.2000 0.1355 0.0060  0.0015  -0.0085 448 GLN C C   
682 O  O   . GLN C 19 ? 0.2094 0.2013 0.1169 -0.0013 0.0184  -0.0067 448 GLN C O   
683 C  CB  . GLN C 19 ? 0.2324 0.2136 0.1388 0.0020  0.0045  -0.0088 448 GLN C CB  
684 C  CG  . GLN C 19 ? 0.2737 0.2933 0.2277 0.0054  0.0163  -0.0117 448 GLN C CG  
685 C  CD  . GLN C 19 ? 0.3241 0.3362 0.2993 -0.0077 -0.0116 -0.0042 448 GLN C CD  
686 O  OE1 . GLN C 19 ? 0.4905 0.4186 0.4665 -0.0075 -0.0045 -0.0184 448 GLN C OE1 
687 N  NE2 . GLN C 19 ? 0.4034 0.4550 0.4067 0.0284  -0.0320 0.0213  448 GLN C NE2 
688 N  N   . GLU C 20 ? 0.2318 0.1884 0.1089 0.0239  0.0170  -0.0067 449 GLU C N   
689 C  CA  . GLU C 20 ? 0.2574 0.1863 0.1622 0.0127  0.0065  0.0022  449 GLU C CA  
690 C  C   . GLU C 20 ? 0.2494 0.1687 0.1437 -0.0050 0.0116  -0.0139 449 GLU C C   
691 O  O   . GLU C 20 ? 0.2864 0.1855 0.1320 0.0021  0.0285  -0.0094 449 GLU C O   
692 C  CB  . GLU C 20 ? 0.2937 0.2021 0.1737 0.0152  0.0170  -0.0069 449 GLU C CB  
693 C  CG  . GLU C 20 ? 0.3515 0.2316 0.2256 0.0116  0.0223  -0.0159 449 GLU C CG  
694 C  CD  . GLU C 20 ? 0.3488 0.1553 0.1743 0.0361  0.0459  -0.0029 449 GLU C CD  
695 O  OE1 . GLU C 20 ? 0.3591 0.3337 0.3583 0.0596  0.0237  0.0050  449 GLU C OE1 
696 O  OE2 . GLU C 20 ? 0.5050 0.3752 0.2247 -0.0081 0.0793  -0.0528 449 GLU C OE2 
697 N  N   . ARG C 21 ? 0.2375 0.2039 0.1093 -0.0201 0.0111  0.0130  450 ARG C N   
698 C  CA  . ARG C 21 ? 0.2476 0.2028 0.1461 -0.0262 -0.0021 -0.0078 450 ARG C CA  
699 C  C   . ARG C 21 ? 0.2105 0.2034 0.1251 -0.0225 0.0242  0.0070  450 ARG C C   
700 O  O   . ARG C 21 ? 0.2215 0.2341 0.1162 -0.0278 0.0232  -0.0115 450 ARG C O   
701 C  CB  . ARG C 21 ? 0.2505 0.2371 0.1525 -0.0482 0.0220  0.0010  450 ARG C CB  
702 C  CG  . ARG C 21 ? 0.2899 0.2540 0.1915 -0.0388 0.0017  0.0188  450 ARG C CG  
703 C  CD  . ARG C 21 ? 0.2819 0.2614 0.2097 -0.0573 0.0145  0.0205  450 ARG C CD  
704 N  NE  . ARG C 21 ? 0.2845 0.2936 0.2050 -0.0482 0.0020  0.0099  450 ARG C NE  
705 C  CZ  . ARG C 21 ? 0.3052 0.2771 0.2281 -0.0224 0.0040  -0.0042 450 ARG C CZ  
706 N  NH1 . ARG C 21 ? 0.3285 0.3716 0.2370 -0.0384 0.0328  -0.0195 450 ARG C NH1 
707 N  NH2 . ARG C 21 ? 0.2787 0.3341 0.2699 -0.0203 0.0168  -0.0031 450 ARG C NH2 
708 N  N   . LEU C 22 ? 0.1896 0.1854 0.1103 -0.0027 0.0119  0.0053  451 LEU C N   
709 C  CA  . LEU C 22 ? 0.2059 0.1901 0.1340 0.0092  0.0100  -0.0041 451 LEU C CA  
710 C  C   . LEU C 22 ? 0.1943 0.1753 0.1246 0.0018  0.0241  -0.0070 451 LEU C C   
711 O  O   . LEU C 22 ? 0.2193 0.1733 0.1113 0.0050  0.0255  0.0089  451 LEU C O   
712 C  CB  . LEU C 22 ? 0.2433 0.1797 0.1380 0.0180  0.0207  -0.0012 451 LEU C CB  
713 C  CG  . LEU C 22 ? 0.1990 0.1785 0.1673 -0.0034 0.0117  0.0040  451 LEU C CG  
714 C  CD1 . LEU C 22 ? 0.2296 0.1820 0.2125 0.0147  0.0189  -0.0050 451 LEU C CD1 
715 C  CD2 . LEU C 22 ? 0.2596 0.2512 0.2410 0.0116  -0.0183 0.0002  451 LEU C CD2 
716 N  N   . ASP C 23 ? 0.1872 0.2008 0.1201 0.0042  0.0180  -0.0048 452 ASP C N   
717 C  CA  . ASP C 23 ? 0.2059 0.2193 0.1689 0.0086  0.0157  -0.0051 452 ASP C CA  
718 C  C   . ASP C 23 ? 0.2031 0.1933 0.1301 0.0226  0.0137  0.0017  452 ASP C C   
719 O  O   . ASP C 23 ? 0.2044 0.2226 0.1298 0.0278  0.0359  -0.0074 452 ASP C O   
720 C  CB  . ASP C 23 ? 0.1958 0.2517 0.1740 0.0214  0.0114  -0.0230 452 ASP C CB  
721 C  CG  . ASP C 23 ? 0.2711 0.3129 0.2325 0.0148  -0.0064 0.0030  452 ASP C CG  
722 O  OD1 . ASP C 23 ? 0.2674 0.3230 0.2729 -0.0280 0.0105  -0.0360 452 ASP C OD1 
723 O  OD2 . ASP C 23 ? 0.2935 0.3566 0.2746 0.0235  -0.0196 0.0099  452 ASP C OD2 
724 N  N   . ARG C 24 ? 0.2130 0.2135 0.1210 0.0280  0.0188  -0.0027 453 ARG C N   
725 C  CA  . ARG C 24 ? 0.2115 0.2036 0.1433 0.0320  0.0227  -0.0102 453 ARG C CA  
726 C  C   . ARG C 24 ? 0.2019 0.1911 0.1327 0.0245  0.0297  0.0033  453 ARG C C   
727 O  O   . ARG C 24 ? 0.2210 0.2157 0.1183 0.0177  0.0244  -0.0227 453 ARG C O   
728 C  CB  . ARG C 24 ? 0.2515 0.2044 0.1782 0.0265  0.0250  -0.0062 453 ARG C CB  
729 C  CG  . ARG C 24 ? 0.2850 0.2500 0.2218 -0.0088 -0.0064 -0.0092 453 ARG C CG  
730 C  CD  . ARG C 24 ? 0.3195 0.2827 0.2729 -0.0152 0.0077  0.0076  453 ARG C CD  
731 N  NE  . ARG C 24 ? 0.3668 0.2992 0.3252 -0.0065 -0.0101 0.0366  453 ARG C NE  
732 C  CZ  . ARG C 24 ? 0.3433 0.2924 0.3424 -0.0023 0.0068  0.0199  453 ARG C CZ  
733 N  NH1 . ARG C 24 ? 0.3745 0.3404 0.4044 -0.0021 -0.0182 0.0281  453 ARG C NH1 
734 N  NH2 . ARG C 24 ? 0.3600 0.3144 0.3328 -0.0167 0.0139  0.0333  453 ARG C NH2 
735 N  N   . LEU C 25 ? 0.1862 0.1879 0.1192 0.0184  0.0097  -0.0222 454 LEU C N   
736 C  CA  . LEU C 25 ? 0.1845 0.1795 0.1310 0.0158  0.0093  -0.0169 454 LEU C CA  
737 C  C   . LEU C 25 ? 0.1734 0.1913 0.1363 0.0155  0.0121  -0.0056 454 LEU C C   
738 O  O   . LEU C 25 ? 0.1810 0.2070 0.1118 0.0292  0.0216  0.0019  454 LEU C O   
739 C  CB  . LEU C 25 ? 0.1820 0.2132 0.1399 0.0003  0.0176  0.0031  454 LEU C CB  
740 C  CG  . LEU C 25 ? 0.1839 0.2048 0.1852 -0.0019 0.0174  0.0038  454 LEU C CG  
741 C  CD1 . LEU C 25 ? 0.2175 0.2588 0.1658 -0.0179 0.0121  0.0028  454 LEU C CD1 
742 C  CD2 . LEU C 25 ? 0.1998 0.2140 0.2130 -0.0075 0.0281  0.0250  454 LEU C CD2 
743 N  N   . GLU C 26 ? 0.1666 0.1941 0.1069 0.0054  0.0246  -0.0080 455 GLU C N   
744 C  CA  . GLU C 26 ? 0.1759 0.1847 0.1466 0.0177  0.0228  0.0010  455 GLU C CA  
745 C  C   . GLU C 26 ? 0.1725 0.1887 0.1386 0.0200  0.0324  -0.0095 455 GLU C C   
746 O  O   . GLU C 26 ? 0.2059 0.2195 0.1239 0.0207  0.0321  0.0153  455 GLU C O   
747 C  CB  . GLU C 26 ? 0.2051 0.1966 0.1500 -0.0098 0.0255  0.0128  455 GLU C CB  
748 C  CG  . GLU C 26 ? 0.2124 0.1953 0.1837 -0.0068 0.0211  0.0223  455 GLU C CG  
749 C  CD  . GLU C 26 ? 0.2370 0.2336 0.2402 -0.0045 -0.0025 -0.0149 455 GLU C CD  
750 O  OE1 . GLU C 26 ? 0.2761 0.3098 0.3498 -0.0015 -0.0533 -0.0365 455 GLU C OE1 
751 O  OE2 . GLU C 26 ? 0.3214 0.2958 0.2795 -0.0092 -0.0090 -0.0657 455 GLU C OE2 
752 N  N   . GLU C 27 ? 0.1795 0.2194 0.1183 0.0389  0.0372  0.0066  456 GLU C N   
753 C  CA  . GLU C 27 ? 0.1936 0.2224 0.1635 0.0324  0.0285  -0.0022 456 GLU C CA  
754 C  C   . GLU C 27 ? 0.1919 0.2034 0.1565 0.0396  0.0379  -0.0102 456 GLU C C   
755 O  O   . GLU C 27 ? 0.2081 0.2458 0.1173 0.0568  0.0519  0.0056  456 GLU C O   
756 C  CB  . GLU C 27 ? 0.2256 0.2256 0.1515 0.0415  0.0203  -0.0160 456 GLU C CB  
757 C  CG  . GLU C 27 ? 0.2044 0.2478 0.2035 0.0360  0.0372  0.0049  456 GLU C CG  
758 C  CD  . GLU C 27 ? 0.2213 0.2756 0.2142 0.0264  -0.0020 -0.0127 456 GLU C CD  
759 O  OE1 . GLU C 27 ? 0.2175 0.2929 0.1987 0.0543  0.0139  0.0213  456 GLU C OE1 
760 O  OE2 . GLU C 27 ? 0.2854 0.3970 0.2252 -0.0076 -0.0286 0.0317  456 GLU C OE2 
761 N  N   . THR C 28 ? 0.2049 0.2083 0.1277 0.0239  0.0303  -0.0014 457 THR C N   
762 C  CA  . THR C 28 ? 0.2210 0.1925 0.1465 0.0169  0.0274  -0.0214 457 THR C CA  
763 C  C   . THR C 28 ? 0.2171 0.2142 0.1288 0.0194  0.0325  -0.0052 457 THR C C   
764 O  O   . THR C 28 ? 0.2440 0.2314 0.1273 0.0354  0.0208  -0.0247 457 THR C O   
765 C  CB  . THR C 28 ? 0.2416 0.2011 0.1572 -0.0018 0.0226  -0.0168 457 THR C CB  
766 O  OG1 . THR C 28 ? 0.3194 0.2346 0.1994 0.0015  0.0211  0.0076  457 THR C OG1 
767 C  CG2 . THR C 28 ? 0.2754 0.2459 0.1897 0.0032  0.0143  -0.0111 457 THR C CG2 
768 N  N   . VAL C 29 ? 0.2021 0.1958 0.1116 0.0198  0.0101  -0.0100 458 VAL C N   
769 C  CA  . VAL C 29 ? 0.1894 0.1918 0.1360 0.0127  0.0250  -0.0134 458 VAL C CA  
770 C  C   . VAL C 29 ? 0.2086 0.1952 0.1234 0.0286  0.0243  0.0094  458 VAL C C   
771 O  O   . VAL C 29 ? 0.2244 0.2553 0.1247 0.0348  0.0124  0.0163  458 VAL C O   
772 C  CB  . VAL C 29 ? 0.1767 0.1845 0.1456 0.0115  0.0212  -0.0079 458 VAL C CB  
773 C  CG1 . VAL C 29 ? 0.2131 0.1930 0.1818 0.0200  0.0234  -0.0235 458 VAL C CG1 
774 C  CG2 . VAL C 29 ? 0.1527 0.2397 0.1791 0.0123  0.0212  -0.0219 458 VAL C CG2 
775 N  N   . GLN C 30 ? 0.1970 0.1895 0.1175 0.0276  0.0323  -0.0004 459 GLN C N   
776 C  CA  . GLN C 30 ? 0.1997 0.1969 0.1404 0.0279  0.0348  0.0047  459 GLN C CA  
777 C  C   . GLN C 30 ? 0.1972 0.1912 0.1274 0.0374  0.0272  0.0097  459 GLN C C   
778 O  O   . GLN C 30 ? 0.2118 0.2220 0.1047 0.0496  0.0331  0.0122  459 GLN C O   
779 C  CB  . GLN C 30 ? 0.2172 0.2089 0.1573 0.0119  0.0395  -0.0068 459 GLN C CB  
780 C  CG  . GLN C 30 ? 0.2636 0.2943 0.2408 0.0114  0.0334  0.0037  459 GLN C CG  
781 C  CD  . GLN C 30 ? 0.2982 0.3366 0.3250 -0.0132 0.0069  -0.0070 459 GLN C CD  
782 O  OE1 . GLN C 30 ? 0.4476 0.4627 0.3970 -0.0034 0.0077  -0.0213 459 GLN C OE1 
783 N  NE2 . GLN C 30 ? 0.2857 0.3681 0.3509 0.0153  0.0004  -0.0229 459 GLN C NE2 
784 N  N   . ALA C 31 ? 0.2250 0.1835 0.1189 0.0364  0.0407  0.0004  460 ALA C N   
785 C  CA  . ALA C 31 ? 0.2325 0.1875 0.1367 0.0336  0.0248  -0.0074 460 ALA C CA  
786 C  C   . ALA C 31 ? 0.2368 0.1879 0.1677 0.0192  0.0273  -0.0068 460 ALA C C   
787 O  O   . ALA C 31 ? 0.3095 0.2094 0.1563 0.0189  0.0292  -0.0320 460 ALA C O   
788 C  CB  . ALA C 31 ? 0.2645 0.2013 0.1707 0.0333  0.0342  -0.0166 460 ALA C CB  
789 N  N   . LYS C 32 ? 0.2361 0.2345 0.1827 0.0051  0.0317  -0.0413 461 LYS C N   
790 C  CA  . LYS C 32 ? 0.2778 0.2648 0.2493 -0.0098 -0.0054 -0.0230 461 LYS C CA  
791 C  C   . LYS C 32 ? 0.3110 0.2926 0.2524 -0.0260 -0.0166 -0.0220 461 LYS C C   
792 O  O   . LYS C 32 ? 0.2853 0.3068 0.2681 0.0034  -0.0248 -0.0078 461 LYS C O   
793 C  CB  . LYS C 32 ? 0.3065 0.2914 0.2399 -0.0131 0.0069  -0.0226 461 LYS C CB  
794 C  CG  . LYS C 32 ? 0.2941 0.2977 0.2831 -0.0104 0.0148  -0.0174 461 LYS C CG  
795 C  CD  . LYS C 32 ? 0.3212 0.3533 0.3179 0.0023  0.0166  -0.0178 461 LYS C CD  
796 C  CE  . LYS C 32 ? 0.3411 0.3578 0.3450 -0.0110 0.0104  0.0049  461 LYS C CE  
797 N  NZ  . LYS C 32 ? 0.3851 0.3900 0.3970 0.0047  -0.0059 0.0034  461 LYS C NZ  
798 O  OXT . LYS C 32 ? 0.3063 0.3390 0.3029 -0.0289 -0.0227 -0.0165 461 LYS C OXT 
799 ZN ZN  A ZN  D .  ? 0.1373 0.1578 0.1432 0.0017  -0.0216 -0.0247 1   ZN  A ZN  
800 ZN ZN  B ZN  D .  ? 0.1516 0.1776 0.2138 -0.0042 -0.0215 0.0121  1   ZN  A ZN  
801 ZN ZN  . ZN  E .  ? 0.2142 0.2575 0.2088 0.0296  0.0233  -0.0118 2   ZN  B ZN  
802 ZN ZN  A ZN  F .  ? 0.2648 0.2054 0.2044 0.0269  0.0471  0.0164  3   ZN  B ZN  
803 ZN ZN  B ZN  F .  ? 0.3024 0.2180 0.2057 0.0265  0.0272  -0.0096 3   ZN  B ZN  
804 ZN ZN  A ZN  G .  ? 0.3102 0.2654 0.2705 0.0172  -0.0194 -0.0087 4   ZN  B ZN  
805 ZN ZN  B ZN  G .  ? 0.2547 0.2284 0.2484 0.0115  0.0468  0.0154  4   ZN  B ZN  
806 O  O   . HOH H .  ? 0.1321 0.1725 0.1934 -0.0098 0.0036  -0.0202 5   HOH A O   
807 O  O   . HOH H .  ? 0.1592 0.1762 0.1903 0.0067  -0.0022 -0.0452 6   HOH A O   
808 O  O   . HOH H .  ? 0.2096 0.2609 0.1597 0.0516  -0.0077 -0.0150 7   HOH A O   
809 O  O   . HOH H .  ? 0.2116 0.3872 0.1865 -0.0500 0.0113  -0.1038 9   HOH A O   
810 O  O   . HOH H .  ? 0.1961 0.3756 0.1877 0.0742  -0.0224 -0.0727 11  HOH A O   
811 O  O   . HOH H .  ? 0.2108 0.3094 0.1889 0.0436  -0.0388 -0.0531 12  HOH A O   
812 O  O   . HOH H .  ? 0.3032 0.2207 0.2445 0.0064  0.0305  -0.0083 16  HOH A O   
813 O  O   . HOH H .  ? 0.2778 0.2601 0.1765 -0.0316 0.0064  -0.0141 20  HOH A O   
814 O  O   . HOH H .  ? 0.3572 0.2181 0.1743 -0.0114 -0.0460 -0.0103 21  HOH A O   
815 O  O   . HOH H .  ? 0.2800 0.3176 0.2406 -0.0616 -0.0416 0.0659  26  HOH A O   
816 O  O   . HOH H .  ? 0.3344 0.2327 0.2763 0.0416  -0.0391 0.0316  34  HOH A O   
817 O  O   . HOH H .  ? 0.4275 0.3785 0.2645 -0.0027 0.0088  -0.0473 43  HOH A O   
818 O  O   . HOH H .  ? 0.3468 0.4167 0.2461 0.0439  0.0163  -0.0332 45  HOH A O   
819 O  O   . HOH H .  ? 0.4204 0.3469 0.3604 0.0084  0.0070  0.0284  47  HOH A O   
820 O  O   . HOH H .  ? 0.4662 0.2622 0.2942 -0.0670 -0.0009 0.0095  49  HOH A O   
821 O  O   . HOH H .  ? 0.3636 0.3587 0.2974 -0.0167 -0.0542 -0.0281 50  HOH A O   
822 O  O   . HOH H .  ? 0.4045 0.3366 0.3569 0.0202  0.0417  -0.0034 53  HOH A O   
823 O  O   . HOH H .  ? 0.4275 0.3310 0.3562 -0.0198 -0.0027 0.0109  54  HOH A O   
824 O  O   . HOH H .  ? 0.3785 0.3381 0.4006 0.0022  -0.0067 -0.0322 57  HOH A O   
825 O  O   . HOH H .  ? 0.4230 0.4425 0.3307 -0.0235 -0.0180 -0.0312 62  HOH A O   
826 O  O   . HOH H .  ? 0.4422 0.3966 0.3372 0.0480  -0.0603 0.0168  71  HOH A O   
827 O  O   . HOH H .  ? 0.3556 0.4676 0.4004 -0.0138 -0.0160 -0.0235 73  HOH A O   
828 O  O   . HOH H .  ? 0.3548 0.4027 0.4435 0.0234  -0.0017 -0.0252 76  HOH A O   
829 O  O   . HOH H .  ? 0.3926 0.4517 0.5136 0.0093  0.0062  0.0101  80  HOH A O   
830 O  O   . HOH H .  ? 0.5093 0.5140 0.4869 -0.0012 0.0061  0.0205  81  HOH A O   
831 O  O   . HOH H .  ? 0.5095 0.4974 0.5133 -0.0202 0.0033  0.0147  85  HOH A O   
832 O  O   . HOH H .  ? 0.4514 0.5398 0.4563 0.0160  0.0180  -0.0251 86  HOH A O   
833 O  O   . HOH H .  ? 0.4760 0.4417 0.4800 -0.0323 0.0212  0.0093  88  HOH A O   
834 O  O   . HOH H .  ? 0.4423 0.4569 0.4717 -0.0188 0.0078  -0.0105 89  HOH A O   
835 O  O   . HOH H .  ? 0.2903 0.5122 0.4585 -0.0100 0.0212  0.0073  91  HOH A O   
836 O  O   . HOH H .  ? 0.2733 0.4329 0.3305 0.0069  0.0494  -0.0290 92  HOH A O   
837 O  O   . HOH H .  ? 0.4411 0.4346 0.4057 -0.0235 0.0278  -0.0061 99  HOH A O   
838 O  O   . HOH I .  ? 0.1739 0.3123 0.2378 0.0035  0.0012  -0.0769 10  HOH B O   
839 O  O   . HOH I .  ? 0.2506 0.2700 0.1800 -0.0123 0.0079  -0.0182 13  HOH B O   
840 O  O   . HOH I .  ? 0.2599 0.2598 0.2225 0.0367  0.0416  -0.0118 14  HOH B O   
841 O  O   . HOH I .  ? 0.2867 0.2266 0.2431 -0.0139 0.0273  0.0243  15  HOH B O   
842 O  O   . HOH I .  ? 0.2851 0.2318 0.2633 -0.0806 0.0036  0.0144  17  HOH B O   
843 O  O   . HOH I .  ? 0.2513 0.2968 0.2121 0.0128  -0.0018 -0.0561 19  HOH B O   
844 O  O   . HOH I .  ? 0.2310 0.2685 0.3048 -0.0040 -0.0930 -0.0265 22  HOH B O   
845 O  O   . HOH I .  ? 0.4001 0.2524 0.2800 0.0364  -0.0374 0.0155  25  HOH B O   
846 O  O   . HOH I .  ? 0.2768 0.2713 0.3622 0.0527  -0.0148 -0.0253 29  HOH B O   
847 O  O   . HOH I .  ? 0.3738 0.2573 0.2794 -0.0092 -0.0292 0.0050  30  HOH B O   
848 O  O   . HOH I .  ? 0.2736 0.3048 0.3270 0.0213  -0.0485 -0.0507 31  HOH B O   
849 O  O   . HOH I .  ? 0.2846 0.3417 0.2410 -0.0158 -0.0093 -0.0251 33  HOH B O   
850 O  O   . HOH I .  ? 0.3532 0.2986 0.2809 0.0266  0.0213  -0.0512 35  HOH B O   
851 O  O   . HOH I .  ? 0.2526 0.4678 0.3509 -0.0236 0.0509  0.0154  36  HOH B O   
852 O  O   . HOH I .  ? 0.2715 0.2813 0.2950 -0.0362 -0.0119 -0.0224 37  HOH B O   
853 O  O   . HOH I .  ? 0.3628 0.2599 0.2790 -0.0201 0.0259  -0.0071 38  HOH B O   
854 O  O   . HOH I .  ? 0.3629 0.3151 0.3378 -0.0138 0.0284  -0.0374 40  HOH B O   
855 O  O   . HOH I .  ? 0.2713 0.3351 0.3988 0.0131  -0.0466 -0.0179 44  HOH B O   
856 O  O   . HOH I .  ? 0.2797 0.3941 0.3263 0.0127  -0.0502 -0.0233 48  HOH B O   
857 O  O   . HOH I .  ? 0.3942 0.3222 0.3701 -0.0329 -0.0280 0.0232  51  HOH B O   
858 O  O   . HOH I .  ? 0.4317 0.4018 0.4031 0.0194  -0.0119 0.0143  52  HOH B O   
859 O  O   . HOH I .  ? 0.3516 0.3447 0.3770 -0.0015 0.0116  -0.0111 55  HOH B O   
860 O  O   . HOH I .  ? 0.2683 0.3306 0.4102 -0.0001 0.0327  -0.0447 56  HOH B O   
861 O  O   . HOH I .  ? 0.4575 0.4429 0.4426 -0.0266 0.0101  0.0189  65  HOH B O   
862 O  O   . HOH I .  ? 0.3820 0.3748 0.3921 -0.0089 0.0078  -0.0102 66  HOH B O   
863 O  O   . HOH I .  ? 0.3706 0.3891 0.3621 0.0621  -0.0147 0.0062  68  HOH B O   
864 O  O   . HOH I .  ? 0.3247 0.3680 0.3561 -0.0127 -0.0450 -0.0291 69  HOH B O   
865 O  O   . HOH I .  ? 0.3529 0.3252 0.4116 0.0640  0.0558  -0.0049 72  HOH B O   
866 O  O   . HOH I .  ? 0.4185 0.2842 0.4689 0.0059  -0.0239 0.0369  77  HOH B O   
867 O  O   . HOH I .  ? 0.4253 0.3506 0.3870 0.0607  -0.0189 -0.0327 78  HOH B O   
868 O  O   . HOH I .  ? 0.4954 0.5092 0.4889 -0.0024 0.0049  0.0263  79  HOH B O   
869 O  O   . HOH I .  ? 0.5102 0.5141 0.5045 -0.0071 0.0039  0.0002  82  HOH B O   
870 O  O   . HOH I .  ? 0.3427 0.3231 0.2920 0.0004  -0.0309 0.0037  90  HOH B O   
871 O  O   . HOH I .  ? 0.4255 0.3965 0.3490 0.0071  -0.0268 -0.0119 93  HOH B O   
872 O  O   . HOH I .  ? 0.4811 0.4712 0.4942 0.0154  -0.0097 0.0142  94  HOH B O   
873 O  O   . HOH I .  ? 0.4036 0.3532 0.3169 -0.0513 0.0009  -0.0243 95  HOH B O   
874 O  O   . HOH I .  ? 0.4503 0.4210 0.4174 0.0337  0.0013  -0.0254 96  HOH B O   
875 O  O   . HOH I .  ? 0.6618 0.6422 0.6526 -0.0020 -0.0017 0.0036  100 HOH B O   
876 O  O   . HOH J .  ? 0.2561 0.2123 0.1493 0.0508  0.0193  -0.0086 8   HOH C O   
877 O  O   . HOH J .  ? 0.2468 0.2446 0.2356 -0.0369 -0.0085 -0.0058 18  HOH C O   
878 O  O   . HOH J .  ? 0.2882 0.2538 0.2854 -0.0050 0.0019  -0.0152 23  HOH C O   
879 O  O   . HOH J .  ? 0.2455 0.3724 0.1900 0.0469  0.0370  0.0747  24  HOH C O   
880 O  O   . HOH J .  ? 0.2727 0.3154 0.2418 0.0011  0.0181  -0.0387 27  HOH C O   
881 O  O   . HOH J .  ? 0.2438 0.2225 0.3311 -0.0498 -0.0131 -0.0169 28  HOH C O   
882 O  O   . HOH J .  ? 0.4402 0.2499 0.2403 -0.0264 0.0163  -0.0373 32  HOH C O   
883 O  O   . HOH J .  ? 0.3101 0.3970 0.2399 0.0390  0.0670  0.0200  39  HOH C O   
884 O  O   . HOH J .  ? 0.3884 0.3127 0.2270 -0.0473 -0.0359 0.0128  41  HOH C O   
885 O  O   . HOH J .  ? 0.3916 0.3107 0.2987 0.0149  0.0437  -0.0066 42  HOH C O   
886 O  O   . HOH J .  ? 0.4207 0.4089 0.3737 0.0073  -0.0334 0.0109  46  HOH C O   
887 O  O   . HOH J .  ? 0.3901 0.3109 0.3841 -0.0036 0.0097  -0.0323 58  HOH C O   
888 O  O   . HOH J .  ? 0.3447 0.3721 0.3928 0.0164  -0.0422 0.0023  59  HOH C O   
889 O  O   . HOH J .  ? 0.4613 0.4528 0.4126 0.0202  0.0375  -0.0126 60  HOH C O   
890 O  O   . HOH J .  ? 0.3341 0.3920 0.3033 0.0013  0.0030  -0.0109 61  HOH C O   
891 O  O   . HOH J .  ? 0.4272 0.4876 0.4322 0.0217  0.0185  0.0189  63  HOH C O   
892 O  O   . HOH J .  ? 0.5218 0.5234 0.5121 -0.0131 -0.0004 -0.0156 64  HOH C O   
893 O  O   . HOH J .  ? 0.4754 0.4630 0.4237 -0.0079 -0.0124 -0.0284 67  HOH C O   
894 O  O   . HOH J .  ? 0.4054 0.4341 0.4367 -0.0142 0.0162  -0.0047 70  HOH C O   
895 O  O   . HOH J .  ? 0.3425 0.3209 0.3762 0.0285  0.0028  -0.0178 74  HOH C O   
896 O  O   . HOH J .  ? 0.3768 0.4120 0.3507 0.0258  0.0309  0.0277  75  HOH C O   
897 O  O   . HOH J .  ? 0.4842 0.5219 0.4920 -0.0088 0.0146  -0.0023 83  HOH C O   
898 O  O   . HOH J .  ? 0.4614 0.4347 0.3560 0.0133  0.0122  0.0086  84  HOH C O   
899 O  O   . HOH J .  ? 0.3041 0.4034 0.3743 -0.0167 -0.0214 0.0132  87  HOH C O   
900 O  O   . HOH J .  ? 0.4978 0.3550 0.4232 0.0462  0.0275  0.0113  97  HOH C O   
901 O  O   . HOH J .  ? 0.4845 0.4050 0.4574 0.0055  -0.0259 0.0211  98  HOH C O   
902 O  O   . HOH J .  ? 0.5073 0.3483 0.3328 -0.0071 0.0412  0.0044  101 HOH C O   
903 O  O   . HOH J .  ? 0.4709 0.4902 0.4607 0.0246  -0.0028 0.0095  102 HOH C O   
# 
